data_1TKC
#
_entry.id   1TKC
#
_cell.length_a   76.300
_cell.length_b   113.300
_cell.length_c   160.900
_cell.angle_alpha   90.00
_cell.angle_beta   90.00
_cell.angle_gamma   90.00
#
_symmetry.space_group_name_H-M   'P 21 21 21'
#
loop_
_entity.id
_entity.type
_entity.pdbx_description
1 polymer TRANSKETOLASE
2 non-polymer 'CALCIUM ION'
3 non-polymer "6'-METHYL-THIAMIN DIPHOSPHATE"
#
_entity_poly.entity_id   1
_entity_poly.type   'polypeptide(L)'
_entity_poly.pdbx_seq_one_letter_code
;QFTDIDKLAVSTIRILAVDTVSKANSGHPGAPLGMAPAAHVLWSQMRMNPTNPDWINRDRFVLSNGHAVALLYSMLHLTG
YDLSIEDLKQFRQLGSRTPGHPEFELPGVEVTTGPLGQGISNAVGMAMAQANLAATYNKPGFTLSDNYTYVFLGDGCLQE
GISSEASSLAGHLKLGNLIAIYDDNKITIDGATSISFDEDVAKRYEAYGWEVLYVENGNEDLAGIAKAIAQAKLSKDKPT
LIKMTTTIGYGSLHAGSHSVHGAPLKADDVKQLKSKFGFNPDKSFVVPQEVYDHYQKTILKPGVEANNKWNKLFSEYQKK
FPELGAELARRLSGQLPANWESKLPTYTAKDSAVATRKLSETVLEDVYNQLPELIGGSADLTPSNLTRWKEALDFQPPSS
GSGNYSGRYIRYGIREHAMGAIMNGISAFGANYKPYGGTFLNFVSYAAGAVRLSALSGHPVIWVATHDSIGVGEDGPTHQ
PIETLAHFRSLPNIQVWRPADGNEVSAAYKNSLESKHTPSIIALSRQNLPQLEGSSIESASKGGYVLQDVANPDIILVAT
GSEVSLSVEAAKTLAAKNIKARVVSLPDFFTFDKQPLEYRLSVLPDNVPIMSVEVLATTCWGKYAHQSFGIDRFGASGKA
PEVFKFFGFTPEGVAERAQKTIAFYKGDKLISPLKKAF
;
_entity_poly.pdbx_strand_id   A,B
#
loop_
_chem_comp.id
_chem_comp.type
_chem_comp.name
_chem_comp.formula
CA non-polymer 'CALCIUM ION' 'Ca 2'
M6T non-polymer '6'-METHYL-THIAMIN DIPHOSPHATE' 'C13 H20 N4 O7 P2 S'
#
# COMPACT_ATOMS: atom_id res chain seq x y z
N GLN A 1 -44.36 8.09 -4.81
CA GLN A 1 -45.27 7.78 -3.72
C GLN A 1 -45.23 6.27 -3.75
N PHE A 2 -44.89 5.65 -2.62
CA PHE A 2 -44.66 4.21 -2.52
C PHE A 2 -45.87 3.42 -2.09
N THR A 3 -46.36 2.62 -3.01
CA THR A 3 -47.48 1.79 -2.74
C THR A 3 -47.07 0.40 -2.27
N ASP A 4 -48.02 -0.51 -2.28
CA ASP A 4 -47.87 -1.84 -1.78
C ASP A 4 -46.97 -2.62 -2.70
N ILE A 5 -46.92 -2.26 -3.99
CA ILE A 5 -45.99 -2.93 -4.92
C ILE A 5 -44.57 -2.47 -4.67
N ASP A 6 -44.33 -1.26 -4.15
CA ASP A 6 -43.01 -0.84 -3.71
C ASP A 6 -42.63 -1.61 -2.47
N LYS A 7 -43.58 -2.00 -1.65
CA LYS A 7 -43.24 -2.85 -0.54
C LYS A 7 -43.16 -4.28 -1.04
N LEU A 8 -43.84 -4.77 -2.09
CA LEU A 8 -43.60 -6.15 -2.57
C LEU A 8 -42.23 -6.23 -3.27
N ALA A 9 -41.83 -5.26 -4.09
CA ALA A 9 -40.53 -5.24 -4.74
C ALA A 9 -39.40 -5.42 -3.73
N VAL A 10 -39.37 -4.62 -2.66
CA VAL A 10 -38.39 -4.72 -1.59
C VAL A 10 -38.38 -6.09 -0.89
N SER A 11 -39.45 -6.86 -0.79
CA SER A 11 -39.41 -8.16 -0.14
C SER A 11 -38.78 -9.12 -1.14
N THR A 12 -39.12 -9.01 -2.42
CA THR A 12 -38.53 -9.91 -3.41
C THR A 12 -37.01 -9.67 -3.50
N ILE A 13 -36.51 -8.43 -3.51
CA ILE A 13 -35.09 -8.14 -3.51
C ILE A 13 -34.46 -8.79 -2.30
N ARG A 14 -34.98 -8.63 -1.08
CA ARG A 14 -34.27 -9.15 0.10
C ARG A 14 -34.29 -10.64 0.06
N ILE A 15 -35.38 -11.24 -0.35
CA ILE A 15 -35.39 -12.68 -0.31
C ILE A 15 -34.54 -13.27 -1.42
N LEU A 16 -34.49 -12.69 -2.62
CA LEU A 16 -33.73 -13.21 -3.73
C LEU A 16 -32.25 -13.13 -3.37
N ALA A 17 -31.83 -12.05 -2.71
CA ALA A 17 -30.45 -11.97 -2.24
C ALA A 17 -30.18 -13.06 -1.22
N VAL A 18 -31.12 -13.21 -0.26
CA VAL A 18 -31.02 -14.26 0.75
C VAL A 18 -30.97 -15.61 0.09
N ASP A 19 -31.75 -15.91 -0.94
CA ASP A 19 -31.69 -17.22 -1.57
C ASP A 19 -30.41 -17.46 -2.35
N THR A 20 -29.86 -16.40 -2.96
CA THR A 20 -28.64 -16.47 -3.75
C THR A 20 -27.46 -16.95 -2.91
N VAL A 21 -27.37 -16.37 -1.71
CA VAL A 21 -26.29 -16.64 -0.77
C VAL A 21 -26.47 -18.06 -0.27
N SER A 22 -27.60 -18.34 0.37
CA SER A 22 -27.88 -19.66 0.92
C SER A 22 -27.80 -20.81 -0.11
N LYS A 23 -28.07 -20.59 -1.39
CA LYS A 23 -27.83 -21.60 -2.41
C LYS A 23 -26.33 -21.86 -2.49
N ALA A 24 -25.51 -20.83 -2.72
CA ALA A 24 -24.04 -20.94 -2.85
C ALA A 24 -23.33 -21.50 -1.60
N ASN A 25 -24.08 -21.42 -0.49
CA ASN A 25 -23.70 -21.79 0.84
C ASN A 25 -22.38 -21.13 1.20
N SER A 26 -22.46 -19.82 0.97
CA SER A 26 -21.31 -18.96 1.07
C SER A 26 -21.76 -17.57 0.75
N GLY A 27 -21.39 -16.51 1.46
CA GLY A 27 -21.75 -15.18 1.00
C GLY A 27 -22.13 -14.29 2.15
N HIS A 28 -22.52 -13.05 1.84
CA HIS A 28 -22.84 -12.14 2.91
C HIS A 28 -24.28 -11.76 2.70
N PRO A 29 -25.17 -12.12 3.62
CA PRO A 29 -26.58 -11.74 3.62
C PRO A 29 -26.99 -10.48 4.36
N GLY A 30 -26.33 -10.12 5.47
CA GLY A 30 -26.66 -8.95 6.27
C GLY A 30 -26.76 -7.63 5.53
N ALA A 31 -25.69 -7.00 5.02
CA ALA A 31 -25.85 -5.76 4.27
C ALA A 31 -26.85 -5.84 3.09
N PRO A 32 -26.89 -6.80 2.14
CA PRO A 32 -27.97 -6.91 1.16
C PRO A 32 -29.35 -6.91 1.75
N LEU A 33 -29.69 -7.76 2.72
CA LEU A 33 -30.95 -7.68 3.47
C LEU A 33 -31.21 -6.31 4.07
N GLY A 34 -30.26 -5.49 4.57
CA GLY A 34 -30.56 -4.17 5.10
C GLY A 34 -30.64 -2.98 4.13
N MET A 35 -29.79 -3.00 3.10
CA MET A 35 -29.80 -1.93 2.12
C MET A 35 -30.89 -2.09 1.04
N ALA A 36 -31.56 -3.25 0.86
CA ALA A 36 -32.59 -3.42 -0.12
C ALA A 36 -33.61 -2.29 -0.16
N PRO A 37 -34.27 -1.73 0.85
CA PRO A 37 -35.10 -0.56 0.72
C PRO A 37 -34.45 0.58 -0.03
N ALA A 38 -33.15 0.84 0.21
CA ALA A 38 -32.45 1.95 -0.45
C ALA A 38 -32.13 1.63 -1.89
N ALA A 39 -31.71 0.40 -2.16
CA ALA A 39 -31.43 0.01 -3.53
C ALA A 39 -32.73 0.14 -4.30
N HIS A 40 -33.91 -0.17 -3.75
CA HIS A 40 -35.15 0.01 -4.51
C HIS A 40 -35.43 1.49 -4.75
N VAL A 41 -35.53 2.33 -3.74
CA VAL A 41 -35.85 3.72 -3.94
C VAL A 41 -34.83 4.36 -4.88
N LEU A 42 -33.55 4.05 -4.82
CA LEU A 42 -32.56 4.66 -5.72
C LEU A 42 -32.63 4.22 -7.20
N TRP A 43 -32.59 2.93 -7.52
CA TRP A 43 -32.64 2.40 -8.88
C TRP A 43 -33.93 2.84 -9.51
N SER A 44 -35.03 2.94 -8.73
CA SER A 44 -36.34 3.28 -9.26
C SER A 44 -36.41 4.69 -9.83
N GLN A 45 -35.45 5.42 -9.31
CA GLN A 45 -35.29 6.82 -9.53
C GLN A 45 -34.01 7.08 -10.35
N MET A 46 -33.25 6.07 -10.83
CA MET A 46 -32.00 6.28 -11.58
C MET A 46 -32.20 6.26 -13.06
N ARG A 47 -31.66 7.22 -13.78
CA ARG A 47 -31.76 7.31 -15.23
C ARG A 47 -30.71 6.44 -15.91
N MET A 48 -31.11 5.22 -16.22
CA MET A 48 -30.25 4.23 -16.80
C MET A 48 -31.00 3.61 -17.97
N ASN A 49 -30.39 2.79 -18.81
CA ASN A 49 -31.06 1.99 -19.83
C ASN A 49 -30.46 0.59 -19.70
N PRO A 50 -31.11 -0.40 -19.10
CA PRO A 50 -30.55 -1.72 -18.97
C PRO A 50 -30.30 -2.40 -20.33
N THR A 51 -30.90 -1.97 -21.47
CA THR A 51 -30.54 -2.60 -22.73
C THR A 51 -29.28 -1.97 -23.31
N ASN A 52 -28.65 -1.01 -22.64
CA ASN A 52 -27.41 -0.48 -23.14
C ASN A 52 -26.61 0.11 -22.00
N PRO A 53 -25.90 -0.72 -21.24
CA PRO A 53 -25.16 -0.38 -20.03
C PRO A 53 -23.99 0.52 -20.28
N ASP A 54 -23.85 1.14 -21.43
CA ASP A 54 -22.70 1.92 -21.77
C ASP A 54 -23.13 3.28 -22.24
N TRP A 55 -24.40 3.66 -22.14
CA TRP A 55 -24.81 4.98 -22.58
C TRP A 55 -23.91 6.00 -21.86
N ILE A 56 -23.23 6.98 -22.48
CA ILE A 56 -22.34 7.82 -21.70
C ILE A 56 -23.04 8.66 -20.62
N ASN A 57 -24.33 8.94 -20.83
CA ASN A 57 -24.99 9.77 -19.85
C ASN A 57 -25.85 8.99 -18.86
N ARG A 58 -25.42 7.77 -18.58
CA ARG A 58 -26.14 6.91 -17.69
C ARG A 58 -25.87 7.34 -16.24
N ASP A 59 -26.87 7.37 -15.34
CA ASP A 59 -26.56 7.55 -13.93
C ASP A 59 -25.77 6.28 -13.51
N ARG A 60 -24.62 6.51 -12.90
CA ARG A 60 -23.74 5.45 -12.48
C ARG A 60 -23.94 5.20 -11.01
N PHE A 61 -23.81 3.97 -10.55
CA PHE A 61 -23.99 3.57 -9.16
C PHE A 61 -22.79 2.71 -8.80
N VAL A 62 -22.06 2.85 -7.72
CA VAL A 62 -20.94 1.94 -7.46
C VAL A 62 -21.27 1.26 -6.14
N LEU A 63 -21.32 -0.06 -5.96
CA LEU A 63 -21.56 -0.63 -4.63
C LEU A 63 -20.17 -0.65 -4.00
N SER A 64 -19.68 0.37 -3.25
CA SER A 64 -18.34 0.29 -2.66
C SER A 64 -18.29 -0.90 -1.72
N ASN A 65 -19.30 -1.20 -0.93
CA ASN A 65 -19.17 -2.39 -0.11
C ASN A 65 -19.47 -3.67 -0.87
N GLY A 66 -18.47 -4.04 -1.66
CA GLY A 66 -18.56 -5.14 -2.59
C GLY A 66 -18.98 -6.48 -2.02
N HIS A 67 -19.03 -6.71 -0.72
CA HIS A 67 -19.42 -8.00 -0.16
C HIS A 67 -20.92 -8.15 -0.21
N ALA A 68 -21.63 -7.06 -0.40
CA ALA A 68 -23.08 -7.07 -0.51
C ALA A 68 -23.52 -7.42 -1.92
N VAL A 69 -22.71 -8.14 -2.71
CA VAL A 69 -22.97 -8.41 -4.13
C VAL A 69 -24.32 -8.97 -4.47
N ALA A 70 -24.88 -9.87 -3.65
CA ALA A 70 -26.18 -10.46 -3.92
C ALA A 70 -27.21 -9.33 -4.04
N LEU A 71 -27.01 -8.16 -3.39
CA LEU A 71 -27.90 -7.02 -3.64
C LEU A 71 -27.64 -6.49 -5.07
N LEU A 72 -26.43 -6.30 -5.57
CA LEU A 72 -26.30 -5.84 -6.94
C LEU A 72 -26.81 -6.90 -7.92
N TYR A 73 -26.53 -8.18 -7.68
CA TYR A 73 -26.94 -9.24 -8.58
C TYR A 73 -28.46 -9.31 -8.62
N SER A 74 -29.15 -9.25 -7.49
CA SER A 74 -30.58 -9.16 -7.51
C SER A 74 -31.02 -7.89 -8.23
N MET A 75 -30.51 -6.67 -7.98
CA MET A 75 -31.04 -5.47 -8.65
C MET A 75 -30.89 -5.56 -10.13
N LEU A 76 -29.72 -5.99 -10.60
CA LEU A 76 -29.40 -6.21 -11.99
C LEU A 76 -30.34 -7.18 -12.68
N HIS A 77 -30.77 -8.27 -12.01
CA HIS A 77 -31.66 -9.22 -12.65
C HIS A 77 -33.09 -8.69 -12.81
N LEU A 78 -33.58 -8.12 -11.73
CA LEU A 78 -34.96 -7.65 -11.69
C LEU A 78 -35.17 -6.46 -12.59
N THR A 79 -34.18 -5.58 -12.79
CA THR A 79 -34.41 -4.40 -13.60
C THR A 79 -34.08 -4.58 -15.07
N GLY A 80 -33.92 -5.84 -15.50
CA GLY A 80 -33.68 -6.19 -16.91
C GLY A 80 -32.29 -5.94 -17.53
N TYR A 81 -31.22 -6.09 -16.74
CA TYR A 81 -29.86 -6.12 -17.23
C TYR A 81 -29.66 -7.58 -17.63
N ASP A 82 -28.51 -7.93 -18.22
CA ASP A 82 -28.32 -9.30 -18.69
C ASP A 82 -27.82 -10.22 -17.61
N LEU A 83 -28.69 -10.82 -16.81
CA LEU A 83 -28.24 -11.70 -15.75
C LEU A 83 -29.44 -12.54 -15.45
N SER A 84 -29.34 -13.84 -15.18
CA SER A 84 -30.58 -14.58 -14.98
C SER A 84 -30.64 -15.28 -13.64
N ILE A 85 -31.73 -16.00 -13.42
CA ILE A 85 -31.96 -16.68 -12.17
C ILE A 85 -30.97 -17.82 -12.13
N GLU A 86 -30.56 -18.37 -13.26
CA GLU A 86 -29.60 -19.44 -13.22
C GLU A 86 -28.26 -18.82 -12.95
N ASP A 87 -27.94 -17.64 -13.49
CA ASP A 87 -26.69 -16.96 -13.16
C ASP A 87 -26.58 -16.76 -11.66
N LEU A 88 -27.64 -16.25 -11.02
CA LEU A 88 -27.68 -16.05 -9.58
C LEU A 88 -27.65 -17.43 -8.91
N LYS A 89 -28.32 -18.46 -9.42
CA LYS A 89 -28.27 -19.80 -8.85
C LYS A 89 -26.88 -20.40 -8.96
N GLN A 90 -25.96 -19.77 -9.72
CA GLN A 90 -24.58 -20.20 -9.74
C GLN A 90 -23.63 -19.19 -9.08
N PHE A 91 -24.06 -18.42 -8.08
CA PHE A 91 -23.27 -17.43 -7.36
C PHE A 91 -22.10 -18.13 -6.71
N ARG A 92 -20.94 -17.47 -6.70
CA ARG A 92 -19.64 -17.90 -6.14
C ARG A 92 -19.18 -19.28 -6.62
N GLN A 93 -19.71 -19.82 -7.73
CA GLN A 93 -19.32 -21.13 -8.22
C GLN A 93 -18.38 -20.99 -9.39
N LEU A 94 -17.55 -21.99 -9.69
CA LEU A 94 -16.56 -21.83 -10.75
C LEU A 94 -17.14 -21.79 -12.17
N GLY A 95 -16.73 -20.71 -12.84
CA GLY A 95 -17.11 -20.38 -14.21
C GLY A 95 -18.48 -19.75 -14.35
N SER A 96 -19.01 -19.21 -13.26
CA SER A 96 -20.31 -18.57 -13.30
C SER A 96 -20.16 -17.11 -13.72
N ARG A 97 -21.26 -16.34 -13.88
CA ARG A 97 -21.13 -14.91 -14.20
C ARG A 97 -21.31 -14.10 -12.93
N THR A 98 -21.38 -14.82 -11.82
CA THR A 98 -21.71 -14.28 -10.55
C THR A 98 -20.67 -14.64 -9.49
N PRO A 99 -19.47 -14.02 -9.56
CA PRO A 99 -18.40 -14.23 -8.61
C PRO A 99 -18.70 -13.55 -7.29
N GLY A 100 -18.02 -14.05 -6.25
CA GLY A 100 -18.23 -13.59 -4.89
C GLY A 100 -18.07 -12.12 -4.59
N HIS A 101 -17.58 -11.25 -5.50
CA HIS A 101 -17.44 -9.79 -5.29
C HIS A 101 -17.57 -9.21 -6.67
N PRO A 102 -18.14 -8.04 -6.96
CA PRO A 102 -18.48 -7.65 -8.33
C PRO A 102 -17.26 -7.36 -9.23
N GLU A 103 -17.16 -7.91 -10.45
CA GLU A 103 -16.05 -7.61 -11.37
C GLU A 103 -16.48 -6.73 -12.52
N PHE A 104 -15.70 -5.67 -12.72
CA PHE A 104 -15.90 -4.67 -13.77
C PHE A 104 -16.43 -5.14 -15.11
N GLU A 105 -15.80 -6.22 -15.55
CA GLU A 105 -16.09 -6.92 -16.79
C GLU A 105 -17.59 -7.03 -17.14
N LEU A 106 -18.34 -7.51 -16.16
CA LEU A 106 -19.76 -7.81 -16.31
C LEU A 106 -20.60 -6.56 -16.50
N PRO A 107 -21.74 -6.74 -17.18
CA PRO A 107 -22.68 -5.63 -17.42
C PRO A 107 -23.45 -4.96 -16.26
N GLY A 108 -23.23 -3.65 -16.08
CA GLY A 108 -23.94 -2.93 -15.03
C GLY A 108 -23.29 -3.07 -13.67
N VAL A 109 -22.03 -3.48 -13.72
CA VAL A 109 -21.11 -3.61 -12.63
C VAL A 109 -20.02 -2.69 -13.17
N GLU A 110 -19.98 -1.46 -12.61
CA GLU A 110 -19.11 -0.36 -13.07
C GLU A 110 -17.61 -0.35 -12.77
N VAL A 111 -17.20 -0.90 -11.66
CA VAL A 111 -15.79 -1.11 -11.38
C VAL A 111 -15.72 -2.41 -10.59
N THR A 112 -14.59 -2.97 -10.16
CA THR A 112 -14.64 -4.19 -9.36
C THR A 112 -14.26 -3.82 -7.94
N THR A 113 -15.09 -4.33 -7.01
CA THR A 113 -14.94 -4.04 -5.61
C THR A 113 -14.94 -5.30 -4.74
N GLY A 114 -14.48 -5.09 -3.51
CA GLY A 114 -14.28 -6.14 -2.55
C GLY A 114 -13.15 -5.72 -1.62
N PRO A 115 -12.02 -5.16 -2.09
CA PRO A 115 -11.14 -4.30 -1.30
C PRO A 115 -11.92 -3.11 -0.76
N LEU A 116 -11.67 -2.85 0.53
CA LEU A 116 -12.47 -1.84 1.18
C LEU A 116 -11.74 -0.58 0.91
N GLY A 117 -12.59 0.38 0.61
CA GLY A 117 -12.16 1.74 0.36
C GLY A 117 -12.10 2.08 -1.12
N GLN A 118 -12.05 1.03 -1.95
CA GLN A 118 -11.92 1.20 -3.39
C GLN A 118 -13.13 1.76 -4.10
N GLY A 119 -14.34 1.22 -3.95
CA GLY A 119 -15.47 1.77 -4.68
C GLY A 119 -15.75 3.28 -4.49
N ILE A 120 -15.84 3.79 -3.24
CA ILE A 120 -16.12 5.21 -2.99
C ILE A 120 -15.01 6.07 -3.60
N SER A 121 -13.73 5.68 -3.53
CA SER A 121 -12.66 6.39 -4.20
C SER A 121 -12.83 6.40 -5.73
N ASN A 122 -13.31 5.31 -6.34
CA ASN A 122 -13.58 5.21 -7.77
C ASN A 122 -14.67 6.15 -8.23
N ALA A 123 -15.71 6.31 -7.44
CA ALA A 123 -16.83 7.19 -7.75
C ALA A 123 -16.46 8.68 -7.78
N VAL A 124 -15.41 9.05 -7.05
CA VAL A 124 -14.83 10.39 -7.11
C VAL A 124 -14.24 10.57 -8.52
N GLY A 125 -13.52 9.58 -9.06
CA GLY A 125 -12.96 9.62 -10.39
C GLY A 125 -14.06 9.85 -11.40
N MET A 126 -15.09 9.00 -11.33
CA MET A 126 -16.28 9.07 -12.17
C MET A 126 -16.97 10.45 -12.14
N ALA A 127 -17.08 11.09 -10.98
CA ALA A 127 -17.73 12.39 -10.93
C ALA A 127 -16.79 13.48 -11.48
N MET A 128 -15.46 13.37 -11.29
CA MET A 128 -14.52 14.33 -11.88
C MET A 128 -14.62 14.25 -13.40
N ALA A 129 -14.54 13.00 -13.87
CA ALA A 129 -14.63 12.67 -15.28
C ALA A 129 -15.95 13.18 -15.82
N GLN A 130 -17.03 13.14 -15.07
CA GLN A 130 -18.24 13.68 -15.61
C GLN A 130 -18.16 15.19 -15.65
N ALA A 131 -17.62 15.85 -14.62
CA ALA A 131 -17.58 17.31 -14.54
C ALA A 131 -16.93 17.89 -15.81
N ASN A 132 -15.83 17.22 -16.20
CA ASN A 132 -15.06 17.59 -17.38
C ASN A 132 -15.75 17.32 -18.72
N LEU A 133 -16.26 16.12 -18.97
CA LEU A 133 -16.96 15.85 -20.19
C LEU A 133 -18.03 16.89 -20.39
N ALA A 134 -18.82 17.15 -19.36
CA ALA A 134 -19.85 18.18 -19.42
C ALA A 134 -19.25 19.56 -19.72
N ALA A 135 -18.15 20.01 -19.13
CA ALA A 135 -17.62 21.34 -19.40
C ALA A 135 -17.04 21.51 -20.79
N THR A 136 -16.56 20.42 -21.33
CA THR A 136 -15.89 20.40 -22.62
C THR A 136 -16.86 20.47 -23.81
N TYR A 137 -17.95 19.74 -23.67
CA TYR A 137 -18.83 19.47 -24.78
C TYR A 137 -20.14 20.18 -24.63
N ASN A 138 -20.74 20.18 -23.46
CA ASN A 138 -22.03 20.83 -23.27
C ASN A 138 -21.99 22.27 -23.70
N LYS A 139 -22.88 22.48 -24.65
CA LYS A 139 -23.11 23.76 -25.24
C LYS A 139 -24.55 24.13 -24.85
N PRO A 140 -24.94 25.40 -24.96
CA PRO A 140 -26.32 25.81 -24.66
C PRO A 140 -27.27 25.21 -25.69
N GLY A 141 -28.18 24.44 -25.12
CA GLY A 141 -29.12 23.68 -25.90
C GLY A 141 -28.73 22.22 -25.90
N PHE A 142 -27.46 21.87 -25.73
CA PHE A 142 -27.01 20.50 -25.85
C PHE A 142 -26.24 20.07 -24.61
N THR A 143 -27.07 19.75 -23.62
CA THR A 143 -26.55 19.24 -22.38
C THR A 143 -26.50 17.75 -22.50
N LEU A 144 -25.31 17.32 -22.90
CA LEU A 144 -25.05 15.90 -23.13
C LEU A 144 -24.52 15.13 -21.94
N SER A 145 -24.01 15.78 -20.90
CA SER A 145 -23.64 15.06 -19.69
C SER A 145 -24.14 15.82 -18.52
N ASP A 146 -24.81 15.03 -17.72
CA ASP A 146 -25.29 15.50 -16.46
C ASP A 146 -25.70 14.37 -15.53
N ASN A 147 -25.08 13.20 -15.69
CA ASN A 147 -25.45 12.10 -14.85
C ASN A 147 -24.95 12.24 -13.42
N TYR A 148 -25.62 11.55 -12.49
CA TYR A 148 -25.22 11.46 -11.08
C TYR A 148 -24.43 10.19 -10.90
N THR A 149 -23.74 10.18 -9.76
CA THR A 149 -22.92 9.05 -9.33
C THR A 149 -23.43 8.64 -7.94
N TYR A 150 -24.15 7.53 -7.78
CA TYR A 150 -24.67 7.08 -6.50
C TYR A 150 -23.80 5.93 -5.93
N VAL A 151 -23.33 6.00 -4.68
CA VAL A 151 -22.40 5.01 -4.13
C VAL A 151 -23.00 4.34 -2.90
N PHE A 152 -22.94 3.01 -2.68
CA PHE A 152 -23.30 2.40 -1.39
C PHE A 152 -22.06 2.03 -0.57
N LEU A 153 -21.80 2.63 0.57
CA LEU A 153 -20.60 2.31 1.34
C LEU A 153 -20.95 1.86 2.74
N GLY A 154 -20.06 1.13 3.43
CA GLY A 154 -20.27 0.58 4.77
C GLY A 154 -19.25 1.10 5.78
N ASP A 155 -19.12 0.46 6.94
CA ASP A 155 -18.26 1.02 7.97
C ASP A 155 -16.80 0.75 7.59
N GLY A 156 -16.51 -0.42 7.04
CA GLY A 156 -15.17 -0.74 6.55
C GLY A 156 -14.68 0.30 5.55
N CYS A 157 -15.50 0.74 4.59
CA CYS A 157 -15.09 1.78 3.64
C CYS A 157 -14.75 3.09 4.35
N LEU A 158 -15.41 3.50 5.44
CA LEU A 158 -15.07 4.76 6.08
C LEU A 158 -13.85 4.64 6.99
N GLN A 159 -13.53 3.43 7.46
CA GLN A 159 -12.36 3.19 8.30
C GLN A 159 -10.98 3.24 7.64
N GLU A 160 -10.98 3.06 6.32
CA GLU A 160 -9.85 2.95 5.44
C GLU A 160 -9.31 4.24 4.88
N GLY A 161 -8.01 4.49 5.09
CA GLY A 161 -7.38 5.77 4.76
C GLY A 161 -7.74 6.36 3.39
N ILE A 162 -7.91 5.44 2.41
CA ILE A 162 -8.19 5.78 1.03
C ILE A 162 -9.55 6.49 0.83
N SER A 163 -10.60 6.11 1.53
CA SER A 163 -11.88 6.75 1.34
C SER A 163 -11.71 8.10 1.95
N SER A 164 -10.86 8.22 2.97
CA SER A 164 -10.66 9.50 3.61
C SER A 164 -9.85 10.41 2.67
N GLU A 165 -8.80 9.90 2.01
CA GLU A 165 -8.03 10.66 1.08
C GLU A 165 -8.88 11.11 -0.07
N ALA A 166 -9.62 10.18 -0.66
CA ALA A 166 -10.61 10.47 -1.72
C ALA A 166 -11.65 11.51 -1.30
N SER A 167 -12.38 11.34 -0.19
CA SER A 167 -13.36 12.28 0.35
C SER A 167 -12.84 13.68 0.62
N SER A 168 -11.57 13.79 1.06
CA SER A 168 -10.96 15.08 1.18
C SER A 168 -10.88 15.67 -0.20
N LEU A 169 -10.48 14.88 -1.20
CA LEU A 169 -10.35 15.42 -2.52
C LEU A 169 -11.74 15.75 -3.12
N ALA A 170 -12.77 14.90 -3.05
CA ALA A 170 -14.08 15.18 -3.61
C ALA A 170 -14.70 16.46 -3.03
N GLY A 171 -14.53 16.62 -1.72
CA GLY A 171 -14.93 17.82 -1.02
C GLY A 171 -14.28 19.10 -1.56
N HIS A 172 -12.95 19.16 -1.67
CA HIS A 172 -12.28 20.37 -2.18
C HIS A 172 -12.79 20.76 -3.54
N LEU A 173 -12.99 19.72 -4.32
CA LEU A 173 -13.40 19.88 -5.70
C LEU A 173 -14.87 20.12 -5.92
N LYS A 174 -15.63 20.27 -4.85
CA LYS A 174 -17.04 20.61 -4.96
C LYS A 174 -17.89 19.64 -5.79
N LEU A 175 -17.72 18.34 -5.64
CA LEU A 175 -18.35 17.42 -6.57
C LEU A 175 -19.75 17.06 -6.16
N GLY A 176 -20.57 18.02 -6.58
CA GLY A 176 -22.02 18.12 -6.37
C GLY A 176 -22.88 16.98 -6.91
N ASN A 177 -22.48 16.21 -7.94
CA ASN A 177 -23.35 15.10 -8.34
C ASN A 177 -22.99 13.75 -7.69
N LEU A 178 -22.14 13.80 -6.67
CA LEU A 178 -21.68 12.60 -5.99
C LEU A 178 -22.43 12.32 -4.67
N ILE A 179 -23.43 11.44 -4.70
CA ILE A 179 -24.29 11.11 -3.57
C ILE A 179 -23.77 9.84 -2.94
N ALA A 180 -23.40 9.77 -1.66
CA ALA A 180 -22.87 8.55 -1.07
C ALA A 180 -23.86 8.07 -0.01
N ILE A 181 -24.47 6.87 -0.02
CA ILE A 181 -25.40 6.50 1.04
C ILE A 181 -24.65 5.54 1.92
N TYR A 182 -24.51 5.94 3.18
CA TYR A 182 -23.78 5.18 4.15
C TYR A 182 -24.72 4.27 4.91
N ASP A 183 -24.58 2.95 4.74
CA ASP A 183 -25.29 1.95 5.52
C ASP A 183 -24.68 1.97 6.93
N ASP A 184 -25.31 2.82 7.73
CA ASP A 184 -24.95 2.99 9.12
C ASP A 184 -25.58 1.88 9.95
N ASN A 185 -25.03 0.69 9.84
CA ASN A 185 -25.60 -0.43 10.57
C ASN A 185 -25.01 -0.82 11.90
N LYS A 186 -24.07 -0.04 12.47
CA LYS A 186 -23.43 -0.30 13.79
C LYS A 186 -22.69 -1.63 14.07
N ILE A 187 -22.42 -2.37 13.00
CA ILE A 187 -21.78 -3.67 13.01
C ILE A 187 -20.82 -3.72 11.82
N THR A 188 -19.78 -4.50 12.16
CA THR A 188 -18.69 -4.98 11.31
C THR A 188 -18.33 -6.37 11.86
N ILE A 189 -17.34 -7.05 11.29
CA ILE A 189 -16.96 -8.41 11.66
C ILE A 189 -16.72 -8.67 13.15
N ASP A 190 -15.69 -8.04 13.78
CA ASP A 190 -15.31 -8.27 15.18
C ASP A 190 -16.45 -8.13 16.14
N GLY A 191 -17.27 -7.15 15.81
CA GLY A 191 -18.48 -6.86 16.55
C GLY A 191 -19.07 -5.52 16.17
N ALA A 192 -19.31 -4.77 17.25
CA ALA A 192 -19.88 -3.44 17.22
C ALA A 192 -18.83 -2.38 16.93
N THR A 193 -19.27 -1.23 16.40
CA THR A 193 -18.33 -0.19 16.04
C THR A 193 -17.79 0.51 17.27
N SER A 194 -18.52 0.51 18.37
CA SER A 194 -18.05 1.06 19.61
C SER A 194 -16.81 0.38 20.12
N ILE A 195 -16.50 -0.80 19.59
CA ILE A 195 -15.32 -1.46 20.03
C ILE A 195 -14.11 -0.82 19.38
N SER A 196 -14.19 -0.28 18.16
CA SER A 196 -13.07 0.33 17.44
C SER A 196 -13.46 1.49 16.53
N PHE A 197 -14.61 1.50 15.88
CA PHE A 197 -14.96 2.62 15.06
C PHE A 197 -15.99 3.51 15.76
N ASP A 198 -15.60 4.56 16.50
CA ASP A 198 -16.65 5.38 17.09
C ASP A 198 -16.55 6.89 16.90
N GLU A 199 -15.78 7.41 15.93
CA GLU A 199 -15.62 8.84 15.61
C GLU A 199 -16.85 9.46 14.98
N ASP A 200 -16.97 10.78 14.90
CA ASP A 200 -18.18 11.37 14.38
C ASP A 200 -18.02 11.57 12.89
N VAL A 201 -18.51 10.54 12.17
CA VAL A 201 -18.45 10.49 10.72
C VAL A 201 -18.99 11.78 10.13
N ALA A 202 -20.19 12.19 10.56
CA ALA A 202 -20.80 13.39 10.04
C ALA A 202 -19.98 14.65 10.20
N LYS A 203 -19.35 14.85 11.35
CA LYS A 203 -18.57 16.05 11.64
C LYS A 203 -17.28 16.02 10.85
N ARG A 204 -16.77 14.80 10.60
CA ARG A 204 -15.61 14.59 9.77
C ARG A 204 -15.89 14.89 8.30
N TYR A 205 -17.03 14.43 7.75
CA TYR A 205 -17.34 14.66 6.35
C TYR A 205 -17.77 16.10 6.12
N GLU A 206 -18.36 16.73 7.13
CA GLU A 206 -18.63 18.14 7.04
C GLU A 206 -17.31 18.92 7.06
N ALA A 207 -16.28 18.52 7.82
CA ALA A 207 -15.02 19.23 7.79
C ALA A 207 -14.39 19.27 6.40
N TYR A 208 -14.53 18.15 5.67
CA TYR A 208 -14.10 17.99 4.28
C TYR A 208 -14.79 18.92 3.30
N GLY A 209 -16.09 19.18 3.54
CA GLY A 209 -16.88 20.06 2.72
C GLY A 209 -18.11 19.38 2.12
N TRP A 210 -18.43 18.21 2.65
CA TRP A 210 -19.54 17.43 2.17
C TRP A 210 -20.77 17.88 2.94
N GLU A 211 -21.94 17.83 2.26
CA GLU A 211 -23.22 18.03 2.88
C GLU A 211 -23.55 16.67 3.50
N VAL A 212 -24.04 16.58 4.73
CA VAL A 212 -24.42 15.32 5.37
C VAL A 212 -25.92 15.36 5.69
N LEU A 213 -26.72 14.40 5.21
CA LEU A 213 -28.15 14.32 5.47
C LEU A 213 -28.37 13.03 6.25
N TYR A 214 -29.55 12.72 6.78
CA TYR A 214 -29.69 11.56 7.65
C TYR A 214 -31.02 10.88 7.41
N VAL A 215 -31.15 9.56 7.61
CA VAL A 215 -32.41 8.86 7.45
C VAL A 215 -32.43 7.95 8.65
N GLU A 216 -33.24 8.36 9.60
CA GLU A 216 -33.43 7.66 10.85
C GLU A 216 -33.91 6.20 10.67
N ASN A 217 -34.95 5.92 9.87
CA ASN A 217 -35.35 4.52 9.72
C ASN A 217 -35.15 3.97 8.32
N GLY A 218 -33.92 3.68 7.96
CA GLY A 218 -33.66 3.15 6.64
C GLY A 218 -34.18 1.72 6.43
N ASN A 219 -34.82 1.06 7.40
CA ASN A 219 -35.30 -0.31 7.22
C ASN A 219 -36.70 -0.28 6.64
N GLU A 220 -37.42 0.80 6.87
CA GLU A 220 -38.81 0.82 6.48
C GLU A 220 -39.17 2.09 5.78
N ASP A 221 -38.42 3.13 5.96
CA ASP A 221 -38.87 4.39 5.47
C ASP A 221 -38.57 4.76 4.04
N LEU A 222 -39.19 4.10 3.08
CA LEU A 222 -38.96 4.45 1.68
C LEU A 222 -39.13 5.95 1.35
N ALA A 223 -40.09 6.51 2.05
CA ALA A 223 -40.45 7.90 1.95
C ALA A 223 -39.30 8.87 2.25
N GLY A 224 -38.61 8.52 3.34
CA GLY A 224 -37.56 9.33 3.88
C GLY A 224 -36.42 9.30 2.92
N ILE A 225 -36.01 8.06 2.60
CA ILE A 225 -34.92 7.80 1.67
C ILE A 225 -35.14 8.62 0.41
N ALA A 226 -36.34 8.54 -0.15
CA ALA A 226 -36.64 9.29 -1.38
C ALA A 226 -36.44 10.80 -1.23
N LYS A 227 -36.79 11.37 -0.08
CA LYS A 227 -36.69 12.80 0.14
C LYS A 227 -35.25 13.24 0.38
N ALA A 228 -34.42 12.33 0.89
CA ALA A 228 -33.02 12.58 1.16
C ALA A 228 -32.23 12.59 -0.13
N ILE A 229 -32.36 11.55 -0.94
CA ILE A 229 -31.75 11.48 -2.25
C ILE A 229 -32.24 12.70 -3.05
N ALA A 230 -33.52 13.06 -3.01
CA ALA A 230 -34.03 14.25 -3.71
C ALA A 230 -33.42 15.58 -3.32
N GLN A 231 -33.24 15.80 -2.01
CA GLN A 231 -32.65 17.02 -1.51
C GLN A 231 -31.18 16.95 -1.75
N ALA A 232 -30.67 15.72 -1.76
CA ALA A 232 -29.27 15.52 -2.00
C ALA A 232 -29.04 16.02 -3.40
N LYS A 233 -29.87 15.77 -4.39
CA LYS A 233 -29.60 16.23 -5.75
C LYS A 233 -29.67 17.75 -5.91
N LEU A 234 -30.07 18.48 -4.86
CA LEU A 234 -30.11 19.94 -4.87
C LEU A 234 -28.75 20.52 -4.47
N SER A 235 -27.83 19.73 -3.82
CA SER A 235 -26.43 19.95 -3.42
C SER A 235 -25.56 20.44 -4.59
N LYS A 236 -25.84 21.46 -5.41
CA LYS A 236 -25.06 21.68 -6.64
C LYS A 236 -23.58 21.88 -6.46
N ASP A 237 -23.07 22.30 -5.30
CA ASP A 237 -21.63 22.41 -5.17
C ASP A 237 -21.10 21.76 -3.87
N LYS A 238 -21.76 20.67 -3.46
CA LYS A 238 -21.36 19.88 -2.30
C LYS A 238 -21.64 18.42 -2.64
N PRO A 239 -20.68 17.48 -2.48
CA PRO A 239 -20.99 16.07 -2.36
C PRO A 239 -21.80 15.80 -1.11
N THR A 240 -22.64 14.76 -1.16
CA THR A 240 -23.53 14.50 -0.06
C THR A 240 -23.33 13.12 0.56
N LEU A 241 -23.25 13.00 1.88
CA LEU A 241 -23.26 11.70 2.53
C LEU A 241 -24.67 11.66 3.10
N ILE A 242 -25.43 10.57 2.97
CA ILE A 242 -26.77 10.40 3.54
C ILE A 242 -26.46 9.32 4.56
N LYS A 243 -26.50 9.66 5.84
CA LYS A 243 -26.19 8.70 6.86
C LYS A 243 -27.54 7.98 7.10
N MET A 244 -27.70 6.78 6.53
CA MET A 244 -28.93 6.03 6.63
C MET A 244 -28.77 4.86 7.56
N THR A 245 -29.50 4.92 8.65
CA THR A 245 -29.36 3.92 9.69
C THR A 245 -30.25 2.72 9.39
N THR A 246 -29.67 1.52 9.42
CA THR A 246 -30.42 0.30 9.07
C THR A 246 -30.08 -0.75 10.10
N THR A 247 -30.63 -1.97 9.97
CA THR A 247 -30.28 -3.06 10.83
C THR A 247 -29.71 -4.20 9.98
N ILE A 248 -28.49 -4.64 10.30
CA ILE A 248 -27.80 -5.73 9.61
C ILE A 248 -28.71 -6.93 9.79
N GLY A 249 -29.01 -7.62 8.70
CA GLY A 249 -29.80 -8.83 8.78
C GLY A 249 -31.31 -8.62 8.90
N TYR A 250 -31.83 -7.38 8.81
CA TYR A 250 -33.24 -7.06 8.89
C TYR A 250 -34.18 -8.16 8.39
N GLY A 251 -34.96 -8.73 9.28
CA GLY A 251 -35.89 -9.77 8.91
C GLY A 251 -35.41 -11.10 9.45
N SER A 252 -34.09 -11.32 9.41
CA SER A 252 -33.50 -12.52 9.94
C SER A 252 -33.69 -12.56 11.42
N LEU A 253 -34.02 -13.75 11.87
CA LEU A 253 -34.08 -14.11 13.26
C LEU A 253 -32.86 -13.68 14.11
N HIS A 254 -31.72 -13.27 13.51
CA HIS A 254 -30.54 -12.83 14.25
C HIS A 254 -30.06 -11.47 13.73
N ALA A 255 -31.00 -10.63 13.32
CA ALA A 255 -30.73 -9.32 12.78
C ALA A 255 -30.09 -8.50 13.85
N GLY A 256 -29.01 -7.83 13.54
CA GLY A 256 -28.29 -7.04 14.52
C GLY A 256 -27.15 -7.84 15.13
N SER A 257 -27.11 -9.16 14.94
CA SER A 257 -25.97 -9.90 15.40
C SER A 257 -24.96 -9.75 14.29
N HIS A 258 -23.72 -9.85 14.75
CA HIS A 258 -22.57 -9.85 13.87
C HIS A 258 -22.49 -11.14 13.02
N SER A 259 -23.27 -12.13 13.45
CA SER A 259 -23.34 -13.42 12.81
C SER A 259 -24.00 -13.42 11.43
N VAL A 260 -24.88 -12.47 11.12
CA VAL A 260 -25.55 -12.41 9.83
C VAL A 260 -24.75 -11.54 8.85
N HIS A 261 -23.50 -11.17 9.14
CA HIS A 261 -22.73 -10.39 8.21
C HIS A 261 -22.08 -11.23 7.11
N GLY A 262 -21.69 -12.47 7.36
CA GLY A 262 -20.87 -13.14 6.38
C GLY A 262 -21.01 -14.62 6.28
N ALA A 263 -22.17 -15.13 6.62
CA ALA A 263 -22.39 -16.55 6.47
C ALA A 263 -23.86 -16.68 6.10
N PRO A 264 -24.36 -17.72 5.37
CA PRO A 264 -25.77 -17.89 5.00
C PRO A 264 -26.71 -18.08 6.20
N LEU A 265 -27.92 -17.49 6.13
CA LEU A 265 -28.92 -17.59 7.19
C LEU A 265 -29.27 -19.07 7.27
N LYS A 266 -29.27 -19.65 8.48
CA LYS A 266 -29.61 -21.06 8.68
C LYS A 266 -31.02 -21.34 8.17
N ALA A 267 -31.22 -22.47 7.50
CA ALA A 267 -32.44 -22.87 6.80
C ALA A 267 -33.78 -22.32 7.25
N ASP A 268 -34.02 -22.60 8.51
CA ASP A 268 -35.25 -22.23 9.15
C ASP A 268 -35.33 -20.76 9.23
N ASP A 269 -34.25 -20.07 9.56
CA ASP A 269 -34.27 -18.62 9.58
C ASP A 269 -34.69 -18.01 8.20
N VAL A 270 -34.42 -18.68 7.05
CA VAL A 270 -34.84 -18.14 5.78
C VAL A 270 -36.34 -18.46 5.65
N LYS A 271 -36.83 -19.60 6.18
CA LYS A 271 -38.25 -19.95 6.15
C LYS A 271 -39.10 -18.99 6.95
N GLN A 272 -38.70 -18.57 8.14
CA GLN A 272 -39.48 -17.62 8.91
C GLN A 272 -39.49 -16.32 8.13
N LEU A 273 -38.34 -15.92 7.57
CA LEU A 273 -38.24 -14.71 6.79
C LEU A 273 -39.12 -14.74 5.53
N LYS A 274 -39.19 -15.83 4.77
CA LYS A 274 -40.12 -15.94 3.66
C LYS A 274 -41.53 -15.79 4.21
N SER A 275 -41.97 -16.50 5.27
CA SER A 275 -43.31 -16.37 5.85
C SER A 275 -43.62 -14.94 6.24
N LYS A 276 -42.85 -14.30 7.14
CA LYS A 276 -43.01 -12.92 7.60
C LYS A 276 -43.20 -11.91 6.47
N PHE A 277 -42.47 -12.10 5.35
CA PHE A 277 -42.57 -11.24 4.18
C PHE A 277 -43.69 -11.60 3.20
N GLY A 278 -44.40 -12.71 3.44
CA GLY A 278 -45.58 -13.10 2.70
C GLY A 278 -45.29 -14.01 1.54
N PHE A 279 -44.10 -14.63 1.58
CA PHE A 279 -43.61 -15.55 0.56
C PHE A 279 -43.60 -16.98 1.08
N ASN A 280 -43.51 -18.00 0.24
CA ASN A 280 -43.62 -19.39 0.70
C ASN A 280 -42.35 -19.99 1.26
N PRO A 281 -42.24 -20.35 2.54
CA PRO A 281 -41.11 -21.05 3.15
C PRO A 281 -40.52 -22.26 2.47
N ASP A 282 -41.20 -22.84 1.49
CA ASP A 282 -40.71 -24.01 0.81
C ASP A 282 -40.28 -23.69 -0.63
N LYS A 283 -40.29 -22.42 -1.07
CA LYS A 283 -39.94 -22.11 -2.45
C LYS A 283 -38.85 -21.08 -2.56
N SER A 284 -38.00 -21.21 -3.58
CA SER A 284 -36.83 -20.36 -3.74
C SER A 284 -36.67 -19.75 -5.13
N PHE A 285 -35.95 -18.64 -5.25
CA PHE A 285 -35.74 -17.90 -6.48
C PHE A 285 -37.07 -17.56 -7.17
N VAL A 286 -38.07 -17.12 -6.37
CA VAL A 286 -39.42 -16.78 -6.83
C VAL A 286 -39.54 -15.30 -7.07
N VAL A 287 -39.94 -14.83 -8.24
CA VAL A 287 -40.12 -13.41 -8.44
C VAL A 287 -41.53 -13.27 -8.99
N PRO A 288 -42.48 -12.68 -8.21
CA PRO A 288 -43.78 -12.18 -8.64
C PRO A 288 -43.80 -11.42 -9.97
N GLN A 289 -44.73 -11.67 -10.89
CA GLN A 289 -44.76 -10.94 -12.15
C GLN A 289 -44.83 -9.44 -11.97
N GLU A 290 -45.45 -9.06 -10.87
CA GLU A 290 -45.71 -7.68 -10.54
C GLU A 290 -44.43 -6.91 -10.40
N VAL A 291 -43.37 -7.57 -9.97
CA VAL A 291 -42.13 -6.87 -9.77
C VAL A 291 -41.50 -6.61 -11.17
N TYR A 292 -41.40 -7.66 -12.02
CA TYR A 292 -40.85 -7.53 -13.36
C TYR A 292 -41.60 -6.40 -14.07
N ASP A 293 -42.92 -6.44 -14.02
CA ASP A 293 -43.78 -5.43 -14.62
C ASP A 293 -43.56 -3.99 -14.13
N HIS A 294 -43.32 -3.83 -12.83
CA HIS A 294 -43.13 -2.54 -12.19
C HIS A 294 -41.86 -1.88 -12.70
N TYR A 295 -40.74 -2.58 -12.62
CA TYR A 295 -39.47 -2.07 -13.12
C TYR A 295 -39.44 -1.85 -14.63
N GLN A 296 -40.33 -2.55 -15.34
CA GLN A 296 -40.50 -2.33 -16.76
C GLN A 296 -41.11 -0.93 -16.95
N LYS A 297 -42.17 -0.57 -16.22
CA LYS A 297 -42.68 0.75 -16.46
C LYS A 297 -41.83 1.82 -15.80
N THR A 298 -41.33 1.55 -14.62
CA THR A 298 -40.54 2.50 -13.87
C THR A 298 -39.13 2.75 -14.42
N ILE A 299 -38.37 1.74 -14.90
CA ILE A 299 -36.95 1.92 -15.24
C ILE A 299 -36.59 1.60 -16.69
N LEU A 300 -36.85 0.36 -17.11
CA LEU A 300 -36.43 -0.13 -18.41
C LEU A 300 -36.96 0.76 -19.51
N LYS A 301 -38.27 0.87 -19.62
CA LYS A 301 -38.84 1.63 -20.69
C LYS A 301 -38.64 3.14 -20.68
N PRO A 302 -38.46 3.91 -19.59
CA PRO A 302 -38.15 5.34 -19.69
C PRO A 302 -36.69 5.58 -19.91
N GLY A 303 -35.86 4.68 -19.42
CA GLY A 303 -34.46 4.85 -19.65
C GLY A 303 -34.17 4.74 -21.13
N VAL A 304 -34.83 3.77 -21.77
CA VAL A 304 -34.66 3.56 -23.19
C VAL A 304 -35.12 4.80 -23.89
N GLU A 305 -36.24 5.36 -23.47
CA GLU A 305 -36.74 6.56 -24.11
C GLU A 305 -35.74 7.68 -23.91
N ALA A 306 -35.10 7.79 -22.74
CA ALA A 306 -34.13 8.83 -22.51
C ALA A 306 -32.90 8.66 -23.38
N ASN A 307 -32.43 7.42 -23.52
CA ASN A 307 -31.27 7.07 -24.30
C ASN A 307 -31.52 7.58 -25.70
N ASN A 308 -32.67 7.17 -26.21
CA ASN A 308 -33.12 7.50 -27.55
C ASN A 308 -33.26 9.02 -27.73
N LYS A 309 -33.67 9.81 -26.75
CA LYS A 309 -33.70 11.25 -26.94
C LYS A 309 -32.26 11.70 -27.03
N TRP A 310 -31.39 11.23 -26.12
CA TRP A 310 -29.99 11.62 -26.09
C TRP A 310 -29.35 11.37 -27.47
N ASN A 311 -29.77 10.33 -28.16
CA ASN A 311 -29.21 10.06 -29.46
C ASN A 311 -29.68 11.12 -30.40
N LYS A 312 -30.93 11.59 -30.41
CA LYS A 312 -31.29 12.60 -31.41
C LYS A 312 -30.59 13.88 -31.08
N LEU A 313 -30.49 14.19 -29.81
CA LEU A 313 -29.78 15.38 -29.40
C LEU A 313 -28.32 15.29 -29.88
N PHE A 314 -27.60 14.19 -29.70
CA PHE A 314 -26.22 14.13 -30.13
C PHE A 314 -26.02 14.26 -31.65
N SER A 315 -27.00 13.89 -32.46
CA SER A 315 -26.87 14.08 -33.89
C SER A 315 -27.11 15.51 -34.27
N GLU A 316 -27.94 16.31 -33.58
CA GLU A 316 -28.05 17.71 -33.99
C GLU A 316 -26.85 18.47 -33.46
N TYR A 317 -26.28 17.97 -32.36
CA TYR A 317 -25.06 18.49 -31.77
C TYR A 317 -23.97 18.32 -32.80
N GLN A 318 -23.83 17.10 -33.33
CA GLN A 318 -22.88 16.84 -34.38
C GLN A 318 -23.13 17.77 -35.57
N LYS A 319 -24.38 17.96 -36.05
CA LYS A 319 -24.69 18.90 -37.14
C LYS A 319 -24.29 20.34 -36.79
N LYS A 320 -24.53 20.79 -35.56
CA LYS A 320 -24.25 22.15 -35.14
C LYS A 320 -22.79 22.46 -34.86
N PHE A 321 -22.19 21.51 -34.18
CA PHE A 321 -20.87 21.70 -33.61
C PHE A 321 -19.90 20.71 -34.22
N PRO A 322 -19.66 20.76 -35.53
CA PRO A 322 -19.24 19.62 -36.31
C PRO A 322 -17.94 18.94 -35.89
N GLU A 323 -17.00 19.74 -35.40
CA GLU A 323 -15.74 19.21 -34.93
C GLU A 323 -15.77 18.74 -33.48
N LEU A 324 -16.63 19.30 -32.58
CA LEU A 324 -16.75 18.81 -31.20
C LEU A 324 -17.54 17.51 -31.17
N GLY A 325 -18.55 17.54 -32.03
CA GLY A 325 -19.32 16.38 -32.32
C GLY A 325 -18.34 15.30 -32.74
N ALA A 326 -17.51 15.59 -33.72
CA ALA A 326 -16.56 14.61 -34.23
C ALA A 326 -15.64 13.99 -33.18
N GLU A 327 -14.92 14.87 -32.47
CA GLU A 327 -14.06 14.50 -31.36
C GLU A 327 -14.79 13.62 -30.32
N LEU A 328 -15.98 14.02 -29.77
CA LEU A 328 -16.67 13.19 -28.78
C LEU A 328 -17.10 11.87 -29.40
N ALA A 329 -17.59 11.89 -30.63
CA ALA A 329 -18.02 10.70 -31.35
C ALA A 329 -16.90 9.66 -31.45
N ARG A 330 -15.66 10.12 -31.63
CA ARG A 330 -14.53 9.23 -31.69
C ARG A 330 -14.21 8.67 -30.33
N ARG A 331 -14.17 9.52 -29.30
CA ARG A 331 -13.82 9.10 -27.94
C ARG A 331 -14.78 8.01 -27.50
N LEU A 332 -16.07 8.24 -27.80
CA LEU A 332 -17.10 7.27 -27.55
C LEU A 332 -16.84 6.05 -28.44
N SER A 333 -16.37 6.10 -29.70
CA SER A 333 -16.08 4.87 -30.42
C SER A 333 -14.85 4.19 -29.85
N GLY A 334 -14.12 4.91 -29.01
CA GLY A 334 -12.96 4.38 -28.35
C GLY A 334 -11.77 4.39 -29.27
N GLN A 335 -11.66 5.37 -30.19
CA GLN A 335 -10.48 5.38 -31.02
C GLN A 335 -9.58 6.51 -30.59
N LEU A 336 -8.29 6.24 -30.62
CA LEU A 336 -7.31 7.27 -30.40
C LEU A 336 -7.23 7.98 -31.76
N PRO A 337 -7.00 9.30 -31.84
CA PRO A 337 -6.90 10.04 -33.09
C PRO A 337 -6.09 9.36 -34.17
N ALA A 338 -6.57 9.45 -35.40
CA ALA A 338 -5.87 8.91 -36.55
C ALA A 338 -4.41 9.36 -36.59
N ASN A 339 -3.60 8.29 -36.47
CA ASN A 339 -2.16 8.36 -36.50
C ASN A 339 -1.50 9.34 -35.49
N TRP A 340 -2.04 9.53 -34.27
CA TRP A 340 -1.43 10.37 -33.23
C TRP A 340 0.09 10.14 -32.98
N GLU A 341 0.62 8.91 -33.20
CA GLU A 341 2.02 8.56 -32.95
C GLU A 341 2.98 9.43 -33.73
N SER A 342 2.53 9.93 -34.85
CA SER A 342 3.32 10.87 -35.59
C SER A 342 3.65 12.12 -34.78
N LYS A 343 3.18 12.38 -33.54
CA LYS A 343 3.71 13.51 -32.81
C LYS A 343 4.58 13.20 -31.57
N LEU A 344 4.93 11.92 -31.47
CA LEU A 344 5.82 11.43 -30.43
C LEU A 344 7.23 11.78 -30.86
N PRO A 345 8.11 12.22 -29.94
CA PRO A 345 9.50 12.52 -30.26
C PRO A 345 10.45 11.36 -30.58
N THR A 346 11.51 11.65 -31.34
CA THR A 346 12.60 10.72 -31.64
C THR A 346 13.93 11.46 -31.59
N TYR A 347 14.95 10.81 -31.01
CA TYR A 347 16.26 11.39 -30.82
C TYR A 347 17.27 10.45 -31.47
N THR A 348 18.52 10.90 -31.49
CA THR A 348 19.67 10.17 -32.04
C THR A 348 20.71 10.12 -30.95
N ALA A 349 21.75 9.31 -31.17
CA ALA A 349 22.90 9.31 -30.29
C ALA A 349 23.51 10.71 -30.24
N LYS A 350 23.15 11.55 -31.24
CA LYS A 350 23.61 12.92 -31.37
C LYS A 350 22.97 13.91 -30.43
N ASP A 351 21.79 13.62 -29.90
CA ASP A 351 21.14 14.63 -29.10
C ASP A 351 21.59 14.54 -27.64
N SER A 352 21.33 15.63 -26.93
CA SER A 352 21.74 15.74 -25.55
C SER A 352 21.19 14.67 -24.63
N ALA A 353 21.93 14.55 -23.53
CA ALA A 353 21.58 13.64 -22.48
C ALA A 353 20.63 14.39 -21.57
N VAL A 354 19.51 13.78 -21.26
CA VAL A 354 18.50 14.40 -20.44
C VAL A 354 18.01 13.27 -19.59
N ALA A 355 17.52 13.59 -18.41
CA ALA A 355 17.03 12.58 -17.51
C ALA A 355 15.76 12.08 -18.08
N THR A 356 15.48 10.79 -18.03
CA THR A 356 14.27 10.22 -18.57
C THR A 356 13.02 10.94 -18.05
N ARG A 357 13.09 11.50 -16.82
CA ARG A 357 12.02 12.34 -16.30
C ARG A 357 11.74 13.57 -17.16
N LYS A 358 12.73 14.30 -17.67
CA LYS A 358 12.46 15.44 -18.53
C LYS A 358 11.96 14.99 -19.90
N LEU A 359 12.42 13.82 -20.38
CA LEU A 359 11.91 13.26 -21.63
C LEU A 359 10.45 12.86 -21.51
N SER A 360 9.99 12.47 -20.30
CA SER A 360 8.60 12.16 -20.09
C SER A 360 7.84 13.46 -20.27
N GLU A 361 8.39 14.54 -19.73
CA GLU A 361 7.75 15.85 -19.79
C GLU A 361 7.51 16.32 -21.20
N THR A 362 8.51 16.09 -22.02
CA THR A 362 8.37 16.48 -23.41
C THR A 362 7.28 15.73 -24.17
N VAL A 363 6.98 14.45 -23.88
CA VAL A 363 5.94 13.68 -24.57
C VAL A 363 4.59 14.27 -24.21
N LEU A 364 4.38 14.43 -22.90
CA LEU A 364 3.17 15.02 -22.38
C LEU A 364 3.02 16.38 -23.02
N GLU A 365 4.04 17.20 -23.27
CA GLU A 365 3.82 18.42 -24.04
C GLU A 365 3.31 18.13 -25.46
N ASP A 366 3.81 17.13 -26.16
CA ASP A 366 3.36 16.93 -27.52
C ASP A 366 2.07 16.16 -27.63
N VAL A 367 1.65 15.29 -26.72
CA VAL A 367 0.36 14.65 -26.89
C VAL A 367 -0.81 15.34 -26.18
N TYR A 368 -0.71 16.31 -25.27
CA TYR A 368 -1.92 16.88 -24.69
C TYR A 368 -2.75 17.56 -25.76
N ASN A 369 -2.10 18.25 -26.70
CA ASN A 369 -2.83 19.01 -27.71
C ASN A 369 -3.45 18.05 -28.72
N GLN A 370 -2.90 16.85 -28.81
CA GLN A 370 -3.39 15.84 -29.71
C GLN A 370 -4.51 15.03 -29.10
N LEU A 371 -4.62 14.98 -27.79
CA LEU A 371 -5.55 14.08 -27.17
C LEU A 371 -6.38 14.80 -26.11
N PRO A 372 -7.57 15.32 -26.44
CA PRO A 372 -8.42 16.01 -25.47
C PRO A 372 -8.83 15.10 -24.32
N GLU A 373 -8.64 13.81 -24.50
CA GLU A 373 -9.03 12.81 -23.51
C GLU A 373 -7.95 12.51 -22.51
N LEU A 374 -6.86 13.28 -22.49
CA LEU A 374 -5.77 12.95 -21.59
C LEU A 374 -5.90 13.85 -20.39
N ILE A 375 -6.36 13.37 -19.25
CA ILE A 375 -6.43 14.24 -18.08
C ILE A 375 -5.44 13.64 -17.06
N GLY A 376 -4.58 14.35 -16.37
CA GLY A 376 -3.74 13.67 -15.40
C GLY A 376 -3.14 14.62 -14.38
N GLY A 377 -2.19 14.27 -13.52
CA GLY A 377 -1.70 15.24 -12.60
C GLY A 377 -0.58 14.68 -11.76
N SER A 378 -0.50 15.12 -10.53
CA SER A 378 0.53 14.65 -9.65
C SER A 378 -0.03 14.62 -8.23
N ALA A 379 0.58 13.77 -7.38
CA ALA A 379 0.25 13.69 -5.96
C ALA A 379 1.42 14.34 -5.20
N ASP A 380 1.23 15.66 -5.30
CA ASP A 380 2.08 16.76 -4.81
C ASP A 380 3.54 16.78 -5.29
N LEU A 381 3.82 16.59 -6.60
CA LEU A 381 5.23 16.71 -7.04
C LEU A 381 5.37 17.25 -8.44
N THR A 382 4.44 18.11 -8.89
CA THR A 382 4.48 18.68 -10.25
C THR A 382 5.86 19.17 -10.73
N PRO A 383 6.63 19.85 -9.86
CA PRO A 383 8.01 20.21 -10.16
C PRO A 383 8.97 19.03 -10.30
N SER A 384 8.91 18.11 -9.34
CA SER A 384 9.79 16.95 -9.23
C SER A 384 9.58 15.87 -10.31
N ASN A 385 8.34 15.61 -10.66
CA ASN A 385 8.04 14.55 -11.61
C ASN A 385 8.03 15.03 -13.03
N LEU A 386 8.09 16.35 -13.25
CA LEU A 386 7.95 16.96 -14.59
C LEU A 386 6.76 16.33 -15.33
N THR A 387 5.63 16.80 -14.79
CA THR A 387 4.37 16.18 -15.11
C THR A 387 3.24 17.07 -15.65
N ARG A 388 3.47 18.33 -16.01
CA ARG A 388 2.38 19.18 -16.49
C ARG A 388 2.83 19.69 -17.85
N TRP A 389 1.88 20.13 -18.63
CA TRP A 389 2.22 20.72 -19.91
C TRP A 389 2.10 22.22 -19.71
N LYS A 390 2.98 23.01 -20.32
CA LYS A 390 3.00 24.46 -20.12
C LYS A 390 1.69 25.25 -20.32
N GLU A 391 0.84 24.82 -21.26
CA GLU A 391 -0.39 25.53 -21.62
C GLU A 391 -1.66 25.01 -20.91
N ALA A 392 -1.44 24.31 -19.78
CA ALA A 392 -2.49 23.70 -19.00
C ALA A 392 -3.35 24.65 -18.20
N LEU A 393 -4.41 24.07 -17.70
CA LEU A 393 -5.42 24.76 -16.91
C LEU A 393 -5.78 23.67 -15.94
N ASP A 394 -5.75 24.01 -14.67
CA ASP A 394 -6.03 23.00 -13.67
C ASP A 394 -7.50 22.58 -13.65
N PHE A 395 -7.80 21.31 -13.39
CA PHE A 395 -9.16 20.87 -13.11
C PHE A 395 -9.46 21.44 -11.70
N GLN A 396 -10.39 22.39 -11.57
CA GLN A 396 -10.69 23.03 -10.29
C GLN A 396 -12.10 23.56 -10.36
N PRO A 397 -12.81 23.87 -9.28
CA PRO A 397 -14.13 24.46 -9.33
C PRO A 397 -14.06 25.88 -9.81
N PRO A 398 -14.99 26.40 -10.62
CA PRO A 398 -14.91 27.75 -11.17
C PRO A 398 -14.73 28.83 -10.13
N SER A 399 -15.35 28.75 -8.97
CA SER A 399 -15.18 29.78 -7.96
C SER A 399 -13.75 29.93 -7.47
N SER A 400 -12.91 28.89 -7.59
CA SER A 400 -11.57 28.95 -7.09
C SER A 400 -10.79 30.05 -7.79
N GLY A 401 -11.07 30.29 -9.08
CA GLY A 401 -10.33 31.32 -9.81
C GLY A 401 -8.89 30.91 -10.09
N SER A 402 -8.65 29.60 -10.03
CA SER A 402 -7.35 29.01 -10.31
C SER A 402 -7.51 27.69 -11.04
N GLY A 403 -8.52 27.67 -11.91
CA GLY A 403 -8.82 26.54 -12.78
C GLY A 403 -10.32 26.48 -12.97
N ASN A 404 -10.81 25.55 -13.77
CA ASN A 404 -12.22 25.37 -13.95
C ASN A 404 -12.45 23.90 -14.23
N TYR A 405 -13.65 23.35 -14.28
CA TYR A 405 -13.84 21.92 -14.53
C TYR A 405 -13.40 21.39 -15.90
N SER A 406 -13.16 22.23 -16.92
CA SER A 406 -12.65 21.73 -18.19
C SER A 406 -11.14 21.57 -18.04
N GLY A 407 -10.48 22.00 -16.96
CA GLY A 407 -9.05 21.80 -16.87
C GLY A 407 -8.70 20.32 -16.96
N ARG A 408 -7.51 20.04 -17.46
CA ARG A 408 -7.03 18.68 -17.46
C ARG A 408 -5.80 18.43 -16.58
N TYR A 409 -5.32 19.37 -15.77
CA TYR A 409 -4.25 19.07 -14.87
C TYR A 409 -4.92 18.92 -13.52
N ILE A 410 -4.97 17.74 -12.97
CA ILE A 410 -5.56 17.54 -11.67
C ILE A 410 -4.42 17.72 -10.67
N ARG A 411 -4.66 18.34 -9.50
CA ARG A 411 -3.65 18.50 -8.44
C ARG A 411 -4.17 17.58 -7.35
N TYR A 412 -3.61 16.36 -7.16
CA TYR A 412 -4.14 15.43 -6.16
C TYR A 412 -3.61 15.67 -4.76
N GLY A 413 -2.59 16.52 -4.54
CA GLY A 413 -2.13 16.69 -3.17
C GLY A 413 -1.38 15.43 -2.78
N ILE A 414 -0.86 15.27 -1.58
CA ILE A 414 -0.11 14.09 -1.23
C ILE A 414 -1.12 12.98 -0.98
N ARG A 415 -1.78 12.43 -2.00
CA ARG A 415 -2.74 11.36 -1.78
C ARG A 415 -2.59 10.21 -2.79
N GLU A 416 -1.52 9.39 -2.67
CA GLU A 416 -1.26 8.33 -3.65
C GLU A 416 -2.33 7.26 -3.87
N HIS A 417 -2.89 6.62 -2.83
CA HIS A 417 -3.78 5.49 -3.07
C HIS A 417 -5.05 6.00 -3.71
N ALA A 418 -5.44 7.18 -3.23
CA ALA A 418 -6.64 7.79 -3.77
C ALA A 418 -6.44 8.19 -5.21
N MET A 419 -5.28 8.76 -5.55
CA MET A 419 -4.90 9.08 -6.92
C MET A 419 -5.02 7.83 -7.76
N GLY A 420 -4.46 6.75 -7.23
CA GLY A 420 -4.51 5.44 -7.86
C GLY A 420 -5.92 5.01 -8.21
N ALA A 421 -6.82 4.92 -7.22
CA ALA A 421 -8.20 4.52 -7.47
C ALA A 421 -9.06 5.58 -8.13
N ILE A 422 -8.81 6.89 -8.08
CA ILE A 422 -9.65 7.88 -8.77
C ILE A 422 -9.33 7.63 -10.23
N MET A 423 -8.02 7.42 -10.53
CA MET A 423 -7.59 7.14 -11.90
C MET A 423 -8.40 6.01 -12.47
N ASN A 424 -8.54 4.87 -11.79
CA ASN A 424 -9.46 3.84 -12.23
C ASN A 424 -10.88 4.31 -12.45
N GLY A 425 -11.45 5.21 -11.66
CA GLY A 425 -12.82 5.76 -11.91
C GLY A 425 -12.91 6.56 -13.23
N ILE A 426 -11.99 7.50 -13.47
CA ILE A 426 -11.91 8.34 -14.69
C ILE A 426 -11.87 7.45 -15.93
N SER A 427 -11.12 6.37 -15.76
CA SER A 427 -10.93 5.39 -16.78
C SER A 427 -12.21 4.63 -16.94
N ALA A 428 -12.83 4.20 -15.82
CA ALA A 428 -14.02 3.36 -15.90
C ALA A 428 -15.28 4.07 -16.34
N PHE A 429 -15.23 5.40 -16.46
CA PHE A 429 -16.31 6.28 -16.91
C PHE A 429 -16.65 6.03 -18.37
N GLY A 430 -15.65 6.17 -19.22
CA GLY A 430 -15.79 5.92 -20.64
C GLY A 430 -15.24 7.07 -21.46
N ALA A 431 -15.81 7.32 -22.65
CA ALA A 431 -15.42 8.43 -23.51
C ALA A 431 -13.92 8.60 -23.68
N ASN A 432 -13.36 7.43 -23.84
CA ASN A 432 -11.95 7.25 -24.06
C ASN A 432 -11.02 8.00 -23.13
N TYR A 433 -11.34 8.11 -21.84
CA TYR A 433 -10.49 8.86 -20.94
C TYR A 433 -9.15 8.19 -20.73
N LYS A 434 -8.08 8.96 -20.86
CA LYS A 434 -6.74 8.43 -20.68
C LYS A 434 -6.12 9.10 -19.49
N PRO A 435 -6.35 8.59 -18.28
CA PRO A 435 -5.78 9.16 -17.07
C PRO A 435 -4.36 8.74 -16.69
N TYR A 436 -3.60 9.66 -16.08
CA TYR A 436 -2.26 9.37 -15.55
C TYR A 436 -2.07 10.22 -14.29
N GLY A 437 -1.08 9.86 -13.49
CA GLY A 437 -0.76 10.57 -12.26
C GLY A 437 0.69 10.33 -11.98
N GLY A 438 1.37 11.36 -11.46
CA GLY A 438 2.80 11.28 -11.17
C GLY A 438 3.07 11.30 -9.67
N THR A 439 4.13 10.62 -9.30
CA THR A 439 4.61 10.45 -7.94
C THR A 439 6.08 9.98 -8.14
N PHE A 440 6.71 9.60 -7.01
CA PHE A 440 8.06 9.03 -6.95
C PHE A 440 7.84 7.54 -6.99
N LEU A 441 8.62 6.77 -7.69
CA LEU A 441 8.41 5.36 -7.83
C LEU A 441 8.28 4.71 -6.46
N ASN A 442 9.06 5.14 -5.44
CA ASN A 442 8.99 4.40 -4.20
C ASN A 442 7.62 4.43 -3.53
N PHE A 443 6.85 5.52 -3.72
CA PHE A 443 5.60 5.70 -3.03
C PHE A 443 4.43 5.21 -3.86
N VAL A 444 4.61 4.72 -5.10
CA VAL A 444 3.58 4.02 -5.81
C VAL A 444 3.18 2.80 -4.95
N SER A 445 4.07 2.30 -4.11
CA SER A 445 3.78 1.18 -3.24
C SER A 445 2.75 1.52 -2.15
N TYR A 446 2.55 2.80 -1.91
CA TYR A 446 1.50 3.25 -1.03
C TYR A 446 0.14 2.96 -1.69
N ALA A 447 0.14 2.94 -3.03
CA ALA A 447 -1.06 2.79 -3.83
C ALA A 447 -1.41 1.36 -4.21
N ALA A 448 -0.53 0.43 -3.89
CA ALA A 448 -0.67 -0.98 -4.20
C ALA A 448 -2.09 -1.58 -4.22
N GLY A 449 -3.04 -1.13 -3.37
CA GLY A 449 -4.38 -1.69 -3.37
C GLY A 449 -5.14 -1.32 -4.66
N ALA A 450 -4.92 -0.07 -5.09
CA ALA A 450 -5.60 0.42 -6.27
C ALA A 450 -4.88 -0.09 -7.51
N VAL A 451 -3.52 -0.17 -7.46
CA VAL A 451 -2.78 -0.60 -8.63
C VAL A 451 -3.18 -2.06 -8.93
N ARG A 452 -3.27 -2.97 -7.96
CA ARG A 452 -3.72 -4.33 -8.24
C ARG A 452 -5.09 -4.28 -8.86
N LEU A 453 -5.96 -3.33 -8.49
CA LEU A 453 -7.27 -3.40 -9.08
C LEU A 453 -7.25 -2.91 -10.52
N SER A 454 -6.38 -1.98 -10.93
CA SER A 454 -6.25 -1.60 -12.35
C SER A 454 -5.83 -2.80 -13.21
N ALA A 455 -5.01 -3.65 -12.63
CA ALA A 455 -4.58 -4.88 -13.25
C ALA A 455 -5.69 -5.91 -13.24
N LEU A 456 -6.42 -6.16 -12.13
CA LEU A 456 -7.41 -7.23 -12.13
C LEU A 456 -8.58 -6.92 -13.08
N SER A 457 -9.09 -5.70 -13.02
CA SER A 457 -10.16 -5.17 -13.84
C SER A 457 -9.77 -5.02 -15.29
N GLY A 458 -8.52 -4.57 -15.54
CA GLY A 458 -8.03 -4.25 -16.86
C GLY A 458 -8.30 -2.79 -17.18
N HIS A 459 -7.88 -1.84 -16.34
CA HIS A 459 -8.11 -0.41 -16.56
C HIS A 459 -6.78 0.23 -17.03
N PRO A 460 -6.65 0.87 -18.23
CA PRO A 460 -5.37 1.41 -18.73
C PRO A 460 -4.91 2.73 -18.13
N VAL A 461 -4.68 2.75 -16.82
CA VAL A 461 -4.22 4.00 -16.20
C VAL A 461 -2.68 4.02 -16.37
N ILE A 462 -2.04 5.19 -16.33
CA ILE A 462 -0.60 5.27 -16.48
C ILE A 462 -0.04 5.96 -15.26
N TRP A 463 0.92 5.29 -14.66
CA TRP A 463 1.64 5.82 -13.54
C TRP A 463 2.92 6.38 -14.06
N VAL A 464 3.17 7.66 -13.81
CA VAL A 464 4.41 8.28 -14.24
C VAL A 464 5.28 8.29 -12.98
N ALA A 465 6.02 7.19 -12.76
CA ALA A 465 6.78 7.00 -11.54
C ALA A 465 8.21 7.55 -11.59
N THR A 466 8.50 8.73 -11.10
CA THR A 466 9.84 9.26 -11.26
C THR A 466 10.75 8.77 -10.17
N HIS A 467 12.05 9.16 -10.12
CA HIS A 467 12.96 8.86 -9.02
C HIS A 467 13.01 7.37 -8.72
N ASP A 468 13.42 6.69 -9.78
CA ASP A 468 13.40 5.24 -9.88
C ASP A 468 14.50 4.42 -9.25
N SER A 469 15.50 5.03 -8.61
CA SER A 469 16.67 4.29 -8.14
C SER A 469 17.50 5.15 -7.22
N ILE A 470 18.61 4.53 -6.82
CA ILE A 470 19.66 5.19 -6.06
C ILE A 470 20.19 6.51 -6.64
N GLY A 471 19.87 6.79 -7.92
CA GLY A 471 20.18 8.05 -8.61
C GLY A 471 19.52 9.28 -7.98
N VAL A 472 18.56 8.98 -7.09
CA VAL A 472 17.89 9.94 -6.21
C VAL A 472 18.93 10.49 -5.25
N GLY A 473 19.83 9.61 -4.80
CA GLY A 473 21.02 9.97 -4.08
C GLY A 473 20.83 10.35 -2.64
N GLU A 474 21.01 11.65 -2.35
CA GLU A 474 20.99 12.19 -1.00
C GLU A 474 19.66 12.13 -0.25
N ASP A 475 18.51 11.76 -0.83
CA ASP A 475 17.31 11.57 -0.01
C ASP A 475 17.36 10.25 0.74
N GLY A 476 18.26 9.39 0.30
CA GLY A 476 18.56 8.22 1.07
C GLY A 476 17.57 7.12 0.84
N PRO A 477 17.64 6.07 1.69
CA PRO A 477 16.93 4.81 1.56
C PRO A 477 15.46 4.76 1.90
N THR A 478 14.94 5.74 2.61
CA THR A 478 13.52 5.78 2.80
C THR A 478 12.82 6.05 1.44
N HIS A 479 13.62 6.58 0.48
CA HIS A 479 13.20 7.02 -0.85
C HIS A 479 13.92 6.37 -2.05
N GLN A 480 14.70 5.30 -1.91
CA GLN A 480 15.38 4.66 -3.00
C GLN A 480 14.64 3.35 -3.17
N PRO A 481 13.84 3.09 -4.23
CA PRO A 481 13.15 1.83 -4.51
C PRO A 481 14.14 0.69 -4.60
N ILE A 482 13.90 -0.44 -3.93
CA ILE A 482 14.77 -1.60 -4.14
C ILE A 482 13.94 -2.74 -4.70
N GLU A 483 12.71 -2.90 -4.21
CA GLU A 483 11.86 -4.05 -4.48
C GLU A 483 10.67 -3.76 -5.42
N THR A 484 10.43 -2.47 -5.69
CA THR A 484 9.23 -1.98 -6.38
C THR A 484 8.84 -2.57 -7.73
N LEU A 485 9.79 -2.62 -8.65
CA LEU A 485 9.55 -3.20 -9.95
C LEU A 485 9.37 -4.69 -9.81
N ALA A 486 10.22 -5.42 -9.06
CA ALA A 486 10.09 -6.86 -8.82
C ALA A 486 8.68 -7.27 -8.44
N HIS A 487 8.20 -6.58 -7.41
CA HIS A 487 6.83 -6.68 -6.98
C HIS A 487 5.94 -6.51 -8.20
N PHE A 488 5.96 -5.37 -8.89
CA PHE A 488 4.95 -5.11 -9.90
C PHE A 488 5.11 -5.95 -11.13
N ARG A 489 6.27 -6.56 -11.27
CA ARG A 489 6.55 -7.51 -12.35
C ARG A 489 6.06 -8.93 -11.95
N SER A 490 5.47 -9.13 -10.77
CA SER A 490 4.86 -10.41 -10.40
C SER A 490 3.38 -10.22 -10.52
N LEU A 491 2.90 -8.97 -10.63
CA LEU A 491 1.48 -8.70 -10.78
C LEU A 491 1.00 -8.98 -12.22
N PRO A 492 0.05 -9.89 -12.49
CA PRO A 492 -0.42 -10.16 -13.85
C PRO A 492 -1.06 -8.93 -14.45
N ASN A 493 -0.99 -8.74 -15.75
CA ASN A 493 -1.56 -7.61 -16.49
C ASN A 493 -1.14 -6.18 -16.12
N ILE A 494 0.11 -5.92 -15.86
CA ILE A 494 0.54 -4.53 -15.74
C ILE A 494 1.90 -4.46 -16.46
N GLN A 495 2.14 -3.32 -17.14
CA GLN A 495 3.34 -3.09 -17.94
C GLN A 495 4.24 -2.24 -17.08
N VAL A 496 5.45 -2.67 -16.74
CA VAL A 496 6.30 -1.86 -15.90
C VAL A 496 7.45 -1.49 -16.80
N TRP A 497 7.26 -0.41 -17.53
CA TRP A 497 8.25 0.08 -18.47
C TRP A 497 9.40 0.65 -17.70
N ARG A 498 10.59 0.72 -18.24
CA ARG A 498 11.61 1.49 -17.60
C ARG A 498 12.47 2.05 -18.75
N PRO A 499 12.07 3.09 -19.48
CA PRO A 499 12.80 3.69 -20.59
C PRO A 499 14.18 4.16 -20.25
N ALA A 500 15.10 3.76 -21.15
CA ALA A 500 16.51 4.09 -21.07
C ALA A 500 16.88 5.34 -21.83
N ASP A 501 16.13 5.79 -22.84
CA ASP A 501 16.49 7.06 -23.47
C ASP A 501 15.26 7.62 -24.18
N GLY A 502 15.47 8.64 -25.02
CA GLY A 502 14.46 9.35 -25.73
C GLY A 502 13.49 8.46 -26.40
N ASN A 503 14.02 7.69 -27.32
CA ASN A 503 13.23 6.72 -28.07
C ASN A 503 12.58 5.64 -27.23
N GLU A 504 13.21 5.25 -26.09
CA GLU A 504 12.55 4.29 -25.20
C GLU A 504 11.44 4.90 -24.34
N VAL A 505 11.46 6.23 -24.10
CA VAL A 505 10.35 6.93 -23.46
C VAL A 505 9.22 6.99 -24.51
N SER A 506 9.34 7.48 -25.77
CA SER A 506 8.22 7.50 -26.71
C SER A 506 7.55 6.15 -26.97
N ALA A 507 8.25 5.02 -26.94
CA ALA A 507 7.61 3.72 -27.14
C ALA A 507 6.82 3.35 -25.89
N ALA A 508 7.38 3.72 -24.73
CA ALA A 508 6.74 3.51 -23.46
C ALA A 508 5.47 4.38 -23.50
N TYR A 509 5.45 5.67 -23.84
CA TYR A 509 4.16 6.34 -24.02
C TYR A 509 3.25 5.75 -25.12
N LYS A 510 3.66 5.44 -26.34
CA LYS A 510 2.76 4.87 -27.29
C LYS A 510 2.15 3.54 -26.87
N ASN A 511 2.80 2.50 -26.34
CA ASN A 511 2.08 1.28 -25.95
C ASN A 511 1.16 1.52 -24.76
N SER A 512 1.49 2.40 -23.81
CA SER A 512 0.64 2.62 -22.66
C SER A 512 -0.61 3.29 -23.17
N LEU A 513 -0.46 4.42 -23.89
CA LEU A 513 -1.60 5.16 -24.40
C LEU A 513 -2.40 4.37 -25.41
N GLU A 514 -1.83 3.38 -26.05
CA GLU A 514 -2.62 2.56 -26.97
C GLU A 514 -3.30 1.37 -26.30
N SER A 515 -2.93 1.11 -25.05
CA SER A 515 -3.44 -0.02 -24.34
C SER A 515 -4.92 0.17 -24.06
N LYS A 516 -5.65 -0.93 -24.21
CA LYS A 516 -7.05 -0.89 -23.89
C LYS A 516 -7.34 -1.72 -22.66
N HIS A 517 -6.41 -2.46 -22.05
CA HIS A 517 -6.73 -3.32 -20.90
C HIS A 517 -5.58 -3.49 -19.89
N THR A 518 -4.37 -3.07 -20.17
CA THR A 518 -3.30 -3.23 -19.23
C THR A 518 -2.99 -1.84 -18.69
N PRO A 519 -2.95 -1.63 -17.39
CA PRO A 519 -2.33 -0.49 -16.73
C PRO A 519 -0.86 -0.29 -17.03
N SER A 520 -0.18 0.79 -16.64
CA SER A 520 1.24 0.92 -16.92
C SER A 520 1.99 1.70 -15.86
N ILE A 521 3.26 1.40 -15.60
CA ILE A 521 4.08 2.17 -14.67
C ILE A 521 5.27 2.54 -15.52
N ILE A 522 5.63 3.79 -15.69
CA ILE A 522 6.79 4.14 -16.45
C ILE A 522 7.74 4.67 -15.38
N ALA A 523 8.86 3.97 -15.10
CA ALA A 523 9.82 4.41 -14.09
C ALA A 523 10.83 5.32 -14.77
N LEU A 524 11.11 6.49 -14.24
CA LEU A 524 11.87 7.46 -15.00
C LEU A 524 13.04 7.93 -14.19
N SER A 525 14.13 8.47 -14.75
CA SER A 525 15.34 8.75 -13.97
C SER A 525 15.37 10.14 -13.34
N ARG A 526 16.13 10.32 -12.25
CA ARG A 526 16.34 11.66 -11.72
C ARG A 526 17.47 12.28 -12.54
N GLN A 527 18.50 11.47 -12.73
CA GLN A 527 19.74 11.78 -13.41
C GLN A 527 19.70 11.75 -14.95
N ASN A 528 20.60 12.52 -15.53
CA ASN A 528 20.81 12.56 -16.96
C ASN A 528 21.34 11.26 -17.47
N LEU A 529 20.76 10.85 -18.57
CA LEU A 529 21.17 9.64 -19.21
C LEU A 529 21.33 10.05 -20.67
N PRO A 530 22.33 9.53 -21.39
CA PRO A 530 22.51 9.63 -22.83
C PRO A 530 21.55 8.82 -23.67
N GLN A 531 21.61 9.24 -24.93
CA GLN A 531 20.82 8.71 -26.00
C GLN A 531 21.66 7.58 -26.58
N LEU A 532 21.03 6.48 -26.99
CA LEU A 532 21.75 5.32 -27.44
C LEU A 532 21.79 5.14 -28.92
N GLU A 533 22.99 4.77 -29.32
CA GLU A 533 23.28 4.45 -30.68
C GLU A 533 22.63 3.07 -30.78
N GLY A 534 21.39 3.08 -31.30
CA GLY A 534 20.68 1.84 -31.51
C GLY A 534 19.21 1.81 -31.09
N SER A 535 18.79 2.64 -30.12
CA SER A 535 17.41 2.67 -29.66
C SER A 535 16.50 3.12 -30.75
N SER A 536 15.21 2.83 -30.75
CA SER A 536 14.28 3.34 -31.74
C SER A 536 12.90 3.04 -31.19
N ILE A 537 11.85 3.86 -31.45
CA ILE A 537 10.53 3.58 -30.90
C ILE A 537 10.08 2.18 -31.28
N GLU A 538 10.25 1.95 -32.56
CA GLU A 538 9.92 0.72 -33.23
C GLU A 538 10.50 -0.49 -32.48
N SER A 539 11.79 -0.60 -32.17
CA SER A 539 12.31 -1.73 -31.44
C SER A 539 11.90 -1.80 -30.00
N ALA A 540 11.80 -0.66 -29.30
CA ALA A 540 11.55 -0.65 -27.86
C ALA A 540 10.11 -1.05 -27.54
N SER A 541 9.25 -0.78 -28.52
CA SER A 541 7.88 -1.21 -28.56
C SER A 541 7.70 -2.71 -28.43
N LYS A 542 8.77 -3.47 -28.65
CA LYS A 542 8.71 -4.89 -28.52
C LYS A 542 8.97 -5.32 -27.10
N GLY A 543 9.40 -4.42 -26.19
CA GLY A 543 9.60 -4.73 -24.77
C GLY A 543 10.99 -5.26 -24.46
N GLY A 544 11.74 -5.72 -25.43
CA GLY A 544 13.12 -6.14 -25.28
C GLY A 544 13.68 -6.27 -26.70
N TYR A 545 14.89 -5.80 -26.95
CA TYR A 545 15.47 -5.89 -28.27
C TYR A 545 17.01 -5.86 -28.25
N VAL A 546 17.70 -6.35 -29.27
CA VAL A 546 19.16 -6.30 -29.26
C VAL A 546 19.59 -4.86 -29.53
N LEU A 547 20.30 -4.20 -28.61
CA LEU A 547 20.71 -2.81 -28.82
C LEU A 547 21.99 -2.81 -29.60
N GLN A 548 22.91 -3.71 -29.24
CA GLN A 548 24.24 -3.85 -29.85
C GLN A 548 24.52 -5.32 -30.01
N ASP A 549 24.82 -5.71 -31.24
CA ASP A 549 25.10 -7.10 -31.52
C ASP A 549 26.58 -7.28 -31.83
N VAL A 550 27.05 -8.52 -31.75
CA VAL A 550 28.42 -8.87 -32.08
C VAL A 550 28.21 -10.16 -32.83
N ALA A 551 29.11 -10.54 -33.71
CA ALA A 551 28.91 -11.87 -34.24
C ALA A 551 29.80 -12.70 -33.34
N ASN A 552 29.07 -13.69 -32.86
CA ASN A 552 29.55 -14.72 -31.93
C ASN A 552 30.01 -14.09 -30.62
N PRO A 553 29.09 -13.59 -29.76
CA PRO A 553 29.35 -13.12 -28.41
C PRO A 553 29.70 -14.13 -27.32
N ASP A 554 30.54 -13.60 -26.44
CA ASP A 554 30.99 -14.35 -25.29
C ASP A 554 29.96 -14.27 -24.18
N ILE A 555 29.20 -13.18 -24.16
CA ILE A 555 28.21 -12.94 -23.18
C ILE A 555 27.21 -11.97 -23.80
N ILE A 556 25.97 -12.03 -23.28
CA ILE A 556 24.85 -11.15 -23.61
C ILE A 556 24.60 -10.47 -22.27
N LEU A 557 24.44 -9.15 -22.27
CA LEU A 557 24.18 -8.37 -21.09
C LEU A 557 22.83 -7.77 -21.37
N VAL A 558 21.88 -8.01 -20.44
CA VAL A 558 20.52 -7.48 -20.49
C VAL A 558 20.44 -6.51 -19.32
N ALA A 559 19.96 -5.33 -19.64
CA ALA A 559 19.90 -4.26 -18.69
C ALA A 559 18.65 -3.49 -19.07
N THR A 560 18.16 -2.68 -18.11
CA THR A 560 17.00 -1.84 -18.25
C THR A 560 17.33 -0.42 -17.75
N GLY A 561 16.62 0.63 -18.20
CA GLY A 561 16.81 1.99 -17.73
C GLY A 561 18.26 2.44 -17.76
N SER A 562 18.76 3.12 -16.73
CA SER A 562 20.10 3.69 -16.71
C SER A 562 21.26 2.74 -16.91
N GLU A 563 21.00 1.47 -16.60
CA GLU A 563 21.99 0.42 -16.70
C GLU A 563 22.29 0.13 -18.14
N VAL A 564 21.41 0.39 -19.11
CA VAL A 564 21.70 0.10 -20.54
C VAL A 564 22.93 0.84 -20.97
N SER A 565 22.91 2.13 -20.67
CA SER A 565 23.99 3.08 -20.80
C SER A 565 25.28 2.50 -20.19
N LEU A 566 25.23 2.07 -18.93
CA LEU A 566 26.42 1.56 -18.22
C LEU A 566 26.98 0.32 -18.89
N SER A 567 26.05 -0.47 -19.42
CA SER A 567 26.34 -1.70 -20.08
C SER A 567 27.06 -1.51 -21.40
N VAL A 568 26.62 -0.56 -22.22
CA VAL A 568 27.28 -0.26 -23.47
C VAL A 568 28.75 0.09 -23.24
N GLU A 569 28.96 0.90 -22.22
CA GLU A 569 30.24 1.33 -21.74
C GLU A 569 31.07 0.17 -21.18
N ALA A 570 30.45 -0.76 -20.45
CA ALA A 570 31.13 -1.97 -19.99
C ALA A 570 31.51 -2.84 -21.18
N ALA A 571 30.70 -2.81 -22.26
CA ALA A 571 30.92 -3.56 -23.50
C ALA A 571 32.09 -3.01 -24.32
N LYS A 572 32.38 -1.71 -24.29
CA LYS A 572 33.63 -1.17 -24.84
C LYS A 572 34.85 -1.66 -24.02
N THR A 573 34.72 -1.73 -22.72
CA THR A 573 35.76 -2.27 -21.89
C THR A 573 35.99 -3.70 -22.27
N LEU A 574 35.00 -4.57 -22.26
CA LEU A 574 35.24 -5.97 -22.56
C LEU A 574 35.80 -6.15 -23.97
N ALA A 575 35.41 -5.28 -24.89
CA ALA A 575 35.85 -5.29 -26.27
C ALA A 575 37.33 -5.13 -26.40
N ALA A 576 37.84 -4.22 -25.60
CA ALA A 576 39.25 -3.98 -25.50
C ALA A 576 39.98 -5.20 -24.99
N LYS A 577 39.44 -6.14 -24.21
CA LYS A 577 40.20 -7.31 -23.75
C LYS A 577 39.78 -8.57 -24.49
N ASN A 578 39.23 -8.32 -25.69
CA ASN A 578 38.69 -9.29 -26.62
C ASN A 578 37.59 -10.23 -26.11
N ILE A 579 36.63 -9.61 -25.45
CA ILE A 579 35.41 -10.26 -25.05
C ILE A 579 34.40 -9.47 -25.89
N LYS A 580 33.50 -10.19 -26.55
CA LYS A 580 32.46 -9.63 -27.40
C LYS A 580 31.12 -9.78 -26.70
N ALA A 581 30.62 -8.64 -26.26
CA ALA A 581 29.37 -8.62 -25.56
C ALA A 581 28.29 -8.03 -26.48
N ARG A 582 27.16 -8.72 -26.48
CA ARG A 582 25.95 -8.25 -27.11
C ARG A 582 25.21 -7.51 -25.98
N VAL A 583 24.59 -6.34 -26.22
CA VAL A 583 23.84 -5.61 -25.18
C VAL A 583 22.37 -5.61 -25.57
N VAL A 584 21.48 -6.09 -24.71
CA VAL A 584 20.03 -6.17 -24.95
C VAL A 584 19.32 -5.24 -23.97
N SER A 585 18.44 -4.39 -24.47
CA SER A 585 17.74 -3.46 -23.61
C SER A 585 16.40 -4.11 -23.49
N LEU A 586 15.92 -4.36 -22.27
CA LEU A 586 14.61 -4.95 -22.03
C LEU A 586 13.61 -3.93 -21.39
N PRO A 587 13.09 -2.86 -22.03
CA PRO A 587 12.22 -1.87 -21.43
C PRO A 587 10.95 -2.30 -20.73
N ASP A 588 10.51 -3.54 -20.96
CA ASP A 588 9.30 -4.04 -20.33
C ASP A 588 9.09 -5.53 -20.49
N PHE A 589 9.20 -6.29 -19.40
CA PHE A 589 8.93 -7.73 -19.34
C PHE A 589 7.54 -8.12 -19.88
N PHE A 590 6.48 -7.33 -19.57
CA PHE A 590 5.12 -7.58 -20.07
C PHE A 590 5.04 -7.71 -21.59
N THR A 591 5.29 -6.57 -22.26
CA THR A 591 5.34 -6.42 -23.70
C THR A 591 6.28 -7.42 -24.36
N PHE A 592 7.40 -7.62 -23.67
CA PHE A 592 8.40 -8.52 -24.16
C PHE A 592 7.88 -9.97 -24.14
N ASP A 593 7.25 -10.45 -23.08
CA ASP A 593 6.71 -11.79 -23.00
C ASP A 593 5.52 -11.96 -23.95
N LYS A 594 4.86 -10.86 -24.30
CA LYS A 594 3.84 -10.89 -25.31
C LYS A 594 4.46 -11.18 -26.68
N GLN A 595 5.78 -11.07 -26.90
CA GLN A 595 6.34 -11.34 -28.20
C GLN A 595 6.28 -12.81 -28.53
N PRO A 596 6.38 -13.23 -29.80
CA PRO A 596 6.42 -14.65 -30.11
C PRO A 596 7.77 -15.20 -29.68
N LEU A 597 7.73 -16.43 -29.16
CA LEU A 597 8.89 -17.13 -28.61
C LEU A 597 10.12 -17.09 -29.50
N GLU A 598 9.93 -17.29 -30.79
CA GLU A 598 10.99 -17.23 -31.78
C GLU A 598 11.64 -15.85 -31.77
N TYR A 599 10.87 -14.77 -31.62
CA TYR A 599 11.45 -13.46 -31.51
C TYR A 599 12.21 -13.38 -30.18
N ARG A 600 11.60 -13.80 -29.08
CA ARG A 600 12.24 -13.65 -27.78
C ARG A 600 13.55 -14.40 -27.73
N LEU A 601 13.52 -15.68 -28.10
CA LEU A 601 14.70 -16.51 -28.23
C LEU A 601 15.70 -15.99 -29.26
N SER A 602 15.34 -15.13 -30.20
CA SER A 602 16.37 -14.57 -31.04
C SER A 602 17.08 -13.48 -30.26
N VAL A 603 16.44 -12.90 -29.24
CA VAL A 603 17.11 -11.90 -28.44
C VAL A 603 17.91 -12.62 -27.40
N LEU A 604 17.28 -13.52 -26.67
CA LEU A 604 17.93 -14.24 -25.59
C LEU A 604 18.16 -15.72 -25.92
N PRO A 605 19.28 -16.11 -26.57
CA PRO A 605 19.53 -17.45 -27.02
C PRO A 605 20.21 -18.46 -26.09
N ASP A 606 20.21 -19.68 -26.65
CA ASP A 606 20.84 -20.86 -26.10
C ASP A 606 22.31 -20.67 -26.32
N ASN A 607 23.07 -21.49 -25.61
CA ASN A 607 24.51 -21.48 -25.56
C ASN A 607 25.13 -20.06 -25.47
N VAL A 608 24.73 -19.15 -24.60
CA VAL A 608 25.47 -17.91 -24.40
C VAL A 608 25.19 -17.64 -22.94
N PRO A 609 26.15 -17.34 -22.05
CA PRO A 609 25.82 -16.83 -20.72
C PRO A 609 25.17 -15.45 -20.86
N ILE A 610 24.15 -15.25 -20.02
CA ILE A 610 23.38 -14.03 -20.09
C ILE A 610 23.47 -13.47 -18.69
N MET A 611 23.90 -12.23 -18.49
CA MET A 611 24.10 -11.65 -17.20
C MET A 611 23.35 -10.35 -17.32
N SER A 612 22.53 -10.02 -16.32
CA SER A 612 21.69 -8.83 -16.25
C SER A 612 22.24 -7.73 -15.36
N VAL A 613 22.02 -6.47 -15.72
CA VAL A 613 22.52 -5.34 -14.95
C VAL A 613 21.27 -4.51 -14.62
N GLU A 614 20.92 -4.46 -13.33
CA GLU A 614 19.82 -3.60 -12.87
C GLU A 614 20.00 -3.23 -11.40
N VAL A 615 20.06 -1.94 -11.04
CA VAL A 615 20.37 -1.49 -9.69
C VAL A 615 19.30 -1.78 -8.66
N LEU A 616 18.38 -2.68 -8.92
CA LEU A 616 17.34 -2.97 -7.98
C LEU A 616 17.39 -4.45 -7.68
N ALA A 617 16.37 -5.04 -7.05
CA ALA A 617 16.40 -6.42 -6.61
C ALA A 617 16.47 -7.42 -7.77
N THR A 618 17.47 -8.27 -7.61
CA THR A 618 17.77 -9.29 -8.58
C THR A 618 16.70 -10.35 -8.68
N THR A 619 15.84 -10.55 -7.67
CA THR A 619 14.89 -11.66 -7.69
C THR A 619 14.00 -11.83 -8.93
N CYS A 620 13.43 -10.85 -9.68
CA CYS A 620 12.68 -11.15 -10.93
C CYS A 620 13.54 -11.52 -12.20
N TRP A 621 14.90 -11.47 -12.13
CA TRP A 621 15.76 -11.68 -13.28
C TRP A 621 16.10 -13.09 -13.72
N GLY A 622 15.65 -14.03 -12.93
CA GLY A 622 15.89 -15.42 -13.19
C GLY A 622 15.16 -15.88 -14.40
N LYS A 623 14.13 -15.18 -14.86
CA LYS A 623 13.44 -15.61 -16.08
C LYS A 623 14.14 -15.10 -17.32
N TYR A 624 15.24 -14.36 -17.22
CA TYR A 624 15.96 -13.95 -18.40
C TYR A 624 17.48 -14.16 -18.34
N ALA A 625 18.08 -14.20 -17.17
CA ALA A 625 19.53 -14.32 -17.09
C ALA A 625 20.01 -15.60 -16.47
N HIS A 626 21.31 -15.81 -16.52
CA HIS A 626 21.98 -16.91 -15.84
C HIS A 626 22.59 -16.35 -14.51
N GLN A 627 23.21 -15.17 -14.54
CA GLN A 627 23.79 -14.55 -13.37
C GLN A 627 23.25 -13.13 -13.35
N SER A 628 23.08 -12.38 -12.24
CA SER A 628 22.50 -11.02 -12.27
C SER A 628 23.26 -10.09 -11.33
N PHE A 629 23.51 -8.85 -11.75
CA PHE A 629 24.23 -7.85 -10.99
C PHE A 629 23.10 -6.91 -10.65
N GLY A 630 22.83 -6.67 -9.36
CA GLY A 630 21.72 -5.87 -8.91
C GLY A 630 21.92 -5.50 -7.48
N ILE A 631 21.03 -4.81 -6.78
CA ILE A 631 21.24 -4.40 -5.43
C ILE A 631 20.17 -5.12 -4.63
N ASP A 632 20.50 -6.05 -3.75
CA ASP A 632 19.49 -6.65 -2.86
C ASP A 632 19.58 -6.17 -1.39
N ARG A 633 19.92 -4.90 -1.15
CA ARG A 633 20.03 -4.36 0.19
C ARG A 633 19.50 -2.95 0.06
N PHE A 634 19.25 -2.18 1.12
CA PHE A 634 18.64 -0.88 0.87
C PHE A 634 19.71 0.16 0.54
N GLY A 635 19.33 1.36 0.10
CA GLY A 635 20.30 2.31 -0.44
C GLY A 635 21.07 3.06 0.61
N ALA A 636 21.50 4.24 0.22
CA ALA A 636 22.41 5.06 1.00
C ALA A 636 22.22 6.53 0.66
N SER A 637 22.36 7.44 1.62
CA SER A 637 22.17 8.86 1.33
C SER A 637 23.49 9.51 0.99
N GLY A 638 23.85 9.64 -0.28
CA GLY A 638 25.08 10.34 -0.62
C GLY A 638 24.94 10.92 -2.00
N LYS A 639 25.86 11.70 -2.58
CA LYS A 639 25.73 12.15 -3.94
C LYS A 639 25.60 10.87 -4.76
N ALA A 640 24.63 10.87 -5.68
CA ALA A 640 24.29 9.72 -6.50
C ALA A 640 25.47 9.05 -7.18
N PRO A 641 26.48 9.73 -7.76
CA PRO A 641 27.58 9.07 -8.45
C PRO A 641 28.37 8.25 -7.47
N GLU A 642 28.38 8.70 -6.23
CA GLU A 642 29.12 8.02 -5.20
C GLU A 642 28.30 6.81 -4.75
N VAL A 643 26.98 6.90 -4.79
CA VAL A 643 26.15 5.77 -4.39
C VAL A 643 26.35 4.64 -5.39
N PHE A 644 26.29 4.90 -6.73
CA PHE A 644 26.51 3.90 -7.77
C PHE A 644 27.89 3.28 -7.68
N LYS A 645 28.95 4.08 -7.54
CA LYS A 645 30.30 3.57 -7.33
C LYS A 645 30.43 2.75 -6.06
N PHE A 646 29.75 3.18 -4.97
CA PHE A 646 29.74 2.47 -3.71
C PHE A 646 29.13 1.11 -3.95
N PHE A 647 28.06 1.01 -4.75
CA PHE A 647 27.45 -0.27 -4.99
C PHE A 647 28.17 -1.12 -6.09
N GLY A 648 29.02 -0.50 -6.93
CA GLY A 648 29.81 -1.24 -7.91
C GLY A 648 29.35 -1.01 -9.32
N PHE A 649 28.33 -0.19 -9.52
CA PHE A 649 27.81 -0.05 -10.85
C PHE A 649 28.59 1.03 -11.53
N THR A 650 29.63 0.47 -12.15
CA THR A 650 30.67 1.15 -12.89
C THR A 650 31.00 0.37 -14.16
N PRO A 651 31.57 0.90 -15.29
CA PRO A 651 31.75 0.18 -16.54
C PRO A 651 32.65 -0.99 -16.20
N GLU A 652 33.78 -0.71 -15.62
CA GLU A 652 34.63 -1.79 -15.24
C GLU A 652 34.05 -2.72 -14.19
N GLY A 653 33.16 -2.30 -13.28
CA GLY A 653 32.55 -3.18 -12.28
C GLY A 653 31.62 -4.22 -12.95
N VAL A 654 30.77 -3.75 -13.87
CA VAL A 654 29.97 -4.65 -14.68
C VAL A 654 30.89 -5.60 -15.49
N ALA A 655 31.85 -5.03 -16.19
CA ALA A 655 32.79 -5.77 -17.01
C ALA A 655 33.49 -6.95 -16.31
N GLU A 656 34.03 -6.66 -15.11
CA GLU A 656 34.67 -7.62 -14.21
C GLU A 656 33.76 -8.80 -13.94
N ARG A 657 32.47 -8.55 -13.71
CA ARG A 657 31.47 -9.56 -13.44
C ARG A 657 31.08 -10.27 -14.69
N ALA A 658 31.06 -9.59 -15.83
CA ALA A 658 30.84 -10.27 -17.10
C ALA A 658 31.97 -11.29 -17.29
N GLN A 659 33.22 -10.90 -17.05
CA GLN A 659 34.34 -11.81 -17.10
C GLN A 659 34.19 -12.96 -16.17
N LYS A 660 33.90 -12.72 -14.90
CA LYS A 660 33.71 -13.80 -13.96
C LYS A 660 32.60 -14.74 -14.45
N THR A 661 31.46 -14.30 -15.01
CA THR A 661 30.43 -15.22 -15.53
C THR A 661 30.95 -16.02 -16.74
N ILE A 662 31.71 -15.45 -17.70
CA ILE A 662 32.27 -16.21 -18.82
C ILE A 662 33.13 -17.35 -18.25
N ALA A 663 34.00 -17.02 -17.29
CA ALA A 663 34.92 -17.97 -16.69
C ALA A 663 34.18 -19.10 -15.97
N PHE A 664 33.15 -18.71 -15.24
CA PHE A 664 32.33 -19.61 -14.48
C PHE A 664 31.73 -20.72 -15.33
N TYR A 665 31.35 -20.34 -16.55
CA TYR A 665 30.62 -21.21 -17.49
C TYR A 665 31.40 -21.78 -18.69
N LYS A 666 32.64 -21.34 -18.95
CA LYS A 666 33.44 -21.88 -20.05
C LYS A 666 33.43 -23.41 -20.05
N GLY A 667 33.05 -23.98 -21.18
CA GLY A 667 33.03 -25.42 -21.29
C GLY A 667 31.67 -26.04 -20.96
N ASP A 668 30.69 -25.28 -20.48
CA ASP A 668 29.37 -25.84 -20.29
C ASP A 668 28.54 -25.44 -21.46
N LYS A 669 27.38 -26.11 -21.64
CA LYS A 669 26.44 -25.67 -22.66
C LYS A 669 25.32 -24.98 -21.89
N LEU A 670 24.66 -23.93 -22.39
CA LEU A 670 23.69 -23.24 -21.55
C LEU A 670 22.34 -23.15 -22.28
N ILE A 671 21.20 -23.57 -21.69
CA ILE A 671 19.85 -23.50 -22.25
C ILE A 671 19.42 -22.05 -22.01
N SER A 672 18.68 -21.40 -22.90
CA SER A 672 18.17 -20.05 -22.62
C SER A 672 17.19 -20.11 -21.45
N PRO A 673 17.05 -19.08 -20.59
CA PRO A 673 16.17 -19.13 -19.45
C PRO A 673 14.71 -19.17 -19.87
N LEU A 674 14.43 -18.66 -21.09
CA LEU A 674 13.06 -18.60 -21.60
C LEU A 674 12.42 -19.96 -21.81
N LYS A 675 13.27 -20.95 -22.14
CA LYS A 675 12.82 -22.30 -22.40
C LYS A 675 12.26 -23.02 -21.19
N LYS A 676 11.06 -23.58 -21.30
CA LYS A 676 10.49 -24.31 -20.19
C LYS A 676 9.96 -25.66 -20.61
N ALA A 677 9.89 -26.55 -19.63
CA ALA A 677 9.61 -27.97 -19.81
C ALA A 677 8.18 -28.40 -19.93
N PHE A 678 7.28 -27.56 -19.44
CA PHE A 678 5.84 -27.71 -19.47
C PHE A 678 5.32 -26.27 -19.45
N GLN B 1 8.15 31.34 30.92
CA GLN B 1 8.84 32.60 31.13
C GLN B 1 10.08 32.41 30.26
N PHE B 2 10.39 33.27 29.29
CA PHE B 2 11.52 33.03 28.43
C PHE B 2 12.25 34.33 28.39
N THR B 3 13.54 34.20 28.03
CA THR B 3 14.45 35.32 28.22
C THR B 3 15.28 35.51 26.98
N ASP B 4 16.22 36.43 27.08
CA ASP B 4 17.10 36.73 25.97
C ASP B 4 17.89 35.53 25.50
N ILE B 5 18.25 34.61 26.39
CA ILE B 5 18.99 33.43 25.96
C ILE B 5 18.07 32.42 25.25
N ASP B 6 16.80 32.38 25.66
CA ASP B 6 15.90 31.52 24.98
C ASP B 6 15.73 32.14 23.64
N LYS B 7 15.72 33.44 23.44
CA LYS B 7 15.58 33.96 22.10
C LYS B 7 16.92 33.78 21.41
N LEU B 8 18.08 33.72 22.06
CA LEU B 8 19.32 33.43 21.36
C LEU B 8 19.38 31.95 21.01
N ALA B 9 18.88 30.97 21.80
CA ALA B 9 18.96 29.56 21.41
C ALA B 9 18.18 29.29 20.12
N VAL B 10 16.97 29.86 20.00
CA VAL B 10 16.06 29.73 18.87
C VAL B 10 16.79 30.20 17.63
N SER B 11 17.54 31.31 17.70
CA SER B 11 18.34 31.83 16.58
C SER B 11 19.46 30.88 16.21
N THR B 12 20.23 30.46 17.21
CA THR B 12 21.25 29.44 17.00
C THR B 12 20.70 28.17 16.30
N ILE B 13 19.50 27.65 16.59
CA ILE B 13 18.93 26.48 15.94
C ILE B 13 18.57 26.80 14.50
N ARG B 14 18.05 28.00 14.29
CA ARG B 14 17.61 28.40 12.97
C ARG B 14 18.76 28.45 12.02
N ILE B 15 19.85 29.07 12.47
CA ILE B 15 20.99 29.20 11.61
C ILE B 15 21.83 27.93 11.49
N LEU B 16 21.93 27.06 12.49
CA LEU B 16 22.64 25.81 12.34
C LEU B 16 21.95 24.95 11.29
N ALA B 17 20.60 24.90 11.29
CA ALA B 17 19.83 24.11 10.33
C ALA B 17 20.07 24.54 8.88
N VAL B 18 20.03 25.87 8.71
CA VAL B 18 20.34 26.57 7.47
C VAL B 18 21.74 26.23 7.03
N ASP B 19 22.75 26.31 7.89
CA ASP B 19 24.10 25.89 7.53
C ASP B 19 24.32 24.41 7.25
N THR B 20 23.73 23.49 8.00
CA THR B 20 23.73 22.06 7.69
C THR B 20 23.10 21.86 6.30
N VAL B 21 22.13 22.68 5.88
CA VAL B 21 21.57 22.47 4.56
C VAL B 21 22.44 23.04 3.48
N SER B 22 22.83 24.29 3.57
CA SER B 22 23.62 24.87 2.49
C SER B 22 25.00 24.19 2.25
N LYS B 23 25.69 23.72 3.28
CA LYS B 23 26.90 22.90 3.16
C LYS B 23 26.60 21.65 2.32
N ALA B 24 25.47 20.97 2.55
CA ALA B 24 25.10 19.76 1.83
C ALA B 24 24.65 20.07 0.41
N ASN B 25 24.08 21.27 0.27
CA ASN B 25 23.53 21.81 -0.95
C ASN B 25 22.49 20.86 -1.51
N SER B 26 21.77 20.32 -0.54
CA SER B 26 20.70 19.38 -0.77
C SER B 26 19.91 19.51 0.53
N GLY B 27 18.60 19.73 0.55
CA GLY B 27 17.89 19.79 1.81
C GLY B 27 16.68 20.67 1.78
N HIS B 28 15.86 20.55 2.80
CA HIS B 28 14.62 21.29 2.87
C HIS B 28 14.92 22.17 4.06
N PRO B 29 14.94 23.48 3.87
CA PRO B 29 15.33 24.40 4.97
C PRO B 29 14.23 25.09 5.76
N GLY B 30 13.12 25.28 5.06
CA GLY B 30 12.00 26.02 5.58
C GLY B 30 11.28 25.56 6.84
N ALA B 31 10.98 24.26 6.93
CA ALA B 31 10.32 23.80 8.14
C ALA B 31 11.28 23.90 9.32
N PRO B 32 12.60 23.56 9.27
CA PRO B 32 13.55 23.93 10.32
C PRO B 32 13.48 25.39 10.75
N LEU B 33 13.56 26.35 9.84
CA LEU B 33 13.48 27.75 10.18
C LEU B 33 12.14 28.08 10.82
N GLY B 34 11.06 27.58 10.22
CA GLY B 34 9.73 27.89 10.71
C GLY B 34 9.39 27.38 12.11
N MET B 35 9.81 26.15 12.37
CA MET B 35 9.53 25.43 13.60
C MET B 35 10.55 25.60 14.72
N ALA B 36 11.70 26.27 14.54
CA ALA B 36 12.69 26.39 15.59
C ALA B 36 12.21 26.85 16.95
N PRO B 37 11.26 27.83 17.10
CA PRO B 37 10.70 28.22 18.40
C PRO B 37 10.04 27.03 19.11
N ALA B 38 9.05 26.43 18.44
CA ALA B 38 8.32 25.26 18.90
C ALA B 38 9.25 24.16 19.37
N ALA B 39 10.29 23.84 18.61
CA ALA B 39 11.32 22.85 18.97
C ALA B 39 12.06 23.21 20.26
N HIS B 40 12.57 24.44 20.33
CA HIS B 40 13.23 24.92 21.54
C HIS B 40 12.37 24.72 22.81
N VAL B 41 11.15 25.25 22.76
CA VAL B 41 10.19 25.17 23.84
C VAL B 41 9.80 23.73 24.12
N LEU B 42 9.42 22.88 23.17
CA LEU B 42 9.04 21.52 23.50
C LEU B 42 10.22 20.76 24.10
N TRP B 43 11.39 20.82 23.45
CA TRP B 43 12.51 20.06 23.95
C TRP B 43 12.86 20.54 25.33
N SER B 44 12.62 21.80 25.73
CA SER B 44 12.98 22.20 27.08
C SER B 44 12.15 21.62 28.18
N GLN B 45 10.91 21.21 27.96
CA GLN B 45 10.11 20.64 29.04
C GLN B 45 10.08 19.11 28.90
N MET B 46 11.11 18.53 28.29
CA MET B 46 11.08 17.09 28.10
C MET B 46 11.95 16.37 29.12
N ARG B 47 11.41 15.26 29.62
CA ARG B 47 12.13 14.46 30.58
C ARG B 47 12.91 13.55 29.66
N MET B 48 14.20 13.79 29.47
CA MET B 48 15.02 12.96 28.59
C MET B 48 16.45 13.07 29.11
N ASN B 49 17.28 12.06 28.86
CA ASN B 49 18.67 12.05 29.31
C ASN B 49 19.53 11.84 28.08
N PRO B 50 20.16 12.88 27.58
CA PRO B 50 20.90 12.82 26.33
C PRO B 50 22.05 11.83 26.41
N THR B 51 22.51 11.58 27.62
CA THR B 51 23.51 10.58 28.01
C THR B 51 23.06 9.12 27.96
N ASN B 52 21.75 8.85 28.16
CA ASN B 52 21.21 7.51 28.12
C ASN B 52 19.91 7.46 27.29
N PRO B 53 20.06 7.52 25.96
CA PRO B 53 18.95 7.66 25.01
C PRO B 53 17.92 6.55 25.01
N ASP B 54 18.18 5.51 25.80
CA ASP B 54 17.36 4.33 25.84
C ASP B 54 16.61 4.29 27.11
N TRP B 55 16.66 5.35 27.91
CA TRP B 55 15.97 5.32 29.19
C TRP B 55 14.52 5.06 28.88
N ILE B 56 13.97 3.99 29.48
CA ILE B 56 12.59 3.60 29.19
C ILE B 56 11.57 4.73 29.42
N ASN B 57 11.68 5.66 30.40
CA ASN B 57 10.63 6.67 30.70
C ASN B 57 10.95 8.07 30.19
N ARG B 58 11.67 8.13 29.11
CA ARG B 58 12.05 9.39 28.50
C ARG B 58 10.82 9.90 27.77
N ASP B 59 10.46 11.19 27.79
CA ASP B 59 9.43 11.75 26.89
C ASP B 59 9.94 11.53 25.46
N ARG B 60 9.10 10.96 24.58
CA ARG B 60 9.49 10.56 23.23
C ARG B 60 9.15 11.60 22.20
N PHE B 61 10.06 11.94 21.31
CA PHE B 61 9.80 12.94 20.27
C PHE B 61 9.69 12.20 18.95
N VAL B 62 8.75 12.46 18.06
CA VAL B 62 8.78 11.83 16.76
C VAL B 62 8.64 12.93 15.70
N LEU B 63 9.60 13.12 14.78
CA LEU B 63 9.42 14.15 13.74
C LEU B 63 8.70 13.48 12.56
N SER B 64 7.36 13.44 12.54
CA SER B 64 6.66 12.73 11.47
C SER B 64 6.98 13.36 10.16
N ASN B 65 7.15 14.68 10.04
CA ASN B 65 7.60 15.25 8.79
C ASN B 65 9.14 15.22 8.66
N GLY B 66 9.65 13.98 8.54
CA GLY B 66 11.06 13.57 8.48
C GLY B 66 11.98 14.45 7.67
N HIS B 67 11.43 15.09 6.63
CA HIS B 67 12.23 15.93 5.75
C HIS B 67 12.78 17.18 6.42
N ALA B 68 12.25 17.52 7.59
CA ALA B 68 12.70 18.63 8.39
C ALA B 68 13.86 18.13 9.27
N VAL B 69 14.51 16.99 9.00
CA VAL B 69 15.63 16.45 9.77
C VAL B 69 16.75 17.43 10.15
N ALA B 70 17.08 18.49 9.40
CA ALA B 70 18.12 19.43 9.81
C ALA B 70 17.80 20.10 11.18
N LEU B 71 16.52 20.35 11.50
CA LEU B 71 16.13 20.84 12.79
C LEU B 71 16.39 19.70 13.74
N LEU B 72 16.07 18.45 13.44
CA LEU B 72 16.29 17.41 14.43
C LEU B 72 17.76 17.27 14.70
N TYR B 73 18.64 17.16 13.71
CA TYR B 73 20.07 17.01 13.98
C TYR B 73 20.61 18.25 14.73
N SER B 74 20.13 19.47 14.48
CA SER B 74 20.53 20.60 15.27
C SER B 74 20.10 20.41 16.71
N MET B 75 18.84 20.04 17.01
CA MET B 75 18.40 19.86 18.38
C MET B 75 19.23 18.82 19.10
N LEU B 76 19.34 17.58 18.55
CA LEU B 76 20.12 16.49 19.15
C LEU B 76 21.57 16.88 19.50
N HIS B 77 22.26 17.60 18.62
CA HIS B 77 23.58 18.07 18.91
C HIS B 77 23.58 19.07 20.07
N LEU B 78 22.82 20.15 19.98
CA LEU B 78 22.83 21.23 20.95
C LEU B 78 22.46 20.79 22.34
N THR B 79 21.53 19.84 22.53
CA THR B 79 21.10 19.31 23.82
C THR B 79 22.02 18.25 24.45
N GLY B 80 23.11 17.92 23.75
CA GLY B 80 24.13 17.00 24.21
C GLY B 80 24.04 15.55 23.81
N TYR B 81 23.41 15.21 22.70
CA TYR B 81 23.42 13.84 22.29
C TYR B 81 24.71 13.64 21.49
N ASP B 82 25.02 12.42 21.01
CA ASP B 82 26.25 12.14 20.24
C ASP B 82 26.15 12.64 18.80
N LEU B 83 26.43 13.90 18.52
CA LEU B 83 26.37 14.35 17.15
C LEU B 83 27.18 15.59 17.27
N SER B 84 28.19 15.73 16.45
CA SER B 84 29.03 16.88 16.53
C SER B 84 28.79 17.75 15.30
N ILE B 85 29.34 18.96 15.28
CA ILE B 85 29.32 19.83 14.11
C ILE B 85 29.96 19.06 12.94
N GLU B 86 30.84 18.10 13.17
CA GLU B 86 31.44 17.37 12.08
C GLU B 86 30.42 16.47 11.45
N ASP B 87 29.62 15.76 12.22
CA ASP B 87 28.62 14.90 11.62
C ASP B 87 27.66 15.85 10.94
N LEU B 88 27.38 17.05 11.52
CA LEU B 88 26.48 17.98 10.87
C LEU B 88 27.10 18.41 9.55
N LYS B 89 28.42 18.65 9.52
CA LYS B 89 29.05 19.05 8.28
C LYS B 89 29.16 17.91 7.26
N GLN B 90 28.77 16.65 7.49
CA GLN B 90 28.67 15.69 6.40
C GLN B 90 27.23 15.17 6.27
N PHE B 91 26.26 16.06 6.39
CA PHE B 91 24.84 15.75 6.26
C PHE B 91 24.71 15.31 4.82
N ARG B 92 23.79 14.40 4.52
CA ARG B 92 23.50 13.89 3.16
C ARG B 92 24.64 13.29 2.29
N GLN B 93 25.81 13.10 2.87
CA GLN B 93 26.99 12.59 2.17
C GLN B 93 27.18 11.13 2.47
N LEU B 94 27.63 10.44 1.44
CA LEU B 94 27.82 8.99 1.51
C LEU B 94 28.56 8.50 2.76
N GLY B 95 27.87 7.83 3.68
CA GLY B 95 28.51 7.23 4.85
C GLY B 95 28.44 8.02 6.17
N SER B 96 27.85 9.23 6.21
CA SER B 96 27.84 9.98 7.45
C SER B 96 26.81 9.45 8.44
N ARG B 97 26.88 10.02 9.65
CA ARG B 97 25.91 9.70 10.67
C ARG B 97 24.66 10.54 10.46
N THR B 98 24.72 11.52 9.56
CA THR B 98 23.66 12.43 9.20
C THR B 98 22.98 12.24 7.81
N PRO B 99 22.25 11.13 7.57
CA PRO B 99 21.46 10.98 6.36
C PRO B 99 20.45 12.11 6.15
N GLY B 100 19.84 12.03 4.96
CA GLY B 100 18.88 13.02 4.50
C GLY B 100 17.46 12.84 5.01
N HIS B 101 17.22 11.85 5.87
CA HIS B 101 15.94 11.63 6.55
C HIS B 101 16.40 10.87 7.78
N PRO B 102 15.79 11.07 8.93
CA PRO B 102 16.20 10.36 10.12
C PRO B 102 16.13 8.81 10.02
N GLU B 103 17.00 8.04 10.66
CA GLU B 103 16.92 6.58 10.67
C GLU B 103 16.99 6.15 12.11
N PHE B 104 16.07 5.29 12.50
CA PHE B 104 15.91 4.73 13.83
C PHE B 104 17.22 4.37 14.55
N GLU B 105 18.14 3.93 13.71
CA GLU B 105 19.45 3.43 14.08
C GLU B 105 20.35 4.46 14.80
N LEU B 106 19.96 5.71 14.90
CA LEU B 106 20.72 6.73 15.55
C LEU B 106 20.14 7.01 16.94
N PRO B 107 21.03 7.20 17.92
CA PRO B 107 20.82 7.90 19.19
C PRO B 107 20.00 9.17 19.16
N GLY B 108 18.81 9.06 19.76
CA GLY B 108 17.89 10.15 19.89
C GLY B 108 16.90 10.13 18.75
N VAL B 109 17.05 9.24 17.78
CA VAL B 109 16.14 9.12 16.68
C VAL B 109 15.60 7.73 17.01
N GLU B 110 14.27 7.96 17.20
CA GLU B 110 13.23 7.05 17.73
C GLU B 110 12.61 6.10 16.73
N VAL B 111 12.47 6.66 15.53
CA VAL B 111 11.89 5.99 14.36
C VAL B 111 12.44 6.65 13.09
N THR B 112 12.52 5.87 11.99
CA THR B 112 12.86 6.32 10.63
C THR B 112 11.62 7.00 10.04
N THR B 113 11.67 8.29 9.71
CA THR B 113 10.52 8.93 9.11
C THR B 113 11.02 9.54 7.85
N GLY B 114 10.11 9.98 7.01
CA GLY B 114 10.47 10.49 5.72
C GLY B 114 9.27 10.31 4.86
N PRO B 115 8.83 9.06 4.57
CA PRO B 115 7.51 8.73 4.01
C PRO B 115 6.45 9.39 4.89
N LEU B 116 5.58 10.14 4.25
CA LEU B 116 4.61 10.91 5.02
C LEU B 116 3.57 10.00 5.65
N GLY B 117 3.03 10.50 6.75
CA GLY B 117 1.99 9.78 7.47
C GLY B 117 2.53 8.65 8.33
N GLN B 118 3.81 8.35 8.22
CA GLN B 118 4.42 7.29 9.01
C GLN B 118 4.76 7.64 10.46
N GLY B 119 5.41 8.78 10.79
CA GLY B 119 5.76 9.13 12.16
C GLY B 119 4.59 9.34 13.14
N ILE B 120 3.54 10.10 12.82
CA ILE B 120 2.34 10.24 13.66
C ILE B 120 1.72 8.87 13.97
N SER B 121 1.46 7.98 12.99
CA SER B 121 0.94 6.62 13.20
C SER B 121 1.83 5.81 14.13
N ASN B 122 3.15 6.02 14.02
CA ASN B 122 4.16 5.43 14.89
C ASN B 122 4.03 5.94 16.31
N ALA B 123 3.91 7.23 16.45
CA ALA B 123 3.70 7.79 17.76
C ALA B 123 2.42 7.21 18.36
N VAL B 124 1.33 6.86 17.63
CA VAL B 124 0.15 6.29 18.27
C VAL B 124 0.55 4.97 18.87
N GLY B 125 1.43 4.22 18.24
CA GLY B 125 1.89 2.94 18.78
C GLY B 125 2.70 3.15 20.05
N MET B 126 3.61 4.12 20.05
CA MET B 126 4.44 4.44 21.21
C MET B 126 3.56 4.83 22.40
N ALA B 127 2.45 5.56 22.18
CA ALA B 127 1.54 5.89 23.27
C ALA B 127 0.77 4.66 23.71
N MET B 128 0.34 3.74 22.83
CA MET B 128 -0.36 2.54 23.24
C MET B 128 0.55 1.71 24.09
N ALA B 129 1.78 1.44 23.64
CA ALA B 129 2.72 0.69 24.45
C ALA B 129 2.99 1.34 25.82
N GLN B 130 3.02 2.68 25.94
CA GLN B 130 3.30 3.30 27.21
C GLN B 130 2.20 2.99 28.25
N ALA B 131 1.01 3.17 27.70
CA ALA B 131 -0.20 2.95 28.41
C ALA B 131 -0.27 1.51 28.83
N ASN B 132 0.10 0.53 28.01
CA ASN B 132 0.06 -0.81 28.51
C ASN B 132 1.12 -1.03 29.60
N LEU B 133 2.39 -0.61 29.41
CA LEU B 133 3.48 -0.78 30.37
C LEU B 133 3.06 -0.23 31.74
N ALA B 134 2.52 0.99 31.77
CA ALA B 134 2.12 1.61 33.02
C ALA B 134 0.98 0.87 33.70
N ALA B 135 -0.03 0.44 32.95
CA ALA B 135 -1.10 -0.31 33.52
C ALA B 135 -0.62 -1.68 34.01
N THR B 136 0.44 -2.23 33.46
CA THR B 136 0.93 -3.53 33.88
C THR B 136 1.90 -3.56 35.09
N TYR B 137 2.80 -2.59 35.24
CA TYR B 137 3.83 -2.64 36.28
C TYR B 137 3.71 -1.56 37.33
N ASN B 138 3.02 -0.45 37.00
CA ASN B 138 2.92 0.66 37.92
C ASN B 138 2.10 0.20 39.06
N LYS B 139 2.73 0.31 40.21
CA LYS B 139 2.14 -0.06 41.48
C LYS B 139 2.26 1.16 42.40
N PRO B 140 1.53 1.34 43.48
CA PRO B 140 1.48 2.59 44.20
C PRO B 140 2.79 2.93 44.91
N GLY B 141 3.25 4.15 44.64
CA GLY B 141 4.55 4.63 45.16
C GLY B 141 5.68 4.39 44.13
N PHE B 142 5.39 3.57 43.12
CA PHE B 142 6.32 3.20 42.11
C PHE B 142 5.69 3.55 40.76
N THR B 143 5.60 4.83 40.34
CA THR B 143 5.24 5.15 38.95
C THR B 143 6.52 4.98 38.12
N LEU B 144 6.60 3.81 37.51
CA LEU B 144 7.74 3.55 36.69
C LEU B 144 7.57 4.12 35.30
N SER B 145 6.30 4.27 34.98
CA SER B 145 5.93 4.64 33.64
C SER B 145 5.01 5.82 33.70
N ASP B 146 5.25 6.84 32.89
CA ASP B 146 4.35 7.97 32.78
C ASP B 146 4.79 8.90 31.68
N ASN B 147 5.48 8.52 30.63
CA ASN B 147 5.99 9.53 29.72
C ASN B 147 5.03 10.05 28.67
N TYR B 148 5.36 11.25 28.17
CA TYR B 148 4.61 11.83 27.08
C TYR B 148 5.21 11.37 25.75
N THR B 149 4.38 11.40 24.71
CA THR B 149 4.81 11.11 23.38
C THR B 149 4.40 12.34 22.56
N TYR B 150 5.43 12.97 22.00
CA TYR B 150 5.35 14.25 21.31
C TYR B 150 5.69 13.99 19.89
N VAL B 151 5.01 14.65 18.97
CA VAL B 151 5.12 14.39 17.54
C VAL B 151 5.00 15.75 16.92
N PHE B 152 5.81 15.96 15.88
CA PHE B 152 5.71 17.14 15.03
C PHE B 152 5.20 16.60 13.71
N LEU B 153 4.19 17.22 13.09
CA LEU B 153 3.68 16.81 11.78
C LEU B 153 3.38 18.05 10.91
N GLY B 154 3.23 17.87 9.61
CA GLY B 154 2.96 18.98 8.68
C GLY B 154 1.76 18.62 7.80
N ASP B 155 1.36 19.48 6.85
CA ASP B 155 0.18 19.21 6.02
C ASP B 155 0.26 17.85 5.29
N GLY B 156 1.38 17.51 4.68
CA GLY B 156 1.53 16.28 3.91
C GLY B 156 1.23 15.02 4.69
N CYS B 157 1.62 15.03 5.97
CA CYS B 157 1.34 13.88 6.84
C CYS B 157 -0.17 13.77 6.94
N LEU B 158 -0.80 14.92 7.22
CA LEU B 158 -2.25 14.98 7.36
C LEU B 158 -2.99 14.54 6.12
N GLN B 159 -2.45 14.71 4.90
CA GLN B 159 -3.14 14.24 3.69
C GLN B 159 -2.99 12.74 3.46
N GLU B 160 -1.97 12.09 4.02
CA GLU B 160 -1.83 10.65 3.94
C GLU B 160 -2.89 9.92 4.77
N GLY B 161 -3.83 9.20 4.21
CA GLY B 161 -4.85 8.46 4.98
C GLY B 161 -4.31 7.52 6.08
N ILE B 162 -3.06 7.09 6.15
CA ILE B 162 -2.59 6.29 7.28
C ILE B 162 -2.72 7.15 8.54
N SER B 163 -2.40 8.44 8.44
CA SER B 163 -2.42 9.29 9.58
C SER B 163 -3.88 9.49 9.92
N SER B 164 -4.88 9.43 9.02
CA SER B 164 -6.29 9.55 9.45
C SER B 164 -6.62 8.24 10.17
N GLU B 165 -6.45 7.08 9.50
CA GLU B 165 -6.62 5.76 10.10
C GLU B 165 -6.06 5.69 11.54
N ALA B 166 -4.84 6.21 11.79
CA ALA B 166 -4.25 6.24 13.12
C ALA B 166 -4.94 7.25 14.01
N SER B 167 -5.16 8.53 13.65
CA SER B 167 -5.84 9.49 14.51
C SER B 167 -7.24 9.06 14.91
N SER B 168 -7.89 8.17 14.12
CA SER B 168 -9.19 7.65 14.53
C SER B 168 -8.97 6.67 15.69
N LEU B 169 -8.19 5.61 15.53
CA LEU B 169 -7.94 4.67 16.59
C LEU B 169 -7.42 5.38 17.84
N ALA B 170 -6.66 6.46 17.69
CA ALA B 170 -6.15 7.12 18.88
C ALA B 170 -7.27 7.83 19.63
N GLY B 171 -8.15 8.44 18.84
CA GLY B 171 -9.35 9.09 19.35
C GLY B 171 -10.20 8.07 20.12
N HIS B 172 -10.35 6.89 19.52
CA HIS B 172 -11.04 5.82 20.17
C HIS B 172 -10.35 5.50 21.47
N LEU B 173 -9.07 5.22 21.45
CA LEU B 173 -8.38 4.75 22.62
C LEU B 173 -8.12 5.80 23.64
N LYS B 174 -8.48 7.06 23.37
CA LYS B 174 -8.32 8.15 24.31
C LYS B 174 -6.88 8.29 24.80
N LEU B 175 -5.92 8.36 23.87
CA LEU B 175 -4.53 8.36 24.26
C LEU B 175 -4.06 9.77 24.54
N GLY B 176 -4.46 10.15 25.75
CA GLY B 176 -4.24 11.46 26.36
C GLY B 176 -2.83 12.01 26.42
N ASN B 177 -1.82 11.15 26.49
CA ASN B 177 -0.44 11.59 26.57
C ASN B 177 0.21 11.81 25.20
N LEU B 178 -0.49 11.53 24.10
CA LEU B 178 0.05 11.72 22.80
C LEU B 178 -0.28 13.16 22.50
N ILE B 179 0.70 14.05 22.36
CA ILE B 179 0.47 15.43 21.99
C ILE B 179 1.17 15.64 20.65
N ALA B 180 0.48 16.22 19.68
CA ALA B 180 0.99 16.41 18.35
C ALA B 180 0.94 17.87 17.96
N ILE B 181 2.08 18.53 17.68
CA ILE B 181 2.10 19.90 17.15
C ILE B 181 2.22 19.79 15.61
N TYR B 182 1.36 20.56 14.95
CA TYR B 182 1.22 20.64 13.51
C TYR B 182 1.69 21.99 12.97
N ASP B 183 2.54 21.92 11.95
CA ASP B 183 3.15 23.08 11.32
C ASP B 183 2.16 23.65 10.31
N ASP B 184 1.24 24.47 10.75
CA ASP B 184 0.34 25.12 9.83
C ASP B 184 1.05 26.30 9.17
N ASN B 185 1.96 25.92 8.29
CA ASN B 185 2.74 26.85 7.52
C ASN B 185 2.20 27.34 6.19
N LYS B 186 1.08 26.69 5.79
CA LYS B 186 0.32 26.89 4.55
C LYS B 186 0.93 26.69 3.15
N ILE B 187 1.98 25.85 3.13
CA ILE B 187 2.77 25.45 1.98
C ILE B 187 3.12 23.96 2.18
N THR B 188 3.06 23.33 1.01
CA THR B 188 3.48 21.96 0.74
C THR B 188 4.19 22.06 -0.63
N ILE B 189 4.59 20.98 -1.37
CA ILE B 189 5.30 21.12 -2.66
C ILE B 189 4.63 21.82 -3.85
N ASP B 190 3.40 21.51 -4.21
CA ASP B 190 2.85 22.12 -5.39
C ASP B 190 2.39 23.56 -5.26
N GLY B 191 2.87 24.24 -4.23
CA GLY B 191 2.46 25.60 -3.95
C GLY B 191 1.57 25.59 -2.73
N ALA B 192 0.52 26.43 -2.76
CA ALA B 192 -0.42 26.58 -1.64
C ALA B 192 -1.31 25.39 -1.26
N THR B 193 -1.67 25.32 0.00
CA THR B 193 -2.51 24.25 0.51
C THR B 193 -3.86 24.22 -0.20
N SER B 194 -4.48 25.39 -0.34
CA SER B 194 -5.79 25.53 -0.95
C SER B 194 -5.95 25.00 -2.36
N ILE B 195 -4.84 24.90 -3.08
CA ILE B 195 -4.80 24.31 -4.39
C ILE B 195 -5.40 22.90 -4.34
N SER B 196 -5.27 22.24 -3.19
CA SER B 196 -5.82 20.93 -3.01
C SER B 196 -5.98 20.51 -1.58
N PHE B 197 -6.15 21.36 -0.58
CA PHE B 197 -6.32 20.91 0.79
C PHE B 197 -6.87 22.09 1.56
N ASP B 198 -8.16 22.05 1.86
CA ASP B 198 -8.77 23.16 2.56
C ASP B 198 -9.96 22.78 3.44
N GLU B 199 -9.82 21.50 3.77
CA GLU B 199 -10.71 20.90 4.70
C GLU B 199 -10.30 21.50 6.05
N ASP B 200 -11.20 21.37 7.02
CA ASP B 200 -11.05 21.88 8.35
C ASP B 200 -10.49 20.74 9.18
N VAL B 201 -9.19 20.75 9.36
CA VAL B 201 -8.41 19.75 10.12
C VAL B 201 -8.86 19.67 11.56
N ALA B 202 -8.99 20.87 12.17
CA ALA B 202 -9.47 21.01 13.55
C ALA B 202 -10.81 20.32 13.77
N LYS B 203 -11.78 20.53 12.86
CA LYS B 203 -13.12 19.99 12.98
C LYS B 203 -13.07 18.49 12.73
N ARG B 204 -12.14 18.09 11.85
CA ARG B 204 -11.91 16.68 11.57
C ARG B 204 -11.32 15.95 12.78
N TYR B 205 -10.41 16.65 13.46
CA TYR B 205 -9.76 16.10 14.63
C TYR B 205 -10.65 15.95 15.88
N GLU B 206 -11.54 16.93 16.10
CA GLU B 206 -12.53 16.90 17.17
C GLU B 206 -13.46 15.74 16.94
N ALA B 207 -13.77 15.41 15.67
CA ALA B 207 -14.60 14.26 15.28
C ALA B 207 -13.91 12.97 15.63
N TYR B 208 -12.55 12.84 15.59
CA TYR B 208 -11.86 11.63 16.06
C TYR B 208 -11.91 11.42 17.55
N GLY B 209 -11.92 12.54 18.29
CA GLY B 209 -12.04 12.59 19.75
C GLY B 209 -10.83 13.21 20.42
N TRP B 210 -10.31 14.20 19.72
CA TRP B 210 -9.08 14.81 20.09
C TRP B 210 -9.54 16.17 20.54
N GLU B 211 -8.69 16.69 21.41
CA GLU B 211 -8.74 18.05 21.88
C GLU B 211 -7.91 18.82 20.84
N VAL B 212 -8.36 19.95 20.29
CA VAL B 212 -7.58 20.75 19.35
C VAL B 212 -7.18 22.09 20.01
N LEU B 213 -5.93 22.51 20.10
CA LEU B 213 -5.60 23.78 20.73
C LEU B 213 -5.05 24.68 19.64
N TYR B 214 -5.13 26.02 19.58
CA TYR B 214 -4.58 26.75 18.41
C TYR B 214 -3.40 27.66 18.76
N VAL B 215 -2.28 27.85 18.07
CA VAL B 215 -1.30 28.85 18.47
C VAL B 215 -1.19 29.77 17.27
N GLU B 216 -1.79 30.97 17.35
CA GLU B 216 -1.82 31.92 16.26
C GLU B 216 -0.43 32.41 15.83
N ASN B 217 0.49 32.74 16.75
CA ASN B 217 1.82 33.17 16.32
C ASN B 217 2.95 32.22 16.71
N GLY B 218 3.10 31.22 15.86
CA GLY B 218 4.11 30.21 16.06
C GLY B 218 5.53 30.75 15.84
N ASN B 219 5.62 31.79 15.02
CA ASN B 219 6.91 32.36 14.72
C ASN B 219 7.64 32.89 15.93
N GLU B 220 6.89 33.51 16.83
CA GLU B 220 7.54 34.06 18.00
C GLU B 220 6.82 33.96 19.33
N ASP B 221 5.65 33.36 19.44
CA ASP B 221 5.04 33.33 20.74
C ASP B 221 5.54 32.17 21.60
N LEU B 222 6.73 32.33 22.21
CA LEU B 222 7.27 31.33 23.12
C LEU B 222 6.33 31.05 24.28
N ALA B 223 5.79 32.11 24.89
CA ALA B 223 4.80 31.98 25.95
C ALA B 223 3.52 31.20 25.56
N GLY B 224 2.95 31.46 24.37
CA GLY B 224 1.72 30.83 23.91
C GLY B 224 1.96 29.38 23.54
N ILE B 225 3.12 29.12 22.97
CA ILE B 225 3.49 27.78 22.65
C ILE B 225 3.58 27.02 23.96
N ALA B 226 4.33 27.56 24.92
CA ALA B 226 4.52 26.86 26.18
C ALA B 226 3.21 26.60 26.92
N LYS B 227 2.27 27.53 26.74
CA LYS B 227 0.92 27.49 27.23
C LYS B 227 0.11 26.31 26.70
N ALA B 228 0.21 26.10 25.37
CA ALA B 228 -0.51 25.05 24.65
C ALA B 228 0.05 23.67 24.97
N ILE B 229 1.34 23.55 25.23
CA ILE B 229 1.87 22.27 25.66
C ILE B 229 1.52 22.06 27.14
N ALA B 230 1.39 23.04 28.04
CA ALA B 230 0.96 22.78 29.44
C ALA B 230 -0.49 22.33 29.54
N GLN B 231 -1.32 23.05 28.76
CA GLN B 231 -2.76 22.87 28.56
C GLN B 231 -3.13 21.48 28.06
N ALA B 232 -2.38 21.05 27.04
CA ALA B 232 -2.47 19.74 26.42
C ALA B 232 -2.18 18.55 27.32
N LYS B 233 -1.34 18.83 28.35
CA LYS B 233 -0.88 17.83 29.30
C LYS B 233 -1.93 17.44 30.32
N LEU B 234 -2.94 18.31 30.44
CA LEU B 234 -3.99 18.14 31.41
C LEU B 234 -5.04 17.13 31.02
N SER B 235 -5.49 17.17 29.78
CA SER B 235 -6.46 16.23 29.25
C SER B 235 -6.09 14.75 29.17
N LYS B 236 -6.10 13.97 30.24
CA LYS B 236 -5.80 12.53 30.22
C LYS B 236 -6.60 11.61 29.27
N ASP B 237 -7.79 12.06 28.89
CA ASP B 237 -8.80 11.37 28.09
C ASP B 237 -8.88 11.71 26.61
N LYS B 238 -7.98 12.56 26.12
CA LYS B 238 -8.08 13.06 24.77
C LYS B 238 -6.68 13.14 24.30
N PRO B 239 -6.28 12.61 23.14
CA PRO B 239 -5.07 13.08 22.48
C PRO B 239 -5.23 14.58 22.15
N THR B 240 -4.13 15.31 22.04
CA THR B 240 -4.24 16.72 21.78
C THR B 240 -3.50 17.05 20.51
N LEU B 241 -4.13 17.80 19.61
CA LEU B 241 -3.48 18.30 18.41
C LEU B 241 -3.35 19.84 18.54
N ILE B 242 -2.14 20.41 18.61
CA ILE B 242 -1.92 21.85 18.70
C ILE B 242 -1.74 22.32 17.25
N LYS B 243 -2.56 23.20 16.72
CA LYS B 243 -2.41 23.72 15.38
C LYS B 243 -1.64 25.05 15.46
N MET B 244 -0.39 25.10 15.07
CA MET B 244 0.44 26.26 15.33
C MET B 244 0.66 27.00 14.05
N THR B 245 0.68 28.32 13.95
CA THR B 245 0.92 28.93 12.65
C THR B 245 2.30 29.57 12.51
N THR B 246 2.94 29.20 11.40
CA THR B 246 4.32 29.54 11.13
C THR B 246 4.36 30.06 9.70
N THR B 247 5.43 30.78 9.35
CA THR B 247 5.72 31.30 8.02
C THR B 247 6.78 30.30 7.54
N ILE B 248 6.57 29.38 6.57
CA ILE B 248 7.63 28.46 6.11
C ILE B 248 8.86 29.30 5.71
N GLY B 249 10.06 28.89 6.12
CA GLY B 249 11.27 29.63 5.80
C GLY B 249 11.31 31.01 6.41
N TYR B 250 10.75 31.15 7.61
CA TYR B 250 10.74 32.37 8.37
C TYR B 250 12.15 32.93 8.37
N GLY B 251 12.25 34.25 8.24
CA GLY B 251 13.56 34.91 8.31
C GLY B 251 14.24 34.97 6.96
N SER B 252 13.91 34.06 6.03
CA SER B 252 14.47 34.12 4.70
C SER B 252 13.85 35.30 3.94
N LEU B 253 14.61 35.76 2.96
CA LEU B 253 14.16 36.74 2.02
C LEU B 253 13.02 36.13 1.25
N HIS B 254 12.85 34.80 1.13
CA HIS B 254 11.71 34.23 0.40
C HIS B 254 10.86 33.35 1.35
N ALA B 255 10.58 33.88 2.55
CA ALA B 255 9.82 33.20 3.59
C ALA B 255 8.38 33.12 3.16
N GLY B 256 7.75 31.97 3.30
CA GLY B 256 6.35 31.85 2.95
C GLY B 256 6.21 31.31 1.53
N SER B 257 7.28 31.27 0.73
CA SER B 257 7.09 30.69 -0.59
C SER B 257 7.43 29.23 -0.51
N HIS B 258 6.72 28.48 -1.36
CA HIS B 258 7.08 27.10 -1.61
C HIS B 258 8.54 26.98 -2.10
N SER B 259 9.24 28.01 -2.60
CA SER B 259 10.65 27.93 -2.98
C SER B 259 11.55 27.48 -1.83
N VAL B 260 11.28 27.92 -0.59
CA VAL B 260 12.14 27.58 0.52
C VAL B 260 11.80 26.21 1.03
N HIS B 261 10.85 25.51 0.42
CA HIS B 261 10.48 24.19 0.86
C HIS B 261 11.57 23.15 0.72
N GLY B 262 12.14 22.92 -0.47
CA GLY B 262 13.04 21.79 -0.61
C GLY B 262 14.38 22.11 -1.21
N ALA B 263 14.86 23.34 -1.12
CA ALA B 263 16.11 23.66 -1.76
C ALA B 263 16.90 24.44 -0.72
N PRO B 264 18.23 24.25 -0.58
CA PRO B 264 19.14 25.17 0.09
C PRO B 264 18.91 26.61 -0.32
N LEU B 265 19.08 27.57 0.61
CA LEU B 265 18.78 28.97 0.35
C LEU B 265 19.98 29.60 -0.34
N LYS B 266 19.77 30.76 -0.96
CA LYS B 266 20.82 31.45 -1.65
C LYS B 266 21.75 32.10 -0.68
N ALA B 267 23.05 32.06 -0.91
CA ALA B 267 24.07 32.62 -0.03
C ALA B 267 23.83 34.02 0.49
N ASP B 268 23.53 34.94 -0.42
CA ASP B 268 23.16 36.31 -0.12
C ASP B 268 22.01 36.33 0.87
N ASP B 269 21.12 35.33 0.78
CA ASP B 269 19.97 35.16 1.66
C ASP B 269 20.37 34.54 2.98
N VAL B 270 21.40 33.73 2.99
CA VAL B 270 21.89 33.18 4.24
C VAL B 270 22.70 34.27 4.90
N LYS B 271 23.39 35.18 4.23
CA LYS B 271 24.15 36.21 4.90
C LYS B 271 23.18 37.17 5.56
N GLN B 272 22.14 37.60 4.85
CA GLN B 272 21.16 38.49 5.43
C GLN B 272 20.38 37.87 6.57
N LEU B 273 20.18 36.55 6.58
CA LEU B 273 19.48 35.88 7.67
C LEU B 273 20.34 35.99 8.90
N LYS B 274 21.60 35.56 8.82
CA LYS B 274 22.54 35.57 9.93
C LYS B 274 22.66 36.97 10.51
N SER B 275 22.91 37.97 9.67
CA SER B 275 22.98 39.35 10.10
C SER B 275 21.76 39.74 10.89
N LYS B 276 20.60 39.45 10.29
CA LYS B 276 19.30 39.73 10.87
C LYS B 276 19.20 39.06 12.23
N PHE B 277 19.76 37.87 12.44
CA PHE B 277 19.61 37.27 13.74
C PHE B 277 20.72 37.59 14.72
N GLY B 278 21.55 38.55 14.37
CA GLY B 278 22.65 38.97 15.23
C GLY B 278 23.89 38.09 15.11
N PHE B 279 23.99 37.25 14.10
CA PHE B 279 25.10 36.35 13.93
C PHE B 279 25.99 36.86 12.81
N ASN B 280 27.21 36.30 12.61
CA ASN B 280 28.15 36.81 11.62
C ASN B 280 27.92 36.19 10.25
N PRO B 281 27.55 36.94 9.19
CA PRO B 281 27.24 36.41 7.89
C PRO B 281 28.40 35.61 7.32
N ASP B 282 29.60 35.90 7.75
CA ASP B 282 30.77 35.25 7.20
C ASP B 282 31.30 34.10 8.04
N LYS B 283 30.46 33.50 8.87
CA LYS B 283 30.91 32.38 9.64
C LYS B 283 29.80 31.36 9.70
N SER B 284 30.17 30.07 9.60
CA SER B 284 29.25 28.93 9.58
C SER B 284 29.43 28.02 10.79
N PHE B 285 28.31 27.37 11.20
CA PHE B 285 28.25 26.43 12.31
C PHE B 285 28.77 26.99 13.64
N VAL B 286 28.26 28.17 14.02
CA VAL B 286 28.69 28.84 15.25
C VAL B 286 27.72 28.39 16.32
N VAL B 287 28.14 27.85 17.46
CA VAL B 287 27.18 27.66 18.50
C VAL B 287 27.67 28.45 19.71
N PRO B 288 27.10 29.62 20.03
CA PRO B 288 27.55 30.48 21.12
C PRO B 288 27.52 29.72 22.44
N GLN B 289 28.57 29.91 23.25
CA GLN B 289 28.71 29.13 24.46
C GLN B 289 27.48 29.19 25.35
N GLU B 290 26.80 30.35 25.46
CA GLU B 290 25.63 30.48 26.33
C GLU B 290 24.52 29.54 25.96
N VAL B 291 24.41 29.17 24.69
CA VAL B 291 23.39 28.22 24.29
C VAL B 291 23.76 26.85 24.85
N TYR B 292 25.02 26.41 24.70
CA TYR B 292 25.50 25.13 25.25
C TYR B 292 25.31 25.02 26.74
N ASP B 293 25.64 26.10 27.43
CA ASP B 293 25.52 26.18 28.89
C ASP B 293 24.07 26.07 29.31
N HIS B 294 23.24 26.68 28.47
CA HIS B 294 21.85 26.79 28.78
C HIS B 294 21.21 25.43 28.71
N TYR B 295 21.57 24.66 27.68
CA TYR B 295 20.98 23.34 27.56
C TYR B 295 21.56 22.31 28.49
N GLN B 296 22.82 22.52 28.85
CA GLN B 296 23.44 21.65 29.82
C GLN B 296 22.56 21.72 31.08
N LYS B 297 22.30 22.99 31.47
CA LYS B 297 21.52 23.41 32.64
C LYS B 297 20.07 23.01 32.69
N THR B 298 19.31 23.42 31.68
CA THR B 298 17.89 23.13 31.62
C THR B 298 17.47 21.76 31.10
N ILE B 299 18.29 20.97 30.42
CA ILE B 299 17.91 19.63 29.91
C ILE B 299 18.87 18.50 30.35
N LEU B 300 20.21 18.59 30.16
CA LEU B 300 21.05 17.46 30.46
C LEU B 300 21.13 17.21 31.94
N LYS B 301 21.54 18.13 32.83
CA LYS B 301 21.68 17.81 34.25
C LYS B 301 20.40 17.42 34.94
N PRO B 302 19.23 18.05 34.74
CA PRO B 302 17.94 17.53 35.20
C PRO B 302 17.71 16.10 34.78
N GLY B 303 17.81 15.88 33.46
CA GLY B 303 17.59 14.62 32.80
C GLY B 303 18.41 13.54 33.43
N VAL B 304 19.65 13.84 33.79
CA VAL B 304 20.47 12.87 34.41
C VAL B 304 19.93 12.65 35.82
N GLU B 305 19.39 13.63 36.54
CA GLU B 305 18.85 13.28 37.85
C GLU B 305 17.56 12.49 37.67
N ALA B 306 16.61 12.83 36.78
CA ALA B 306 15.35 12.10 36.67
C ALA B 306 15.55 10.61 36.41
N ASN B 307 16.58 10.39 35.59
CA ASN B 307 17.01 9.08 35.19
C ASN B 307 17.56 8.33 36.37
N ASN B 308 18.30 9.03 37.23
CA ASN B 308 18.93 8.39 38.36
C ASN B 308 17.97 8.03 39.45
N LYS B 309 17.07 8.95 39.77
CA LYS B 309 16.05 8.71 40.80
C LYS B 309 15.26 7.51 40.33
N TRP B 310 14.93 7.52 39.02
CA TRP B 310 14.19 6.47 38.37
C TRP B 310 14.87 5.12 38.65
N ASN B 311 16.18 4.97 38.41
CA ASN B 311 16.84 3.75 38.81
C ASN B 311 16.79 3.42 40.30
N LYS B 312 16.87 4.37 41.24
CA LYS B 312 16.76 4.01 42.64
C LYS B 312 15.41 3.34 42.90
N LEU B 313 14.38 3.97 42.32
CA LEU B 313 13.00 3.55 42.45
C LEU B 313 12.84 2.17 41.86
N PHE B 314 13.40 1.94 40.70
CA PHE B 314 13.24 0.65 40.11
C PHE B 314 13.94 -0.38 41.02
N SER B 315 15.06 -0.14 41.74
CA SER B 315 15.57 -1.20 42.61
C SER B 315 14.70 -1.36 43.84
N GLU B 316 14.05 -0.35 44.40
CA GLU B 316 13.14 -0.59 45.52
C GLU B 316 12.01 -1.49 45.09
N TYR B 317 11.51 -1.25 43.87
CA TYR B 317 10.46 -2.01 43.21
C TYR B 317 10.85 -3.46 43.07
N GLN B 318 12.04 -3.80 42.59
CA GLN B 318 12.43 -5.20 42.51
C GLN B 318 12.65 -5.79 43.90
N LYS B 319 12.70 -4.99 45.00
CA LYS B 319 12.75 -5.52 46.35
C LYS B 319 11.33 -5.86 46.79
N LYS B 320 10.51 -4.85 46.56
CA LYS B 320 9.12 -4.86 46.87
C LYS B 320 8.30 -5.86 46.07
N PHE B 321 8.42 -5.99 44.75
CA PHE B 321 7.55 -6.86 43.99
C PHE B 321 8.52 -7.74 43.23
N PRO B 322 9.05 -8.82 43.77
CA PRO B 322 10.04 -9.66 43.09
C PRO B 322 9.74 -10.03 41.63
N GLU B 323 8.60 -10.71 41.40
CA GLU B 323 8.25 -11.25 40.09
C GLU B 323 8.11 -10.17 39.05
N LEU B 324 7.27 -9.20 39.34
CA LEU B 324 7.09 -8.11 38.44
C LEU B 324 8.38 -7.30 38.25
N GLY B 325 9.28 -7.12 39.22
CA GLY B 325 10.54 -6.41 39.02
C GLY B 325 11.50 -7.23 38.17
N ALA B 326 11.45 -8.56 38.29
CA ALA B 326 12.34 -9.39 37.49
C ALA B 326 11.91 -9.50 36.03
N GLU B 327 10.59 -9.64 35.82
CA GLU B 327 10.00 -9.65 34.50
C GLU B 327 10.34 -8.32 33.86
N LEU B 328 10.03 -7.14 34.43
CA LEU B 328 10.36 -5.90 33.77
C LEU B 328 11.84 -5.85 33.52
N ALA B 329 12.78 -6.13 34.43
CA ALA B 329 14.19 -6.06 34.10
C ALA B 329 14.58 -7.01 32.97
N ARG B 330 13.95 -8.19 32.89
CA ARG B 330 14.21 -9.15 31.81
C ARG B 330 13.77 -8.54 30.47
N ARG B 331 12.55 -8.03 30.39
CA ARG B 331 12.07 -7.39 29.20
C ARG B 331 12.98 -6.23 28.89
N LEU B 332 13.43 -5.54 29.89
CA LEU B 332 14.32 -4.44 29.64
C LEU B 332 15.72 -4.88 29.18
N SER B 333 16.16 -6.13 29.38
CA SER B 333 17.45 -6.60 28.85
C SER B 333 17.22 -7.26 27.49
N GLY B 334 16.01 -7.15 26.92
CA GLY B 334 15.70 -7.74 25.63
C GLY B 334 15.85 -9.25 25.62
N GLN B 335 15.81 -9.93 26.74
CA GLN B 335 15.87 -11.37 26.73
C GLN B 335 14.44 -11.95 26.81
N LEU B 336 14.06 -12.90 25.96
CA LEU B 336 12.80 -13.61 26.11
C LEU B 336 12.98 -14.56 27.31
N PRO B 337 11.94 -15.06 27.98
CA PRO B 337 12.05 -15.98 29.09
C PRO B 337 12.84 -17.22 28.71
N ALA B 338 13.53 -17.74 29.71
CA ALA B 338 14.36 -18.93 29.51
C ALA B 338 13.48 -20.13 29.26
N ASN B 339 13.84 -20.68 28.10
CA ASN B 339 13.20 -21.85 27.54
C ASN B 339 11.73 -21.59 27.30
N TRP B 340 11.41 -20.36 26.84
CA TRP B 340 10.05 -20.06 26.50
C TRP B 340 9.66 -21.00 25.37
N GLU B 341 10.59 -21.24 24.45
CA GLU B 341 10.39 -22.10 23.30
C GLU B 341 9.91 -23.48 23.64
N SER B 342 10.02 -23.92 24.87
CA SER B 342 9.60 -25.27 25.20
C SER B 342 8.10 -25.44 25.15
N LYS B 343 7.30 -24.40 25.36
CA LYS B 343 5.84 -24.48 25.40
C LYS B 343 5.13 -24.62 24.04
N LEU B 344 5.93 -24.64 22.97
CA LEU B 344 5.43 -24.72 21.62
C LEU B 344 5.00 -26.12 21.20
N PRO B 345 3.91 -26.25 20.49
CA PRO B 345 3.31 -27.53 20.19
C PRO B 345 4.11 -28.30 19.18
N THR B 346 4.26 -29.61 19.37
CA THR B 346 4.89 -30.44 18.37
C THR B 346 3.76 -31.39 17.90
N TYR B 347 3.85 -32.08 16.77
CA TYR B 347 2.77 -32.92 16.27
C TYR B 347 3.43 -34.13 15.60
N THR B 348 2.68 -35.05 14.98
CA THR B 348 3.24 -36.15 14.22
C THR B 348 2.23 -36.42 13.14
N ALA B 349 2.58 -37.28 12.20
CA ALA B 349 1.70 -37.59 11.07
C ALA B 349 0.37 -38.20 11.46
N LYS B 350 0.35 -38.82 12.65
CA LYS B 350 -0.86 -39.41 13.24
C LYS B 350 -1.86 -38.38 13.69
N ASP B 351 -1.45 -37.13 13.81
CA ASP B 351 -2.33 -36.07 14.19
C ASP B 351 -3.14 -35.63 12.99
N SER B 352 -4.20 -34.96 13.40
CA SER B 352 -5.21 -34.46 12.52
C SER B 352 -4.83 -33.39 11.52
N ALA B 353 -5.58 -33.35 10.42
CA ALA B 353 -5.47 -32.32 9.40
C ALA B 353 -6.04 -31.02 9.94
N VAL B 354 -5.23 -29.97 9.94
CA VAL B 354 -5.67 -28.69 10.45
C VAL B 354 -5.23 -27.62 9.47
N ALA B 355 -6.04 -26.60 9.20
CA ALA B 355 -5.57 -25.44 8.45
C ALA B 355 -4.46 -24.79 9.29
N THR B 356 -3.34 -24.30 8.77
CA THR B 356 -2.34 -23.69 9.64
C THR B 356 -2.85 -22.37 10.28
N ARG B 357 -4.02 -21.89 9.89
CA ARG B 357 -4.67 -20.81 10.59
C ARG B 357 -5.06 -21.26 12.02
N LYS B 358 -5.62 -22.46 12.22
CA LYS B 358 -6.06 -22.87 13.54
C LYS B 358 -4.89 -23.11 14.47
N LEU B 359 -3.88 -23.73 13.86
CA LEU B 359 -2.63 -24.07 14.52
C LEU B 359 -1.88 -22.85 15.04
N SER B 360 -2.01 -21.77 14.29
CA SER B 360 -1.40 -20.53 14.67
C SER B 360 -2.13 -20.09 15.93
N GLU B 361 -3.45 -20.00 15.90
CA GLU B 361 -4.29 -19.60 17.02
C GLU B 361 -3.89 -20.36 18.28
N THR B 362 -3.62 -21.66 18.13
CA THR B 362 -3.15 -22.47 19.21
C THR B 362 -1.79 -22.09 19.74
N VAL B 363 -0.75 -21.80 18.95
CA VAL B 363 0.55 -21.35 19.45
C VAL B 363 0.29 -20.10 20.27
N LEU B 364 -0.55 -19.16 19.77
CA LEU B 364 -0.89 -17.91 20.46
C LEU B 364 -1.51 -18.19 21.80
N GLU B 365 -2.47 -19.08 21.84
CA GLU B 365 -2.90 -19.54 23.13
C GLU B 365 -1.82 -20.19 23.99
N ASP B 366 -0.91 -21.05 23.53
CA ASP B 366 0.01 -21.69 24.45
C ASP B 366 1.12 -20.84 24.96
N VAL B 367 1.51 -19.78 24.26
CA VAL B 367 2.64 -18.99 24.73
C VAL B 367 2.24 -17.68 25.31
N TYR B 368 1.03 -17.15 25.09
CA TYR B 368 0.58 -15.85 25.63
C TYR B 368 0.99 -15.64 27.06
N ASN B 369 0.72 -16.65 27.86
CA ASN B 369 0.93 -16.47 29.27
C ASN B 369 2.33 -16.87 29.71
N GLN B 370 3.22 -16.96 28.74
CA GLN B 370 4.62 -17.22 28.99
C GLN B 370 5.24 -15.90 28.61
N LEU B 371 4.71 -15.18 27.63
CA LEU B 371 5.37 -14.02 27.09
C LEU B 371 4.64 -12.71 27.34
N PRO B 372 4.58 -12.11 28.55
CA PRO B 372 3.85 -10.87 28.82
C PRO B 372 4.05 -9.66 27.89
N GLU B 373 5.08 -9.72 27.04
CA GLU B 373 5.35 -8.66 26.09
C GLU B 373 4.62 -8.86 24.77
N LEU B 374 3.99 -10.01 24.54
CA LEU B 374 3.30 -10.25 23.31
C LEU B 374 1.99 -9.48 23.51
N ILE B 375 1.67 -8.54 22.65
CA ILE B 375 0.44 -7.75 22.70
C ILE B 375 0.02 -7.80 21.24
N GLY B 376 -1.21 -7.99 20.77
CA GLY B 376 -1.41 -7.95 19.32
C GLY B 376 -2.84 -8.12 18.88
N GLY B 377 -3.22 -8.39 17.65
CA GLY B 377 -4.61 -8.51 17.36
C GLY B 377 -4.89 -8.44 15.89
N SER B 378 -6.16 -8.41 15.57
CA SER B 378 -6.54 -8.34 14.19
C SER B 378 -7.01 -6.93 13.80
N ALA B 379 -7.21 -6.83 12.46
CA ALA B 379 -7.82 -5.67 11.81
C ALA B 379 -9.22 -6.19 11.48
N ASP B 380 -10.10 -6.17 12.50
CA ASP B 380 -11.49 -6.60 12.34
C ASP B 380 -11.70 -7.95 11.62
N LEU B 381 -10.81 -8.89 11.89
CA LEU B 381 -10.95 -10.22 11.36
C LEU B 381 -10.59 -11.19 12.45
N THR B 382 -10.69 -10.80 13.73
CA THR B 382 -10.38 -11.68 14.87
C THR B 382 -10.90 -13.11 14.69
N PRO B 383 -12.15 -13.31 14.23
CA PRO B 383 -12.67 -14.61 13.88
C PRO B 383 -11.98 -15.28 12.70
N SER B 384 -11.52 -14.54 11.66
CA SER B 384 -10.87 -15.10 10.45
C SER B 384 -9.40 -15.44 10.61
N ASN B 385 -8.71 -14.60 11.35
CA ASN B 385 -7.29 -14.85 11.56
C ASN B 385 -7.08 -15.66 12.81
N LEU B 386 -8.19 -15.98 13.49
CA LEU B 386 -8.25 -16.61 14.80
C LEU B 386 -7.22 -15.96 15.75
N THR B 387 -7.10 -14.62 15.68
CA THR B 387 -5.99 -13.93 16.33
C THR B 387 -6.07 -13.74 17.85
N ARG B 388 -6.86 -14.52 18.57
CA ARG B 388 -7.01 -14.29 20.00
C ARG B 388 -6.41 -15.46 20.76
N TRP B 389 -6.34 -15.20 22.05
CA TRP B 389 -6.13 -16.21 23.03
C TRP B 389 -7.39 -15.99 23.88
N LYS B 390 -8.13 -16.96 24.44
CA LYS B 390 -9.39 -16.56 25.02
C LYS B 390 -9.43 -15.94 26.42
N GLU B 391 -8.43 -16.14 27.27
CA GLU B 391 -8.43 -15.53 28.61
C GLU B 391 -8.02 -14.05 28.53
N ALA B 392 -8.24 -13.44 27.35
CA ALA B 392 -7.76 -12.11 27.07
C ALA B 392 -8.83 -11.10 27.44
N LEU B 393 -8.22 -9.94 27.74
CA LEU B 393 -8.87 -8.69 28.04
C LEU B 393 -8.41 -7.81 26.90
N ASP B 394 -9.27 -7.01 26.34
CA ASP B 394 -8.85 -6.08 25.31
C ASP B 394 -8.24 -4.81 25.90
N PHE B 395 -7.35 -4.27 25.07
CA PHE B 395 -6.63 -3.07 25.38
C PHE B 395 -7.66 -2.03 25.03
N GLN B 396 -8.21 -1.31 26.01
CA GLN B 396 -9.23 -0.29 25.78
C GLN B 396 -9.09 0.81 26.83
N PRO B 397 -9.73 1.99 26.83
CA PRO B 397 -9.80 2.89 27.97
C PRO B 397 -10.63 2.24 29.08
N PRO B 398 -10.29 2.35 30.38
CA PRO B 398 -11.03 1.73 31.48
C PRO B 398 -12.54 1.99 31.44
N SER B 399 -12.81 3.23 31.05
CA SER B 399 -14.14 3.79 30.86
C SER B 399 -14.95 3.12 29.77
N SER B 400 -14.41 2.18 28.99
CA SER B 400 -15.22 1.51 27.99
C SER B 400 -16.09 0.41 28.60
N GLY B 401 -15.57 -0.27 29.65
CA GLY B 401 -16.20 -1.47 30.18
C GLY B 401 -15.98 -2.68 29.26
N SER B 402 -15.24 -2.49 28.18
CA SER B 402 -14.88 -3.54 27.27
C SER B 402 -13.50 -4.04 27.63
N GLY B 403 -12.73 -3.23 28.34
CA GLY B 403 -11.38 -3.60 28.68
C GLY B 403 -10.77 -2.43 29.41
N ASN B 404 -9.47 -2.42 29.36
CA ASN B 404 -8.72 -1.39 30.04
C ASN B 404 -7.32 -1.44 29.42
N TYR B 405 -6.44 -0.50 29.74
CA TYR B 405 -5.11 -0.55 29.15
C TYR B 405 -4.21 -1.71 29.52
N SER B 406 -4.55 -2.66 30.40
CA SER B 406 -3.67 -3.80 30.70
C SER B 406 -3.99 -4.89 29.69
N GLY B 407 -5.04 -4.68 28.88
CA GLY B 407 -5.36 -5.63 27.87
C GLY B 407 -4.26 -5.62 26.85
N ARG B 408 -4.12 -6.83 26.30
CA ARG B 408 -3.07 -7.17 25.36
C ARG B 408 -3.62 -7.64 24.02
N TYR B 409 -4.94 -7.58 23.76
CA TYR B 409 -5.48 -7.96 22.45
C TYR B 409 -5.98 -6.67 21.88
N ILE B 410 -5.49 -6.15 20.77
CA ILE B 410 -5.89 -4.85 20.27
C ILE B 410 -6.86 -5.04 19.11
N ARG B 411 -7.84 -4.19 18.89
CA ARG B 411 -8.79 -4.41 17.81
C ARG B 411 -8.58 -3.16 16.97
N TYR B 412 -7.80 -3.32 15.92
CA TYR B 412 -7.42 -2.22 15.05
C TYR B 412 -8.48 -1.61 14.17
N GLY B 413 -9.59 -2.33 13.88
CA GLY B 413 -10.57 -1.86 12.94
C GLY B 413 -10.06 -2.25 11.57
N ILE B 414 -10.65 -1.78 10.49
CA ILE B 414 -10.23 -2.13 9.15
C ILE B 414 -9.41 -0.92 8.75
N ARG B 415 -8.19 -1.01 9.33
CA ARG B 415 -7.12 -0.04 9.22
C ARG B 415 -5.76 -0.72 9.01
N GLU B 416 -5.48 -1.37 7.89
CA GLU B 416 -4.22 -2.11 7.75
C GLU B 416 -2.93 -1.28 7.79
N HIS B 417 -2.83 -0.10 7.16
CA HIS B 417 -1.56 0.60 7.13
C HIS B 417 -1.24 1.21 8.50
N ALA B 418 -2.25 1.68 9.22
CA ALA B 418 -2.02 2.21 10.55
C ALA B 418 -1.63 1.03 11.45
N MET B 419 -2.28 -0.15 11.44
CA MET B 419 -1.82 -1.34 12.18
C MET B 419 -0.34 -1.57 11.93
N GLY B 420 0.06 -1.38 10.66
CA GLY B 420 1.44 -1.49 10.26
C GLY B 420 2.33 -0.50 11.01
N ALA B 421 2.02 0.79 11.07
CA ALA B 421 2.92 1.71 11.73
C ALA B 421 2.70 1.77 13.24
N ILE B 422 1.59 1.26 13.75
CA ILE B 422 1.33 1.25 15.18
C ILE B 422 2.19 0.09 15.63
N MET B 423 2.17 -1.12 15.09
CA MET B 423 3.04 -2.21 15.54
C MET B 423 4.51 -1.81 15.49
N ASN B 424 4.86 -0.97 14.53
CA ASN B 424 6.23 -0.46 14.43
C ASN B 424 6.53 0.41 15.61
N GLY B 425 5.60 1.29 15.96
CA GLY B 425 5.74 2.19 17.08
C GLY B 425 5.75 1.46 18.42
N ILE B 426 4.89 0.47 18.65
CA ILE B 426 4.87 -0.34 19.88
C ILE B 426 6.22 -1.03 20.03
N SER B 427 6.71 -1.59 18.93
CA SER B 427 7.99 -2.24 18.92
C SER B 427 9.09 -1.24 19.26
N ALA B 428 9.14 -0.09 18.56
CA ALA B 428 10.11 0.97 18.78
C ALA B 428 10.06 1.50 20.22
N PHE B 429 8.99 1.28 20.96
CA PHE B 429 8.95 1.73 22.33
C PHE B 429 9.97 1.05 23.25
N GLY B 430 10.15 -0.26 23.13
CA GLY B 430 11.05 -0.93 24.05
C GLY B 430 10.33 -1.98 24.86
N ALA B 431 10.88 -2.19 26.06
CA ALA B 431 10.40 -3.17 27.04
C ALA B 431 10.11 -4.53 26.43
N ASN B 432 10.81 -4.85 25.33
CA ASN B 432 10.75 -6.11 24.58
C ASN B 432 9.41 -6.44 23.95
N TYR B 433 8.65 -5.40 23.64
CA TYR B 433 7.35 -5.62 23.04
C TYR B 433 7.37 -6.48 21.79
N LYS B 434 6.46 -7.43 21.75
CA LYS B 434 6.32 -8.37 20.64
C LYS B 434 4.96 -8.19 19.97
N PRO B 435 4.73 -7.15 19.16
CA PRO B 435 3.44 -6.93 18.51
C PRO B 435 3.24 -7.98 17.47
N TYR B 436 1.97 -8.20 17.10
CA TYR B 436 1.66 -9.03 15.96
C TYR B 436 0.31 -8.50 15.57
N GLY B 437 0.04 -8.42 14.28
CA GLY B 437 -1.23 -7.94 13.77
C GLY B 437 -1.70 -8.90 12.69
N GLY B 438 -3.00 -9.01 12.53
CA GLY B 438 -3.51 -9.94 11.55
C GLY B 438 -4.52 -9.35 10.56
N THR B 439 -4.40 -9.89 9.39
CA THR B 439 -5.25 -9.52 8.30
C THR B 439 -5.08 -10.63 7.26
N PHE B 440 -5.75 -10.49 6.14
CA PHE B 440 -5.61 -11.44 5.05
C PHE B 440 -4.28 -11.19 4.34
N LEU B 441 -3.52 -12.23 3.95
CA LEU B 441 -2.26 -12.08 3.22
C LEU B 441 -2.39 -11.05 2.11
N ASN B 442 -3.42 -11.19 1.30
CA ASN B 442 -3.70 -10.27 0.24
C ASN B 442 -3.74 -8.78 0.59
N PHE B 443 -4.21 -8.37 1.77
CA PHE B 443 -4.34 -6.96 2.04
C PHE B 443 -3.26 -6.35 2.93
N VAL B 444 -2.25 -7.16 3.27
CA VAL B 444 -1.01 -6.66 3.85
C VAL B 444 -0.48 -5.59 2.87
N SER B 445 -0.80 -5.76 1.58
CA SER B 445 -0.45 -4.84 0.52
C SER B 445 -0.99 -3.44 0.77
N TYR B 446 -2.11 -3.29 1.49
CA TYR B 446 -2.57 -1.97 1.87
C TYR B 446 -1.49 -1.40 2.79
N ALA B 447 -0.87 -2.21 3.65
CA ALA B 447 0.13 -1.72 4.59
C ALA B 447 1.57 -1.67 4.12
N ALA B 448 1.84 -1.77 2.82
CA ALA B 448 3.25 -1.84 2.36
C ALA B 448 4.18 -0.70 2.76
N GLY B 449 3.69 0.56 2.93
CA GLY B 449 4.51 1.69 3.35
C GLY B 449 5.14 1.43 4.71
N ALA B 450 4.29 0.83 5.54
CA ALA B 450 4.65 0.48 6.89
C ALA B 450 5.56 -0.75 6.90
N VAL B 451 5.15 -1.81 6.16
CA VAL B 451 5.91 -3.03 6.12
C VAL B 451 7.32 -2.74 5.62
N ARG B 452 7.61 -1.97 4.56
CA ARG B 452 9.00 -1.67 4.19
C ARG B 452 9.81 -1.03 5.30
N LEU B 453 9.26 -0.10 6.08
CA LEU B 453 9.98 0.59 7.14
C LEU B 453 10.19 -0.35 8.29
N SER B 454 9.36 -1.39 8.48
CA SER B 454 9.68 -2.35 9.54
C SER B 454 11.06 -2.96 9.15
N ALA B 455 11.21 -3.40 7.90
CA ALA B 455 12.44 -3.97 7.37
C ALA B 455 13.61 -2.99 7.34
N LEU B 456 13.47 -1.77 6.81
CA LEU B 456 14.53 -0.77 6.69
C LEU B 456 15.11 -0.34 8.04
N SER B 457 14.29 -0.34 9.09
CA SER B 457 14.72 0.02 10.42
C SER B 457 15.14 -1.20 11.23
N GLY B 458 14.45 -2.30 10.93
CA GLY B 458 14.60 -3.56 11.63
C GLY B 458 13.87 -3.65 12.97
N HIS B 459 12.54 -3.42 12.92
CA HIS B 459 11.69 -3.52 14.11
C HIS B 459 11.10 -4.91 13.94
N PRO B 460 11.20 -5.90 14.81
CA PRO B 460 10.65 -7.24 14.58
C PRO B 460 9.16 -7.57 14.64
N VAL B 461 8.32 -6.86 13.85
CA VAL B 461 6.86 -7.02 13.91
C VAL B 461 6.42 -8.31 13.27
N ILE B 462 5.46 -9.00 13.85
CA ILE B 462 5.01 -10.21 13.20
C ILE B 462 3.67 -9.96 12.48
N TRP B 463 3.47 -10.16 11.18
CA TRP B 463 2.13 -10.10 10.60
C TRP B 463 1.59 -11.51 10.52
N VAL B 464 0.36 -11.75 10.96
CA VAL B 464 -0.20 -13.09 10.85
C VAL B 464 -1.16 -12.88 9.67
N ALA B 465 -0.59 -13.09 8.47
CA ALA B 465 -1.29 -12.95 7.21
C ALA B 465 -2.07 -14.25 6.84
N THR B 466 -3.33 -14.38 7.23
CA THR B 466 -4.10 -15.59 6.97
C THR B 466 -4.59 -15.63 5.55
N HIS B 467 -5.16 -16.76 5.12
CA HIS B 467 -5.77 -16.88 3.81
C HIS B 467 -4.84 -16.53 2.64
N ASP B 468 -3.84 -17.39 2.55
CA ASP B 468 -2.74 -17.25 1.60
C ASP B 468 -2.88 -17.54 0.11
N SER B 469 -3.91 -18.18 -0.47
CA SER B 469 -3.88 -18.59 -1.88
C SER B 469 -5.25 -18.72 -2.54
N ILE B 470 -5.34 -19.34 -3.73
CA ILE B 470 -6.61 -19.70 -4.36
C ILE B 470 -7.42 -20.61 -3.42
N GLY B 471 -6.84 -21.16 -2.35
CA GLY B 471 -7.53 -21.91 -1.30
C GLY B 471 -8.53 -21.03 -0.53
N VAL B 472 -8.47 -19.69 -0.68
CA VAL B 472 -9.48 -18.76 -0.16
C VAL B 472 -10.82 -19.04 -0.84
N GLY B 473 -10.85 -19.74 -1.97
CA GLY B 473 -12.04 -20.19 -2.67
C GLY B 473 -12.98 -19.15 -3.29
N GLU B 474 -14.21 -19.21 -2.80
CA GLU B 474 -15.33 -18.48 -3.36
C GLU B 474 -15.22 -16.98 -3.32
N ASP B 475 -14.40 -16.33 -2.47
CA ASP B 475 -14.33 -14.87 -2.54
C ASP B 475 -13.63 -14.36 -3.80
N GLY B 476 -12.87 -15.26 -4.43
CA GLY B 476 -12.31 -15.01 -5.74
C GLY B 476 -11.17 -14.02 -5.83
N PRO B 477 -10.79 -13.63 -7.05
CA PRO B 477 -9.55 -12.91 -7.36
C PRO B 477 -9.20 -11.66 -6.57
N THR B 478 -10.14 -11.02 -5.88
CA THR B 478 -9.88 -9.79 -5.16
C THR B 478 -9.29 -10.09 -3.76
N HIS B 479 -9.48 -11.34 -3.32
CA HIS B 479 -9.00 -11.80 -2.03
C HIS B 479 -7.90 -12.81 -2.12
N GLN B 480 -7.75 -13.52 -3.23
CA GLN B 480 -6.71 -14.52 -3.43
C GLN B 480 -5.40 -13.89 -3.87
N PRO B 481 -4.33 -13.99 -3.09
CA PRO B 481 -3.06 -13.34 -3.32
C PRO B 481 -2.36 -14.01 -4.48
N ILE B 482 -1.74 -13.23 -5.37
CA ILE B 482 -0.97 -13.83 -6.45
C ILE B 482 0.43 -13.34 -6.39
N GLU B 483 0.66 -12.06 -6.16
CA GLU B 483 2.00 -11.51 -6.24
C GLU B 483 2.68 -11.18 -4.92
N THR B 484 1.95 -11.18 -3.77
CA THR B 484 2.41 -10.78 -2.45
C THR B 484 3.71 -11.34 -1.88
N LEU B 485 3.85 -12.67 -1.87
CA LEU B 485 5.07 -13.27 -1.34
C LEU B 485 6.18 -12.90 -2.26
N ALA B 486 6.02 -12.88 -3.58
CA ALA B 486 7.11 -12.44 -4.46
C ALA B 486 7.51 -10.99 -4.14
N HIS B 487 6.56 -10.09 -3.85
CA HIS B 487 6.89 -8.75 -3.43
C HIS B 487 7.72 -8.80 -2.12
N PHE B 488 7.24 -9.50 -1.07
CA PHE B 488 7.97 -9.43 0.17
C PHE B 488 9.27 -10.21 0.12
N ARG B 489 9.36 -11.20 -0.74
CA ARG B 489 10.61 -11.91 -0.94
C ARG B 489 11.58 -10.97 -1.66
N SER B 490 11.17 -9.91 -2.34
CA SER B 490 12.09 -9.01 -3.00
C SER B 490 12.51 -7.84 -2.12
N LEU B 491 11.88 -7.71 -0.97
CA LEU B 491 12.20 -6.62 -0.08
C LEU B 491 13.29 -7.11 0.87
N PRO B 492 14.38 -6.36 1.05
CA PRO B 492 15.44 -6.77 1.95
C PRO B 492 14.92 -6.88 3.37
N ASN B 493 15.40 -7.85 4.14
CA ASN B 493 15.20 -7.96 5.56
C ASN B 493 13.79 -8.24 6.06
N ILE B 494 13.11 -9.31 5.65
CA ILE B 494 11.83 -9.68 6.25
C ILE B 494 11.69 -11.19 6.09
N GLN B 495 11.22 -11.89 7.08
CA GLN B 495 11.03 -13.33 6.98
C GLN B 495 9.62 -13.56 6.43
N VAL B 496 9.46 -14.24 5.32
CA VAL B 496 8.15 -14.54 4.79
C VAL B 496 8.01 -16.06 4.92
N TRP B 497 7.42 -16.42 6.04
CA TRP B 497 7.22 -17.79 6.44
C TRP B 497 5.95 -18.31 5.85
N ARG B 498 5.92 -19.40 5.10
CA ARG B 498 4.69 -20.00 4.61
C ARG B 498 4.71 -21.45 5.10
N PRO B 499 4.47 -21.77 6.37
CA PRO B 499 4.55 -23.10 6.95
C PRO B 499 3.46 -24.05 6.55
N ALA B 500 3.95 -25.26 6.37
CA ALA B 500 3.15 -26.37 5.90
C ALA B 500 2.37 -27.13 6.94
N ASP B 501 2.82 -27.13 8.19
CA ASP B 501 2.10 -27.87 9.23
C ASP B 501 2.40 -27.37 10.67
N GLY B 502 1.90 -28.08 11.69
CA GLY B 502 1.97 -27.68 13.07
C GLY B 502 3.36 -27.32 13.49
N ASN B 503 4.27 -28.24 13.19
CA ASN B 503 5.69 -28.09 13.49
C ASN B 503 6.27 -26.98 12.68
N GLU B 504 5.89 -26.80 11.42
CA GLU B 504 6.40 -25.67 10.66
C GLU B 504 5.83 -24.33 11.14
N VAL B 505 4.68 -24.33 11.82
CA VAL B 505 4.12 -23.11 12.39
C VAL B 505 4.93 -22.85 13.66
N SER B 506 5.13 -23.80 14.59
CA SER B 506 5.96 -23.57 15.76
C SER B 506 7.32 -22.99 15.40
N ALA B 507 7.90 -23.47 14.30
CA ALA B 507 9.18 -23.05 13.73
C ALA B 507 9.17 -21.60 13.27
N ALA B 508 8.10 -21.22 12.58
CA ALA B 508 7.88 -19.85 12.17
C ALA B 508 7.85 -18.99 13.43
N TYR B 509 6.96 -19.27 14.37
CA TYR B 509 6.88 -18.46 15.58
C TYR B 509 8.19 -18.40 16.34
N LYS B 510 8.87 -19.49 16.66
CA LYS B 510 10.15 -19.49 17.38
C LYS B 510 11.12 -18.48 16.77
N ASN B 511 11.36 -18.61 15.48
CA ASN B 511 12.21 -17.71 14.71
C ASN B 511 11.73 -16.26 14.70
N SER B 512 10.43 -16.04 14.43
CA SER B 512 9.85 -14.70 14.42
C SER B 512 10.09 -13.97 15.76
N LEU B 513 9.76 -14.64 16.87
CA LEU B 513 9.83 -14.09 18.20
C LEU B 513 11.24 -13.97 18.64
N GLU B 514 12.16 -14.87 18.36
CA GLU B 514 13.48 -14.61 18.87
C GLU B 514 14.15 -13.46 18.14
N SER B 515 13.64 -13.08 16.95
CA SER B 515 14.24 -12.05 16.14
C SER B 515 14.26 -10.68 16.82
N LYS B 516 15.45 -10.10 16.88
CA LYS B 516 15.61 -8.77 17.38
C LYS B 516 15.58 -7.72 16.26
N HIS B 517 15.81 -8.05 15.00
CA HIS B 517 15.95 -7.01 14.00
C HIS B 517 15.23 -7.26 12.69
N THR B 518 14.51 -8.34 12.42
CA THR B 518 13.99 -8.54 11.08
C THR B 518 12.52 -8.84 11.27
N PRO B 519 11.61 -8.09 10.67
CA PRO B 519 10.19 -8.41 10.67
C PRO B 519 9.87 -9.80 10.13
N SER B 520 8.59 -10.14 10.10
CA SER B 520 8.14 -11.45 9.71
C SER B 520 6.70 -11.38 9.21
N ILE B 521 6.33 -12.33 8.38
CA ILE B 521 5.00 -12.44 7.82
C ILE B 521 4.77 -13.93 7.80
N ILE B 522 3.73 -14.44 8.41
CA ILE B 522 3.48 -15.86 8.39
C ILE B 522 2.22 -15.99 7.55
N ALA B 523 2.28 -16.57 6.35
CA ALA B 523 1.15 -16.75 5.48
C ALA B 523 0.43 -18.05 5.84
N LEU B 524 -0.75 -17.96 6.43
CA LEU B 524 -1.52 -19.11 6.88
C LEU B 524 -2.65 -19.59 5.95
N SER B 525 -3.08 -20.86 5.99
CA SER B 525 -4.10 -21.34 5.08
C SER B 525 -5.54 -21.20 5.58
N ARG B 526 -6.49 -21.52 4.73
CA ARG B 526 -7.90 -21.50 5.09
C ARG B 526 -8.28 -22.95 5.30
N GLN B 527 -8.02 -23.73 4.23
CA GLN B 527 -8.21 -25.17 4.13
C GLN B 527 -7.26 -25.98 5.04
N ASN B 528 -7.60 -27.25 5.30
CA ASN B 528 -6.89 -28.10 6.25
C ASN B 528 -5.85 -28.87 5.51
N LEU B 529 -4.64 -28.75 6.04
CA LEU B 529 -3.47 -29.44 5.53
C LEU B 529 -3.23 -30.58 6.51
N PRO B 530 -2.55 -31.73 6.30
CA PRO B 530 -2.27 -32.70 7.35
C PRO B 530 -0.90 -32.56 7.98
N GLN B 531 -0.56 -33.45 8.92
CA GLN B 531 0.71 -33.33 9.58
C GLN B 531 1.75 -34.19 8.84
N LEU B 532 2.63 -33.48 8.13
CA LEU B 532 3.72 -34.04 7.34
C LEU B 532 4.63 -34.91 8.14
N GLU B 533 4.76 -36.15 7.69
CA GLU B 533 5.71 -37.04 8.29
C GLU B 533 7.08 -36.52 7.87
N GLY B 534 7.99 -36.21 8.78
CA GLY B 534 9.28 -35.73 8.36
C GLY B 534 9.46 -34.28 8.77
N SER B 535 8.42 -33.55 9.15
CA SER B 535 8.68 -32.19 9.61
C SER B 535 9.23 -32.27 11.03
N SER B 536 9.83 -31.18 11.51
CA SER B 536 10.25 -31.06 12.88
C SER B 536 10.48 -29.57 13.10
N ILE B 537 10.39 -29.08 14.36
CA ILE B 537 10.64 -27.67 14.65
C ILE B 537 12.04 -27.29 14.19
N GLU B 538 12.95 -28.20 14.50
CA GLU B 538 14.37 -28.04 14.31
C GLU B 538 14.80 -27.91 12.87
N SER B 539 14.31 -28.78 12.02
CA SER B 539 14.64 -28.71 10.61
C SER B 539 13.95 -27.47 10.05
N ALA B 540 12.68 -27.22 10.41
CA ALA B 540 11.91 -26.13 9.86
C ALA B 540 12.51 -24.78 10.18
N SER B 541 13.15 -24.69 11.33
CA SER B 541 13.90 -23.54 11.74
C SER B 541 15.07 -23.20 10.80
N LYS B 542 15.51 -24.00 9.83
CA LYS B 542 16.67 -23.59 9.04
C LYS B 542 16.20 -22.85 7.80
N GLY B 543 14.90 -22.83 7.48
CA GLY B 543 14.46 -22.09 6.33
C GLY B 543 14.02 -23.05 5.26
N GLY B 544 14.85 -24.01 4.93
CA GLY B 544 14.46 -25.04 3.98
C GLY B 544 15.08 -26.35 4.40
N TYR B 545 14.40 -27.46 4.31
CA TYR B 545 15.01 -28.69 4.68
C TYR B 545 14.53 -29.76 3.72
N VAL B 546 15.08 -30.96 3.85
CA VAL B 546 14.70 -32.10 3.03
C VAL B 546 13.64 -32.87 3.82
N LEU B 547 12.39 -32.90 3.36
CA LEU B 547 11.35 -33.58 4.10
C LEU B 547 11.46 -35.08 3.89
N GLN B 548 11.58 -35.50 2.62
CA GLN B 548 11.74 -36.90 2.23
C GLN B 548 12.92 -36.89 1.34
N ASP B 549 13.72 -37.95 1.37
CA ASP B 549 14.97 -38.04 0.63
C ASP B 549 15.07 -39.42 0.05
N VAL B 550 15.80 -39.53 -1.03
CA VAL B 550 15.96 -40.80 -1.73
C VAL B 550 17.39 -40.89 -2.07
N ALA B 551 17.90 -42.10 -2.11
CA ALA B 551 19.26 -42.24 -2.62
C ALA B 551 19.06 -42.16 -4.13
N ASN B 552 19.74 -41.17 -4.69
CA ASN B 552 19.74 -40.86 -6.13
C ASN B 552 18.38 -40.54 -6.73
N PRO B 553 17.88 -39.35 -6.40
CA PRO B 553 16.60 -38.81 -6.88
C PRO B 553 16.66 -38.44 -8.34
N ASP B 554 15.61 -38.66 -9.10
CA ASP B 554 15.56 -38.20 -10.47
C ASP B 554 15.15 -36.73 -10.55
N ILE B 555 14.52 -36.23 -9.49
CA ILE B 555 14.02 -34.88 -9.47
C ILE B 555 14.01 -34.51 -8.01
N ILE B 556 14.14 -33.21 -7.78
CA ILE B 556 13.88 -32.60 -6.48
C ILE B 556 12.61 -31.73 -6.64
N LEU B 557 11.64 -31.81 -5.74
CA LEU B 557 10.42 -31.01 -5.83
C LEU B 557 10.53 -30.06 -4.67
N VAL B 558 10.67 -28.74 -4.88
CA VAL B 558 10.78 -27.79 -3.76
C VAL B 558 9.37 -27.28 -3.58
N ALA B 559 8.87 -27.09 -2.37
CA ALA B 559 7.50 -26.66 -2.22
C ALA B 559 7.26 -25.86 -0.94
N THR B 560 6.21 -25.07 -0.81
CA THR B 560 5.94 -24.34 0.41
C THR B 560 4.48 -24.64 0.79
N GLY B 561 4.11 -24.40 2.05
CA GLY B 561 2.75 -24.53 2.57
C GLY B 561 1.87 -25.72 2.13
N SER B 562 0.63 -25.42 1.74
CA SER B 562 -0.25 -26.41 1.18
C SER B 562 0.36 -27.29 0.08
N GLU B 563 1.34 -26.78 -0.67
CA GLU B 563 1.95 -27.52 -1.75
C GLU B 563 2.93 -28.60 -1.38
N VAL B 564 3.45 -28.59 -0.16
CA VAL B 564 4.36 -29.62 0.29
C VAL B 564 3.57 -30.92 0.50
N SER B 565 2.33 -31.00 1.01
CA SER B 565 1.72 -32.30 1.15
C SER B 565 1.33 -32.84 -0.25
N LEU B 566 0.81 -31.96 -1.13
CA LEU B 566 0.59 -32.23 -2.55
C LEU B 566 1.85 -32.83 -3.16
N SER B 567 3.00 -32.14 -3.10
CA SER B 567 4.28 -32.61 -3.62
C SER B 567 4.70 -33.92 -3.00
N VAL B 568 4.40 -34.17 -1.73
CA VAL B 568 4.63 -35.48 -1.15
C VAL B 568 3.71 -36.51 -1.82
N GLU B 569 2.47 -36.21 -2.17
CA GLU B 569 1.59 -37.15 -2.85
C GLU B 569 2.07 -37.27 -4.29
N ALA B 570 2.60 -36.22 -4.91
CA ALA B 570 3.06 -36.30 -6.31
C ALA B 570 4.21 -37.27 -6.33
N ALA B 571 5.10 -37.17 -5.35
CA ALA B 571 6.20 -38.11 -5.19
C ALA B 571 5.62 -39.50 -5.01
N LYS B 572 4.51 -39.72 -4.32
CA LYS B 572 3.99 -41.07 -4.15
C LYS B 572 3.53 -41.62 -5.49
N THR B 573 2.99 -40.76 -6.35
CA THR B 573 2.56 -41.23 -7.65
C THR B 573 3.77 -41.48 -8.50
N LEU B 574 4.79 -40.60 -8.53
CA LEU B 574 5.99 -40.77 -9.37
C LEU B 574 6.73 -42.04 -9.07
N ALA B 575 6.87 -42.39 -7.80
CA ALA B 575 7.55 -43.61 -7.38
C ALA B 575 6.90 -44.85 -7.94
N ALA B 576 5.59 -44.80 -8.00
CA ALA B 576 4.78 -45.91 -8.47
C ALA B 576 5.13 -46.25 -9.88
N LYS B 577 5.61 -45.29 -10.66
CA LYS B 577 6.11 -45.55 -12.00
C LYS B 577 7.57 -45.10 -12.00
N ASN B 578 8.24 -45.56 -10.95
CA ASN B 578 9.64 -45.36 -10.60
C ASN B 578 10.52 -44.16 -10.90
N ILE B 579 10.00 -42.94 -10.71
CA ILE B 579 10.82 -41.74 -10.78
C ILE B 579 10.98 -41.36 -9.34
N LYS B 580 12.21 -41.14 -8.89
CA LYS B 580 12.52 -40.78 -7.53
C LYS B 580 12.63 -39.29 -7.26
N ALA B 581 11.75 -38.86 -6.37
CA ALA B 581 11.72 -37.49 -5.96
C ALA B 581 12.17 -37.41 -4.50
N ARG B 582 12.95 -36.37 -4.30
CA ARG B 582 13.30 -35.91 -2.97
C ARG B 582 12.40 -34.68 -2.94
N VAL B 583 11.76 -34.44 -1.80
CA VAL B 583 10.81 -33.36 -1.61
C VAL B 583 11.47 -32.49 -0.56
N VAL B 584 11.71 -31.24 -0.90
CA VAL B 584 12.33 -30.27 -0.03
C VAL B 584 11.26 -29.28 0.34
N SER B 585 11.17 -28.98 1.62
CA SER B 585 10.18 -28.07 2.11
C SER B 585 10.93 -26.79 2.43
N LEU B 586 10.50 -25.68 1.83
CA LEU B 586 11.19 -24.43 1.99
C LEU B 586 10.32 -23.35 2.68
N PRO B 587 9.99 -23.39 3.99
CA PRO B 587 9.08 -22.44 4.63
C PRO B 587 9.57 -21.00 4.70
N ASP B 588 10.87 -20.67 4.67
CA ASP B 588 11.26 -19.27 4.57
C ASP B 588 12.51 -19.01 3.71
N PHE B 589 12.34 -18.28 2.59
CA PHE B 589 13.46 -17.94 1.75
C PHE B 589 14.55 -17.22 2.56
N PHE B 590 14.25 -16.37 3.55
CA PHE B 590 15.23 -15.57 4.27
C PHE B 590 16.25 -16.33 5.13
N THR B 591 15.61 -17.11 6.01
CA THR B 591 16.26 -17.98 6.97
C THR B 591 17.05 -19.00 6.19
N PHE B 592 16.46 -19.60 5.14
CA PHE B 592 17.16 -20.56 4.35
C PHE B 592 18.38 -19.89 3.75
N ASP B 593 18.24 -18.76 3.10
CA ASP B 593 19.38 -18.01 2.61
C ASP B 593 20.43 -17.65 3.66
N LYS B 594 20.03 -17.49 4.91
CA LYS B 594 21.00 -17.18 5.94
C LYS B 594 21.82 -18.38 6.35
N GLN B 595 21.49 -19.58 5.87
CA GLN B 595 22.22 -20.77 6.25
C GLN B 595 23.62 -20.85 5.64
N PRO B 596 24.56 -21.60 6.21
CA PRO B 596 25.82 -21.90 5.57
C PRO B 596 25.59 -22.67 4.28
N LEU B 597 26.15 -22.08 3.21
CA LEU B 597 26.03 -22.55 1.84
C LEU B 597 26.28 -24.03 1.74
N GLU B 598 27.22 -24.60 2.48
CA GLU B 598 27.40 -26.06 2.51
C GLU B 598 26.05 -26.70 2.88
N TYR B 599 25.30 -26.21 3.88
CA TYR B 599 23.96 -26.71 4.13
C TYR B 599 23.11 -26.38 2.91
N ARG B 600 23.11 -25.16 2.38
CA ARG B 600 22.18 -24.89 1.28
C ARG B 600 22.43 -25.78 0.07
N LEU B 601 23.60 -25.82 -0.51
CA LEU B 601 23.90 -26.73 -1.60
C LEU B 601 23.71 -28.18 -1.20
N SER B 602 23.56 -28.56 0.09
CA SER B 602 23.25 -29.94 0.33
C SER B 602 21.75 -30.18 0.13
N VAL B 603 20.93 -29.14 0.33
CA VAL B 603 19.50 -29.20 0.14
C VAL B 603 19.26 -29.14 -1.38
N LEU B 604 19.86 -28.21 -2.13
CA LEU B 604 19.58 -28.17 -3.56
C LEU B 604 20.91 -28.27 -4.28
N PRO B 605 21.36 -29.45 -4.64
CA PRO B 605 22.64 -29.66 -5.32
C PRO B 605 22.74 -29.52 -6.81
N ASP B 606 23.85 -29.95 -7.39
CA ASP B 606 23.96 -29.99 -8.82
C ASP B 606 23.63 -31.41 -9.22
N ASN B 607 23.34 -31.47 -10.51
CA ASN B 607 23.05 -32.67 -11.24
C ASN B 607 21.70 -33.23 -10.87
N VAL B 608 20.68 -32.45 -10.47
CA VAL B 608 19.31 -32.96 -10.34
C VAL B 608 18.51 -31.83 -10.95
N PRO B 609 17.45 -32.04 -11.74
CA PRO B 609 16.45 -31.00 -12.01
C PRO B 609 15.72 -30.70 -10.73
N ILE B 610 15.42 -29.43 -10.51
CA ILE B 610 14.67 -29.08 -9.31
C ILE B 610 13.48 -28.35 -9.90
N MET B 611 12.26 -28.68 -9.50
CA MET B 611 11.06 -28.04 -9.95
C MET B 611 10.38 -27.56 -8.65
N SER B 612 9.82 -26.35 -8.58
CA SER B 612 9.20 -25.86 -7.38
C SER B 612 7.69 -25.86 -7.47
N VAL B 613 6.90 -26.24 -6.46
CA VAL B 613 5.45 -26.24 -6.50
C VAL B 613 4.92 -25.20 -5.52
N GLU B 614 4.24 -24.14 -5.97
CA GLU B 614 3.60 -23.15 -5.08
C GLU B 614 2.44 -22.45 -5.82
N VAL B 615 1.20 -22.42 -5.28
CA VAL B 615 0.08 -21.82 -6.01
C VAL B 615 0.04 -20.30 -6.03
N LEU B 616 1.13 -19.71 -6.48
CA LEU B 616 1.34 -18.28 -6.50
C LEU B 616 2.33 -17.94 -7.65
N ALA B 617 2.84 -16.71 -7.78
CA ALA B 617 3.72 -16.26 -8.87
C ALA B 617 4.97 -17.09 -9.03
N THR B 618 5.48 -17.25 -10.27
CA THR B 618 6.68 -18.06 -10.47
C THR B 618 7.93 -17.21 -10.46
N THR B 619 7.73 -15.94 -10.76
CA THR B 619 8.78 -14.97 -10.87
C THR B 619 9.77 -14.96 -9.73
N CYS B 620 9.47 -15.32 -8.48
CA CYS B 620 10.51 -15.29 -7.46
C CYS B 620 11.49 -16.47 -7.42
N TRP B 621 10.99 -17.59 -7.95
CA TRP B 621 11.61 -18.89 -7.80
C TRP B 621 12.83 -19.21 -8.64
N GLY B 622 13.32 -18.24 -9.39
CA GLY B 622 14.54 -18.49 -10.11
C GLY B 622 15.70 -18.89 -9.18
N LYS B 623 15.79 -18.50 -7.92
CA LYS B 623 16.98 -18.82 -7.14
C LYS B 623 17.13 -20.19 -6.52
N TYR B 624 16.14 -21.06 -6.70
CA TYR B 624 16.22 -22.41 -6.17
C TYR B 624 15.85 -23.52 -7.12
N ALA B 625 14.99 -23.25 -8.11
CA ALA B 625 14.43 -24.25 -8.98
C ALA B 625 14.87 -24.06 -10.41
N HIS B 626 15.00 -25.23 -11.09
CA HIS B 626 15.32 -25.30 -12.52
C HIS B 626 14.02 -25.01 -13.27
N GLN B 627 12.86 -25.59 -12.87
CA GLN B 627 11.56 -25.27 -13.47
C GLN B 627 10.54 -24.98 -12.36
N SER B 628 9.57 -24.08 -12.50
CA SER B 628 8.61 -23.78 -11.46
C SER B 628 7.17 -24.01 -11.90
N PHE B 629 6.34 -24.72 -11.14
CA PHE B 629 4.96 -24.84 -11.49
C PHE B 629 4.30 -23.85 -10.52
N GLY B 630 3.42 -22.90 -10.89
CA GLY B 630 2.83 -21.91 -10.01
C GLY B 630 1.65 -21.21 -10.66
N ILE B 631 1.07 -20.06 -10.22
CA ILE B 631 -0.01 -19.37 -10.94
C ILE B 631 0.41 -17.96 -11.25
N ASP B 632 0.51 -17.58 -12.51
CA ASP B 632 0.84 -16.22 -12.86
C ASP B 632 -0.33 -15.51 -13.55
N ARG B 633 -1.52 -15.66 -13.00
CA ARG B 633 -2.69 -15.00 -13.53
C ARG B 633 -3.60 -14.91 -12.31
N PHE B 634 -4.65 -14.08 -12.32
CA PHE B 634 -5.45 -13.96 -11.12
C PHE B 634 -6.26 -15.23 -10.85
N GLY B 635 -6.94 -15.33 -9.72
CA GLY B 635 -7.53 -16.59 -9.33
C GLY B 635 -8.90 -16.72 -9.88
N ALA B 636 -9.71 -17.34 -9.04
CA ALA B 636 -11.06 -17.68 -9.46
C ALA B 636 -12.03 -17.90 -8.31
N SER B 637 -13.27 -17.50 -8.51
CA SER B 637 -14.32 -17.67 -7.51
C SER B 637 -14.92 -19.05 -7.80
N GLY B 638 -14.82 -19.96 -6.84
CA GLY B 638 -15.33 -21.31 -6.99
C GLY B 638 -15.03 -22.05 -5.74
N LYS B 639 -15.44 -23.28 -5.49
CA LYS B 639 -15.09 -23.92 -4.24
C LYS B 639 -13.60 -24.23 -4.39
N ALA B 640 -12.75 -24.02 -3.35
CA ALA B 640 -11.31 -24.17 -3.47
C ALA B 640 -10.69 -25.44 -4.08
N PRO B 641 -11.17 -26.66 -3.78
CA PRO B 641 -10.80 -27.88 -4.50
C PRO B 641 -10.97 -27.65 -6.01
N GLU B 642 -12.20 -27.41 -6.49
CA GLU B 642 -12.50 -27.12 -7.88
C GLU B 642 -11.52 -26.08 -8.49
N VAL B 643 -11.16 -25.02 -7.74
CA VAL B 643 -10.20 -23.98 -8.16
C VAL B 643 -8.79 -24.58 -8.21
N PHE B 644 -8.28 -25.39 -7.25
CA PHE B 644 -6.91 -25.95 -7.33
C PHE B 644 -6.74 -26.83 -8.56
N LYS B 645 -7.72 -27.74 -8.69
CA LYS B 645 -7.95 -28.59 -9.84
C LYS B 645 -7.96 -27.88 -11.18
N PHE B 646 -8.73 -26.80 -11.27
CA PHE B 646 -8.82 -25.99 -12.46
C PHE B 646 -7.44 -25.54 -12.87
N PHE B 647 -6.68 -25.06 -11.89
CA PHE B 647 -5.36 -24.52 -12.08
C PHE B 647 -4.33 -25.61 -12.38
N GLY B 648 -4.61 -26.86 -12.01
CA GLY B 648 -3.73 -27.98 -12.35
C GLY B 648 -3.06 -28.57 -11.15
N PHE B 649 -3.34 -28.09 -9.95
CA PHE B 649 -2.59 -28.51 -8.78
C PHE B 649 -3.18 -29.71 -8.10
N THR B 650 -3.01 -30.83 -8.78
CA THR B 650 -3.49 -32.11 -8.32
C THR B 650 -2.25 -33.02 -8.31
N PRO B 651 -2.17 -34.08 -7.50
CA PRO B 651 -1.05 -35.00 -7.39
C PRO B 651 -0.48 -35.42 -8.72
N GLU B 652 -1.43 -35.88 -9.52
CA GLU B 652 -1.13 -36.29 -10.87
C GLU B 652 -0.67 -35.14 -11.74
N GLY B 653 -1.26 -33.96 -11.59
CA GLY B 653 -0.92 -32.80 -12.41
C GLY B 653 0.50 -32.41 -12.15
N VAL B 654 0.96 -32.59 -10.89
CA VAL B 654 2.33 -32.29 -10.43
C VAL B 654 3.27 -33.40 -10.91
N ALA B 655 2.90 -34.67 -10.72
CA ALA B 655 3.70 -35.80 -11.16
C ALA B 655 4.07 -35.61 -12.63
N GLU B 656 3.04 -35.25 -13.40
CA GLU B 656 3.16 -35.00 -14.82
C GLU B 656 4.17 -33.92 -15.19
N ARG B 657 4.24 -32.82 -14.46
CA ARG B 657 5.24 -31.81 -14.81
C ARG B 657 6.62 -32.23 -14.40
N ALA B 658 6.74 -33.04 -13.36
CA ALA B 658 8.05 -33.53 -12.96
C ALA B 658 8.60 -34.44 -14.08
N GLN B 659 7.72 -35.34 -14.58
CA GLN B 659 8.01 -36.25 -15.67
C GLN B 659 8.47 -35.48 -16.85
N LYS B 660 7.73 -34.43 -17.23
CA LYS B 660 8.20 -33.55 -18.32
C LYS B 660 9.51 -32.76 -17.96
N THR B 661 9.83 -32.39 -16.72
CA THR B 661 11.09 -31.72 -16.41
C THR B 661 12.27 -32.71 -16.50
N ILE B 662 12.07 -33.95 -16.04
CA ILE B 662 13.05 -35.03 -16.20
C ILE B 662 13.32 -35.25 -17.70
N ALA B 663 12.31 -35.40 -18.55
CA ALA B 663 12.60 -35.62 -19.97
C ALA B 663 13.31 -34.43 -20.62
N PHE B 664 12.97 -33.21 -20.25
CA PHE B 664 13.53 -32.02 -20.86
C PHE B 664 15.01 -31.86 -20.59
N TYR B 665 15.39 -32.30 -19.41
CA TYR B 665 16.78 -32.19 -19.03
C TYR B 665 17.59 -33.46 -19.25
N LYS B 666 16.95 -34.60 -19.55
CA LYS B 666 17.63 -35.88 -19.55
C LYS B 666 18.77 -35.77 -20.53
N GLY B 667 19.98 -35.76 -20.00
CA GLY B 667 21.14 -35.70 -20.87
C GLY B 667 21.97 -34.43 -20.75
N ASP B 668 21.50 -33.43 -20.01
CA ASP B 668 22.31 -32.23 -19.81
C ASP B 668 22.92 -32.36 -18.42
N LYS B 669 24.03 -31.73 -18.08
CA LYS B 669 24.55 -31.90 -16.72
C LYS B 669 24.02 -30.67 -16.04
N LEU B 670 23.44 -30.80 -14.84
CA LEU B 670 22.82 -29.63 -14.23
C LEU B 670 23.52 -28.97 -13.04
N ILE B 671 23.36 -27.67 -12.86
CA ILE B 671 24.00 -26.97 -11.75
C ILE B 671 22.90 -26.52 -10.79
N SER B 672 23.19 -26.48 -9.51
CA SER B 672 22.26 -25.95 -8.52
C SER B 672 22.03 -24.46 -8.88
N PRO B 673 20.78 -23.97 -8.89
CA PRO B 673 20.48 -22.54 -9.01
C PRO B 673 21.23 -21.69 -8.00
N LEU B 674 21.62 -22.26 -6.85
CA LEU B 674 22.37 -21.55 -5.81
C LEU B 674 23.76 -21.04 -6.13
N LYS B 675 24.51 -21.68 -7.03
CA LYS B 675 25.89 -21.33 -7.34
C LYS B 675 25.89 -20.06 -8.17
N LYS B 676 26.48 -19.04 -7.59
CA LYS B 676 26.57 -17.75 -8.23
C LYS B 676 27.99 -17.51 -8.72
N ALA B 677 28.11 -16.78 -9.82
CA ALA B 677 29.35 -16.57 -10.52
C ALA B 677 30.14 -15.42 -9.97
N PHE B 678 29.60 -14.42 -9.29
CA PHE B 678 30.42 -13.33 -8.74
C PHE B 678 29.88 -12.86 -7.41
CA CA C . -21.37 -2.12 9.06
N1' M6T D . -9.51 -5.28 4.16
C2' M6T D . -9.89 -4.82 2.96
CM2 M6T D . -9.12 -3.71 2.39
N3' M6T D . -10.81 -5.43 2.26
C4' M6T D . -11.56 -6.39 2.86
N4' M6T D . -12.50 -6.92 2.13
C5' M6T D . -11.26 -6.85 4.16
C6' M6T D . -10.17 -6.30 4.75
C7' M6T D . -11.99 -8.03 4.79
N3 M6T D . -13.39 -7.62 5.14
C2 M6T D . -14.46 -8.00 4.43
S1 M6T D . -15.91 -7.41 5.07
C5 M6T D . -14.99 -6.50 6.20
C4 M6T D . -13.71 -6.96 6.25
CM4 M6T D . -12.70 -6.65 7.30
CM6 M6T D . -9.58 -6.87 5.98
C6 M6T D . -15.64 -5.56 7.17
C7 M6T D . -17.13 -5.43 6.95
O7 M6T D . -17.62 -4.33 7.72
PA M6T D . -18.72 -3.43 7.08
O1A M6T D . -18.22 -2.53 6.01
O2A M6T D . -19.34 -2.69 8.23
O3A M6T D . -19.89 -4.32 6.47
PB M6T D . -21.27 -4.87 7.02
O1B M6T D . -21.81 -3.65 7.70
O2B M6T D . -20.79 -5.87 7.97
O3B M6T D . -22.05 -5.41 5.92
CA CA E . 3.90 22.79 4.95
N1' M6T F . 4.88 10.62 -0.45
C2' M6T F . 5.21 10.19 0.77
CM2 M6T F . 4.44 9.07 1.30
N3' M6T F . 6.29 10.60 1.41
C4' M6T F . 7.04 11.58 0.85
N4' M6T F . 8.11 11.91 1.52
C5' M6T F . 6.63 12.20 -0.40
C6' M6T F . 5.57 11.63 -1.03
C7' M6T F . 7.44 13.28 -1.09
N3 M6T F . 7.42 14.52 -0.27
C2 M6T F . 8.40 14.87 0.59
S1 M6T F . 8.06 16.31 1.38
C5 M6T F . 6.56 16.43 0.55
C4 M6T F . 6.46 15.43 -0.40
CM4 M6T F . 5.40 15.31 -1.46
CM6 M6T F . 5.20 12.00 -2.44
C6 M6T F . 5.66 17.60 0.73
C7 M6T F . 5.57 17.78 2.17
O7 M6T F . 4.84 18.99 2.37
PA M6T F . 4.72 19.38 3.90
O1A M6T F . 4.54 18.24 4.83
O2A M6T F . 3.63 20.40 3.96
O3A M6T F . 6.08 20.19 4.32
PB M6T F . 6.52 21.67 4.70
O1B M6T F . 7.81 21.49 5.33
O2B M6T F . 5.39 22.22 5.48
O3B M6T F . 6.57 22.43 3.46
#